data_3O8N
#
_entry.id   3O8N
#
_cell.length_a   163.292
_cell.length_b   163.292
_cell.length_c   356.939
_cell.angle_alpha   90.00
_cell.angle_beta   90.00
_cell.angle_gamma   120.00
#
_symmetry.space_group_name_H-M   'P 61 2 2'
#
loop_
_entity.id
_entity.type
_entity.pdbx_description
1 polymer '6-phosphofructokinase, muscle type'
2 non-polymer "ADENOSINE-5'-DIPHOSPHATE"
3 non-polymer 'PHOSPHATE ION'
#
_entity_poly.entity_id   1
_entity_poly.type   'polypeptide(L)'
_entity_poly.pdbx_seq_one_letter_code
;MTHEEHHAARTLGVGKAIAVLTSGGDAQGMNAAVRAVVRVGIFTGARVFFVHEGYQGLVDGGDHIREATWESVSMMLQLG
GTVIGSARCKDFREREGRLRAAHNLVKRGITNLCVIGGDGSLTGADTFRSEWSDLLSDLQKAGKITAEEATRSSYLNIVG
LVGSIDNDFCGTDMTIGTDSALHRITEIVDAITTTAQSHQRTFVLEVMGRHCGYLALVTSLSCGADWVFIPECPPDDNWE
DHLCRRLSETRTRGSRLNIIIVAEGAIDRNGKPITSEGVKDLVVRRLGYDTRVTVLGHVQRGGTPSAFDRILGSRMGVEA
VMALLEGTPDTPACVVSLSGNQAVRLPLMECVQVTKDVTKAMDEKRFDEAMKLRGRSFMNNWEVYKLLAHIRPPAPKSGS
YTVAVMNVGAPAAGMNAAVRSTVRIGLIQGNRVLVVHDGFEGPAKGQIEEAGWSYVGGWTGQGGSKLGSKRTLPKKSFEQ
ISANITKFNIQGLVIIGGFEAYTGGLELMEGRKQFDELCIPFVVIPATVSNNVPGSDFSVGADTALNTICTTCDRIKQSA
AGTKRRVFIIETMGGYCGYLATMAGLAAGADAAYIFEEPFTIRDLQANVEHLVQKMKTTVKRGLVLRNEKCNENYTTDFI
FNLYSEEGKGIFDSRKNVLGHMQQGGSPTPFDRNFATKMGAKAMNWMAGKIKESYRNGRIFANTPDSGCVLGMRKRALVF
QPVTELQNQTDFEHRIPKEQWWLKLRPILKILAKYEIDLDTS
;
_entity_poly.pdbx_strand_id   A,B
#
# COMPACT_ATOMS: atom_id res chain seq x y z
N ALA A 9 19.19 19.16 -23.66
CA ALA A 9 17.74 19.12 -23.34
C ALA A 9 16.91 18.81 -24.57
N ARG A 10 15.58 18.80 -24.40
CA ARG A 10 14.65 18.54 -25.49
C ARG A 10 14.62 19.72 -26.48
N THR A 11 15.57 20.63 -26.33
CA THR A 11 15.66 21.81 -27.20
C THR A 11 16.84 21.61 -28.13
N LEU A 12 17.40 20.41 -28.08
CA LEU A 12 18.55 20.07 -28.89
C LEU A 12 18.24 19.83 -30.37
N GLY A 13 17.39 18.86 -30.66
CA GLY A 13 17.03 18.55 -32.04
C GLY A 13 15.71 19.11 -32.52
N VAL A 14 15.43 20.38 -32.30
CA VAL A 14 14.18 20.95 -32.78
C VAL A 14 14.51 21.63 -34.09
N GLY A 15 13.56 21.64 -35.01
CA GLY A 15 13.83 22.25 -36.30
C GLY A 15 14.87 21.38 -36.98
N LYS A 16 14.88 20.11 -36.59
CA LYS A 16 15.81 19.13 -37.14
C LYS A 16 15.05 17.80 -37.26
N ALA A 17 15.27 17.07 -38.37
CA ALA A 17 14.61 15.79 -38.59
C ALA A 17 15.57 14.71 -39.11
N ILE A 18 15.37 13.47 -38.70
CA ILE A 18 16.30 12.45 -39.16
C ILE A 18 15.69 11.19 -39.79
N ALA A 19 16.47 10.56 -40.67
CA ALA A 19 16.07 9.36 -41.38
C ALA A 19 16.89 8.20 -40.88
N VAL A 20 16.21 7.17 -40.38
CA VAL A 20 16.90 5.98 -39.86
C VAL A 20 16.76 4.92 -40.94
N LEU A 21 17.55 3.85 -40.88
CA LEU A 21 17.44 2.83 -41.91
C LEU A 21 18.24 1.55 -41.64
N THR A 22 17.63 0.39 -41.88
CA THR A 22 18.40 -0.83 -41.69
C THR A 22 18.99 -1.12 -43.08
N SER A 23 20.00 -1.98 -43.13
CA SER A 23 20.66 -2.33 -44.37
C SER A 23 21.48 -3.56 -44.08
N GLY A 24 21.80 -4.34 -45.09
CA GLY A 24 22.55 -5.55 -44.79
C GLY A 24 21.52 -6.57 -44.33
N GLY A 25 21.99 -7.63 -43.67
CA GLY A 25 21.09 -8.69 -43.26
C GLY A 25 20.51 -8.60 -41.87
N ASP A 26 19.30 -9.11 -41.70
CA ASP A 26 18.61 -9.11 -40.43
C ASP A 26 19.56 -9.56 -39.32
N ALA A 27 19.67 -8.72 -38.29
CA ALA A 27 20.51 -8.97 -37.11
C ALA A 27 19.63 -8.75 -35.89
N GLN A 28 19.35 -9.80 -35.13
CA GLN A 28 18.46 -9.62 -33.99
C GLN A 28 18.92 -8.50 -33.08
N GLY A 29 18.17 -7.38 -33.10
CA GLY A 29 18.50 -6.24 -32.28
C GLY A 29 18.28 -4.97 -33.07
N MET A 30 18.23 -5.09 -34.38
CA MET A 30 18.04 -3.92 -35.20
C MET A 30 16.76 -3.20 -34.81
N ASN A 31 15.69 -3.95 -34.53
CA ASN A 31 14.46 -3.29 -34.16
C ASN A 31 14.68 -2.39 -32.95
N ALA A 32 15.22 -2.96 -31.87
CA ALA A 32 15.50 -2.20 -30.66
C ALA A 32 16.34 -1.01 -30.98
N ALA A 33 17.27 -1.14 -31.91
CA ALA A 33 18.09 -0.01 -32.28
C ALA A 33 17.20 1.05 -32.91
N VAL A 34 16.44 0.63 -33.92
CA VAL A 34 15.56 1.57 -34.59
C VAL A 34 14.73 2.33 -33.55
N ARG A 35 13.97 1.57 -32.78
CA ARG A 35 13.09 2.13 -31.75
C ARG A 35 13.76 3.25 -30.96
N ALA A 36 14.98 2.95 -30.50
CA ALA A 36 15.77 3.90 -29.76
C ALA A 36 15.91 5.16 -30.60
N VAL A 37 16.44 5.01 -31.80
CA VAL A 37 16.61 6.15 -32.68
C VAL A 37 15.33 6.95 -32.87
N VAL A 38 14.24 6.25 -33.13
CA VAL A 38 12.96 6.90 -33.32
C VAL A 38 12.64 7.74 -32.10
N ARG A 39 12.40 7.07 -30.98
CA ARG A 39 12.04 7.76 -29.73
C ARG A 39 12.98 8.82 -29.21
N VAL A 40 14.26 8.49 -29.04
CA VAL A 40 15.19 9.49 -28.56
C VAL A 40 15.20 10.62 -29.58
N GLY A 41 14.96 10.31 -30.85
CA GLY A 41 14.94 11.35 -31.84
C GLY A 41 13.73 12.27 -31.66
N ILE A 42 12.56 11.66 -31.57
CA ILE A 42 11.36 12.44 -31.37
C ILE A 42 11.50 13.21 -30.06
N PHE A 43 12.21 12.62 -29.09
CA PHE A 43 12.42 13.24 -27.78
C PHE A 43 13.27 14.50 -27.85
N THR A 44 14.31 14.47 -28.67
CA THR A 44 15.19 15.60 -28.84
C THR A 44 14.37 16.69 -29.56
N GLY A 45 13.08 16.45 -29.71
CA GLY A 45 12.25 17.44 -30.36
C GLY A 45 12.50 17.50 -31.85
N ALA A 46 13.13 16.45 -32.36
CA ALA A 46 13.41 16.38 -33.79
C ALA A 46 12.34 15.51 -34.39
N ARG A 47 12.46 15.28 -35.69
CA ARG A 47 11.49 14.46 -36.38
C ARG A 47 12.25 13.26 -36.95
N VAL A 48 11.64 12.09 -36.87
CA VAL A 48 12.29 10.90 -37.35
C VAL A 48 11.48 10.25 -38.47
N PHE A 49 12.16 10.00 -39.59
CA PHE A 49 11.55 9.37 -40.74
C PHE A 49 12.10 7.98 -40.86
N PHE A 50 11.21 7.03 -41.10
CA PHE A 50 11.59 5.63 -41.22
C PHE A 50 12.46 5.22 -42.39
N VAL A 51 11.93 5.17 -43.62
CA VAL A 51 12.70 4.75 -44.82
C VAL A 51 12.86 3.21 -44.95
N HIS A 52 11.78 2.54 -45.35
CA HIS A 52 11.77 1.09 -45.47
C HIS A 52 12.79 0.52 -46.41
N GLU A 53 12.83 -0.80 -46.41
CA GLU A 53 13.72 -1.61 -47.24
C GLU A 53 15.12 -1.06 -47.52
N GLY A 54 15.96 -1.04 -46.49
CA GLY A 54 17.33 -0.57 -46.64
C GLY A 54 17.61 0.59 -47.57
N TYR A 55 18.87 0.70 -48.02
CA TYR A 55 19.27 1.79 -48.91
C TYR A 55 18.33 1.93 -50.10
N GLN A 56 17.62 0.85 -50.44
CA GLN A 56 16.69 0.88 -51.57
C GLN A 56 15.76 2.04 -51.33
N GLY A 57 14.73 1.83 -50.52
CA GLY A 57 13.77 2.87 -50.21
C GLY A 57 14.27 4.30 -50.25
N LEU A 58 15.54 4.50 -49.88
CA LEU A 58 16.13 5.84 -49.89
C LEU A 58 16.33 6.27 -51.34
N VAL A 59 16.73 5.31 -52.15
CA VAL A 59 16.94 5.56 -53.57
C VAL A 59 15.56 5.80 -54.14
N ASP A 60 14.65 4.87 -53.89
CA ASP A 60 13.26 4.99 -54.32
C ASP A 60 12.78 6.24 -53.60
N GLY A 61 11.51 6.30 -53.23
CA GLY A 61 11.06 7.50 -52.54
C GLY A 61 9.64 7.46 -52.04
N GLY A 62 9.03 8.64 -52.00
CA GLY A 62 7.66 8.78 -51.54
C GLY A 62 7.17 7.64 -50.66
N ASP A 63 6.43 6.71 -51.25
CA ASP A 63 5.87 5.56 -50.55
C ASP A 63 6.85 4.82 -49.60
N HIS A 64 8.15 4.95 -49.87
CA HIS A 64 9.16 4.27 -49.06
C HIS A 64 9.73 5.04 -47.88
N ILE A 65 9.16 6.20 -47.59
CA ILE A 65 9.62 6.99 -46.45
C ILE A 65 8.49 7.58 -45.62
N ARG A 66 7.81 6.75 -44.82
CA ARG A 66 6.73 7.25 -43.96
C ARG A 66 7.39 7.96 -42.75
N GLU A 67 6.63 8.82 -42.08
CA GLU A 67 7.16 9.52 -40.92
C GLU A 67 6.88 8.63 -39.71
N ALA A 68 7.83 8.62 -38.79
CA ALA A 68 7.71 7.80 -37.58
C ALA A 68 6.97 8.46 -36.45
N THR A 69 6.11 7.68 -35.82
CA THR A 69 5.32 8.17 -34.73
C THR A 69 5.80 7.36 -33.51
N TRP A 70 5.72 7.94 -32.32
CA TRP A 70 6.15 7.25 -31.12
C TRP A 70 5.53 5.87 -30.98
N GLU A 71 4.20 5.81 -31.07
CA GLU A 71 3.49 4.55 -30.97
C GLU A 71 3.98 3.56 -32.06
N SER A 72 4.44 4.11 -33.19
CA SER A 72 4.91 3.30 -34.29
C SER A 72 5.95 2.26 -33.96
N VAL A 73 6.73 2.50 -32.92
CA VAL A 73 7.77 1.55 -32.61
C VAL A 73 7.58 0.66 -31.42
N SER A 74 6.35 0.52 -30.94
CA SER A 74 6.13 -0.36 -29.82
C SER A 74 5.97 -1.77 -30.33
N MET A 75 6.18 -2.75 -29.47
CA MET A 75 6.08 -4.16 -29.86
C MET A 75 7.27 -4.58 -30.75
N MET A 76 8.34 -3.79 -30.72
CA MET A 76 9.51 -4.10 -31.53
C MET A 76 10.71 -4.73 -30.80
N LEU A 77 11.03 -4.20 -29.62
CA LEU A 77 12.15 -4.68 -28.82
C LEU A 77 12.41 -6.16 -29.01
N GLN A 78 11.40 -6.95 -28.67
CA GLN A 78 11.43 -8.42 -28.76
C GLN A 78 11.32 -9.08 -30.13
N LEU A 79 10.89 -8.35 -31.16
CA LEU A 79 10.74 -8.94 -32.48
C LEU A 79 12.04 -9.13 -33.17
N GLY A 80 12.27 -10.34 -33.68
CA GLY A 80 13.51 -10.63 -34.36
C GLY A 80 13.65 -9.86 -35.67
N GLY A 81 14.81 -9.99 -36.31
CA GLY A 81 15.03 -9.29 -37.55
C GLY A 81 14.63 -7.83 -37.53
N THR A 82 14.46 -7.26 -38.72
CA THR A 82 14.09 -5.85 -38.87
C THR A 82 12.66 -5.66 -39.37
N VAL A 83 11.93 -4.75 -38.74
CA VAL A 83 10.57 -4.46 -39.12
C VAL A 83 10.55 -3.30 -40.10
N ILE A 84 11.62 -2.53 -40.12
CA ILE A 84 11.70 -1.44 -41.05
C ILE A 84 12.18 -2.09 -42.34
N GLY A 85 12.49 -3.39 -42.22
CA GLY A 85 12.94 -4.17 -43.35
C GLY A 85 14.27 -3.79 -43.97
N SER A 86 15.00 -4.80 -44.44
CA SER A 86 16.29 -4.61 -45.08
C SER A 86 16.27 -5.17 -46.48
N ALA A 87 17.17 -4.66 -47.31
CA ALA A 87 17.29 -5.09 -48.69
C ALA A 87 18.78 -5.13 -49.01
N ARG A 88 19.12 -5.19 -50.28
CA ARG A 88 20.52 -5.25 -50.66
C ARG A 88 20.90 -4.18 -51.66
N CYS A 89 19.92 -3.38 -52.04
CA CYS A 89 20.11 -2.27 -53.00
C CYS A 89 21.46 -2.11 -53.70
N LYS A 90 21.56 -2.62 -54.94
CA LYS A 90 22.80 -2.49 -55.70
C LYS A 90 22.85 -1.08 -56.29
N ASP A 91 21.67 -0.46 -56.43
CA ASP A 91 21.51 0.89 -56.98
C ASP A 91 22.36 1.96 -56.28
N PHE A 92 22.53 1.80 -54.96
CA PHE A 92 23.28 2.74 -54.11
C PHE A 92 24.80 2.67 -54.28
N ARG A 93 25.29 1.57 -54.87
CA ARG A 93 26.73 1.39 -55.08
C ARG A 93 27.30 2.36 -56.12
N GLU A 94 26.40 2.98 -56.88
CA GLU A 94 26.77 3.94 -57.92
C GLU A 94 26.18 5.33 -57.68
N ARG A 95 26.94 6.35 -58.05
CA ARG A 95 26.54 7.76 -57.90
C ARG A 95 25.10 8.06 -58.29
N GLU A 96 24.70 7.67 -59.49
CA GLU A 96 23.34 7.93 -59.93
C GLU A 96 22.41 7.62 -58.77
N GLY A 97 22.59 6.42 -58.20
CA GLY A 97 21.78 5.97 -57.09
C GLY A 97 21.71 7.00 -55.99
N ARG A 98 22.89 7.49 -55.62
CA ARG A 98 23.00 8.51 -54.60
C ARG A 98 22.29 9.77 -55.12
N LEU A 99 22.75 10.32 -56.24
CA LEU A 99 22.08 11.49 -56.79
C LEU A 99 20.60 11.29 -56.48
N ARG A 100 20.09 10.09 -56.78
CA ARG A 100 18.69 9.76 -56.56
C ARG A 100 18.19 9.81 -55.11
N ALA A 101 18.90 9.15 -54.20
CA ALA A 101 18.48 9.15 -52.80
C ALA A 101 18.68 10.54 -52.19
N ALA A 102 19.90 11.07 -52.33
CA ALA A 102 20.23 12.40 -51.82
C ALA A 102 19.15 13.36 -52.26
N HIS A 103 18.60 13.11 -53.44
CA HIS A 103 17.55 13.98 -53.89
C HIS A 103 16.40 13.84 -52.89
N ASN A 104 15.97 12.59 -52.68
CA ASN A 104 14.86 12.25 -51.78
C ASN A 104 14.95 12.74 -50.35
N LEU A 105 16.16 13.03 -49.88
CA LEU A 105 16.35 13.52 -48.52
C LEU A 105 16.17 15.03 -48.48
N VAL A 106 16.85 15.72 -49.38
CA VAL A 106 16.75 17.17 -49.46
C VAL A 106 15.31 17.58 -49.77
N LYS A 107 14.55 16.70 -50.43
CA LYS A 107 13.16 16.98 -50.78
C LYS A 107 12.24 16.97 -49.55
N ARG A 108 12.65 16.24 -48.52
CA ARG A 108 11.88 16.11 -47.28
C ARG A 108 12.50 16.90 -46.11
N GLY A 109 13.62 17.57 -46.38
CA GLY A 109 14.27 18.37 -45.35
C GLY A 109 15.18 17.62 -44.40
N ILE A 110 15.19 16.30 -44.53
CA ILE A 110 16.01 15.44 -43.69
C ILE A 110 17.48 15.76 -43.89
N THR A 111 18.20 16.02 -42.81
CA THR A 111 19.62 16.33 -42.92
C THR A 111 20.50 15.41 -42.05
N ASN A 112 19.86 14.48 -41.32
CA ASN A 112 20.58 13.55 -40.46
C ASN A 112 20.30 12.13 -40.89
N LEU A 113 21.36 11.34 -41.06
CA LEU A 113 21.16 9.96 -41.48
C LEU A 113 21.71 8.88 -40.56
N CYS A 114 20.80 8.10 -39.99
CA CYS A 114 21.17 7.00 -39.13
C CYS A 114 21.19 5.74 -40.00
N VAL A 115 22.33 5.06 -40.04
CA VAL A 115 22.45 3.85 -40.85
C VAL A 115 22.86 2.64 -40.01
N ILE A 116 21.90 1.77 -39.73
CA ILE A 116 22.18 0.59 -38.92
C ILE A 116 22.47 -0.55 -39.88
N GLY A 117 23.74 -0.79 -40.18
CA GLY A 117 24.11 -1.85 -41.09
C GLY A 117 25.42 -2.51 -40.71
N GLY A 118 26.22 -2.85 -41.72
CA GLY A 118 27.50 -3.49 -41.46
C GLY A 118 28.65 -3.00 -42.33
N ASP A 119 29.78 -3.71 -42.22
CA ASP A 119 31.02 -3.43 -42.94
C ASP A 119 30.74 -2.81 -44.29
N GLY A 120 29.68 -3.27 -44.96
CA GLY A 120 29.34 -2.73 -46.27
C GLY A 120 28.41 -1.56 -46.12
N SER A 121 27.21 -1.83 -45.65
CA SER A 121 26.21 -0.78 -45.48
C SER A 121 26.88 0.45 -44.89
N LEU A 122 27.83 0.21 -43.97
CA LEU A 122 28.55 1.29 -43.33
C LEU A 122 29.41 2.05 -44.27
N THR A 123 30.26 1.32 -45.00
CA THR A 123 31.14 1.97 -45.94
C THR A 123 30.37 2.68 -47.06
N GLY A 124 29.11 2.30 -47.22
CA GLY A 124 28.28 2.92 -48.24
C GLY A 124 27.99 4.32 -47.76
N ALA A 125 27.31 4.38 -46.61
CA ALA A 125 26.96 5.64 -45.98
C ALA A 125 28.24 6.43 -45.89
N ASP A 126 29.31 5.76 -45.44
CA ASP A 126 30.62 6.37 -45.31
C ASP A 126 30.87 7.18 -46.55
N THR A 127 31.10 6.48 -47.64
CA THR A 127 31.38 7.09 -48.91
C THR A 127 30.16 7.79 -49.52
N PHE A 128 29.39 8.49 -48.69
CA PHE A 128 28.19 9.21 -49.15
C PHE A 128 28.28 10.63 -48.59
N ARG A 129 28.24 10.74 -47.27
CA ARG A 129 28.35 12.04 -46.63
C ARG A 129 29.66 12.61 -47.15
N SER A 130 30.50 11.70 -47.65
CA SER A 130 31.78 12.04 -48.22
C SER A 130 31.56 12.99 -49.38
N GLU A 131 31.33 12.42 -50.56
CA GLU A 131 31.08 13.24 -51.74
C GLU A 131 29.57 13.55 -51.86
N TRP A 132 29.04 14.33 -50.91
CA TRP A 132 27.62 14.72 -50.91
C TRP A 132 27.53 16.12 -51.54
N SER A 133 28.55 16.92 -51.25
CA SER A 133 28.65 18.29 -51.73
C SER A 133 28.22 18.45 -53.17
N ASP A 134 29.15 18.17 -54.09
CA ASP A 134 28.86 18.28 -55.50
C ASP A 134 27.56 17.55 -55.82
N LEU A 135 27.23 16.52 -55.06
CA LEU A 135 25.99 15.78 -55.31
C LEU A 135 24.88 16.82 -55.31
N LEU A 136 25.08 17.87 -54.53
CA LEU A 136 24.12 18.94 -54.45
C LEU A 136 24.31 19.81 -55.68
N SER A 137 25.56 20.14 -55.99
CA SER A 137 25.85 20.96 -57.16
C SER A 137 25.23 20.31 -58.38
N ASP A 138 25.24 18.98 -58.39
CA ASP A 138 24.69 18.20 -59.48
C ASP A 138 23.17 18.25 -59.45
N LEU A 139 22.60 18.19 -58.26
CA LEU A 139 21.14 18.25 -58.14
C LEU A 139 20.60 19.62 -58.55
N GLN A 140 21.51 20.58 -58.75
CA GLN A 140 21.14 21.94 -59.14
C GLN A 140 21.11 22.19 -60.64
N LYS A 141 21.64 21.26 -61.43
CA LYS A 141 21.63 21.39 -62.88
C LYS A 141 20.15 21.51 -63.28
N ALA A 142 19.28 21.05 -62.38
CA ALA A 142 17.83 21.06 -62.56
C ALA A 142 17.17 20.61 -61.26
N GLY A 143 17.50 19.38 -60.86
CA GLY A 143 17.00 18.75 -59.66
C GLY A 143 15.99 19.52 -58.81
N LYS A 144 16.51 20.32 -57.87
CA LYS A 144 15.66 21.08 -56.98
C LYS A 144 16.01 22.56 -56.89
N ILE A 145 15.15 23.30 -56.19
CA ILE A 145 15.34 24.73 -56.01
C ILE A 145 16.57 24.93 -55.14
N THR A 146 17.38 25.93 -55.48
CA THR A 146 18.58 26.22 -54.73
C THR A 146 18.22 26.89 -53.40
N ALA A 147 16.92 27.12 -53.22
CA ALA A 147 16.41 27.74 -51.99
C ALA A 147 16.17 26.68 -50.93
N GLU A 148 15.63 25.54 -51.35
CA GLU A 148 15.38 24.44 -50.42
C GLU A 148 16.71 23.76 -50.16
N GLU A 149 17.75 24.25 -50.83
CA GLU A 149 19.10 23.73 -50.68
C GLU A 149 19.96 24.68 -49.84
N ALA A 150 19.94 25.96 -50.19
CA ALA A 150 20.72 26.96 -49.47
C ALA A 150 20.75 26.62 -47.99
N THR A 151 19.59 26.39 -47.41
CA THR A 151 19.45 26.06 -45.98
C THR A 151 19.22 24.56 -45.73
N ARG A 152 20.16 23.74 -46.21
CA ARG A 152 20.14 22.29 -46.08
C ARG A 152 21.44 21.86 -46.74
N SER A 153 22.43 22.75 -46.66
CA SER A 153 23.75 22.55 -47.24
C SER A 153 24.64 21.50 -46.57
N SER A 154 25.87 21.89 -46.23
CA SER A 154 26.83 20.99 -45.60
C SER A 154 26.52 20.62 -44.16
N TYR A 155 25.38 19.96 -43.95
CA TYR A 155 24.96 19.53 -42.63
C TYR A 155 24.43 18.10 -42.62
N LEU A 156 24.58 17.39 -43.75
CA LEU A 156 24.08 16.01 -43.81
C LEU A 156 25.00 15.04 -43.09
N ASN A 157 25.02 15.12 -41.77
CA ASN A 157 25.85 14.22 -41.00
C ASN A 157 25.17 12.86 -40.92
N ILE A 158 25.97 11.83 -40.70
CA ILE A 158 25.46 10.49 -40.62
C ILE A 158 26.22 9.78 -39.54
N VAL A 159 25.57 8.81 -38.90
CA VAL A 159 26.15 8.03 -37.83
C VAL A 159 25.84 6.62 -38.31
N GLY A 160 26.40 5.60 -37.68
CA GLY A 160 26.08 4.25 -38.13
C GLY A 160 26.18 3.21 -37.04
N LEU A 161 25.07 2.56 -36.72
CA LEU A 161 25.10 1.50 -35.70
C LEU A 161 25.44 0.22 -36.42
N VAL A 162 26.38 -0.56 -35.90
CA VAL A 162 26.78 -1.81 -36.54
C VAL A 162 25.94 -3.04 -36.18
N GLY A 163 25.09 -3.48 -37.09
CA GLY A 163 24.32 -4.67 -36.83
C GLY A 163 25.13 -5.76 -37.51
N SER A 164 25.17 -6.96 -36.94
CA SER A 164 25.91 -8.04 -37.58
C SER A 164 25.99 -9.28 -36.71
N ILE A 165 25.55 -10.42 -37.22
CA ILE A 165 25.61 -11.61 -36.37
C ILE A 165 26.97 -12.30 -36.35
N ASP A 166 27.84 -11.93 -37.31
CA ASP A 166 29.19 -12.50 -37.38
C ASP A 166 30.14 -11.67 -36.55
N ASN A 167 29.65 -10.54 -36.08
CA ASN A 167 30.42 -9.67 -35.21
C ASN A 167 31.82 -9.53 -35.72
N ASP A 168 31.98 -8.96 -36.91
CA ASP A 168 33.32 -8.82 -37.44
C ASP A 168 33.80 -7.39 -37.45
N PHE A 169 32.90 -6.47 -37.76
CA PHE A 169 33.25 -5.06 -37.81
C PHE A 169 34.28 -4.66 -36.76
N CYS A 170 35.36 -4.01 -37.21
CA CYS A 170 36.42 -3.57 -36.31
C CYS A 170 36.20 -2.24 -35.62
N GLY A 171 36.33 -2.24 -34.29
CA GLY A 171 36.14 -1.01 -33.55
C GLY A 171 35.12 -1.15 -32.44
N THR A 172 34.26 -2.14 -32.56
CA THR A 172 33.25 -2.39 -31.56
C THR A 172 33.52 -3.75 -30.89
N ASP A 173 33.20 -3.85 -29.61
CA ASP A 173 33.42 -5.09 -28.85
C ASP A 173 32.37 -6.15 -29.15
N MET A 174 31.20 -5.68 -29.58
CA MET A 174 30.04 -6.49 -29.93
C MET A 174 29.22 -5.81 -31.00
N THR A 175 28.77 -6.57 -31.97
CA THR A 175 27.91 -5.97 -32.98
C THR A 175 26.51 -6.43 -32.58
N ILE A 176 25.50 -5.77 -33.11
CA ILE A 176 24.15 -6.19 -32.80
C ILE A 176 23.84 -7.61 -33.35
N GLY A 177 23.15 -8.40 -32.54
CA GLY A 177 22.75 -9.74 -32.96
C GLY A 177 23.62 -10.94 -32.67
N THR A 178 24.92 -10.73 -32.59
CA THR A 178 25.78 -11.87 -32.39
C THR A 178 25.52 -12.63 -31.10
N ASP A 179 25.12 -11.95 -30.03
CA ASP A 179 24.83 -12.70 -28.80
C ASP A 179 23.70 -13.63 -29.17
N SER A 180 22.66 -13.06 -29.77
CA SER A 180 21.47 -13.80 -30.20
C SER A 180 21.92 -14.93 -31.10
N ALA A 181 22.72 -14.59 -32.09
CA ALA A 181 23.27 -15.60 -32.97
C ALA A 181 23.88 -16.70 -32.09
N LEU A 182 24.77 -16.30 -31.18
CA LEU A 182 25.39 -17.28 -30.30
C LEU A 182 24.37 -18.16 -29.61
N HIS A 183 23.31 -17.54 -29.13
CA HIS A 183 22.26 -18.28 -28.45
C HIS A 183 21.74 -19.43 -29.30
N ARG A 184 21.38 -19.09 -30.53
CA ARG A 184 20.88 -20.05 -31.50
C ARG A 184 21.82 -21.24 -31.64
N ILE A 185 23.03 -20.95 -32.11
CA ILE A 185 24.04 -21.97 -32.31
C ILE A 185 24.18 -22.81 -31.07
N THR A 186 24.00 -22.17 -29.94
CA THR A 186 24.15 -22.91 -28.70
C THR A 186 23.01 -23.88 -28.47
N GLU A 187 21.77 -23.36 -28.53
CA GLU A 187 20.55 -24.16 -28.34
C GLU A 187 20.63 -25.47 -29.13
N ILE A 188 21.15 -25.36 -30.35
CA ILE A 188 21.27 -26.52 -31.21
C ILE A 188 22.28 -27.46 -30.58
N VAL A 189 23.54 -27.04 -30.54
CA VAL A 189 24.56 -27.89 -29.97
C VAL A 189 24.08 -28.38 -28.61
N ASP A 190 23.45 -27.50 -27.85
CA ASP A 190 22.91 -27.86 -26.56
C ASP A 190 22.15 -29.18 -26.76
N ALA A 191 21.21 -29.17 -27.69
CA ALA A 191 20.44 -30.37 -28.01
C ALA A 191 21.30 -31.46 -28.70
N ILE A 192 21.89 -31.08 -29.83
CA ILE A 192 22.76 -31.99 -30.58
C ILE A 192 23.59 -32.80 -29.62
N THR A 193 23.76 -32.25 -28.41
CA THR A 193 24.60 -32.89 -27.43
C THR A 193 23.93 -33.67 -26.33
N THR A 194 22.90 -33.12 -25.71
CA THR A 194 22.25 -33.82 -24.59
C THR A 194 21.54 -35.15 -24.92
N THR A 195 21.60 -35.60 -26.17
CA THR A 195 20.95 -36.84 -26.56
C THR A 195 21.59 -37.62 -27.71
N ALA A 196 22.87 -37.36 -27.98
CA ALA A 196 23.57 -38.07 -29.07
C ALA A 196 23.83 -39.51 -28.68
N GLN A 197 23.60 -39.81 -27.41
CA GLN A 197 23.77 -41.15 -26.86
C GLN A 197 23.33 -42.19 -27.90
N SER A 198 24.31 -42.90 -28.46
CA SER A 198 24.09 -43.94 -29.46
C SER A 198 25.24 -43.92 -30.47
N HIS A 199 26.35 -44.58 -30.13
CA HIS A 199 27.52 -44.65 -31.01
C HIS A 199 28.36 -43.38 -30.97
N GLN A 200 29.65 -43.51 -31.20
CA GLN A 200 30.57 -42.38 -31.17
C GLN A 200 30.23 -41.28 -32.18
N ARG A 201 28.99 -40.82 -32.15
CA ARG A 201 28.54 -39.78 -33.07
C ARG A 201 29.51 -38.61 -33.19
N THR A 202 29.72 -38.18 -34.42
CA THR A 202 30.63 -37.10 -34.67
C THR A 202 30.07 -35.96 -35.50
N PHE A 203 29.38 -35.04 -34.85
CA PHE A 203 28.82 -33.90 -35.53
C PHE A 203 29.78 -32.92 -36.18
N VAL A 204 29.30 -32.26 -37.21
CA VAL A 204 30.12 -31.31 -37.89
C VAL A 204 29.26 -30.11 -38.16
N LEU A 205 29.21 -29.19 -37.22
CA LEU A 205 28.40 -28.02 -37.44
C LEU A 205 29.21 -26.99 -38.23
N GLU A 206 28.54 -26.37 -39.19
CA GLU A 206 29.14 -25.34 -40.02
C GLU A 206 28.38 -24.09 -39.62
N VAL A 207 29.09 -23.13 -39.01
CA VAL A 207 28.46 -21.87 -38.57
C VAL A 207 28.87 -20.74 -39.45
N MET A 208 28.18 -19.63 -39.29
CA MET A 208 28.46 -18.47 -40.12
C MET A 208 29.88 -18.07 -39.95
N GLY A 209 30.44 -17.43 -40.96
CA GLY A 209 31.83 -17.03 -40.85
C GLY A 209 32.53 -16.69 -42.16
N ARG A 210 32.09 -15.59 -42.76
CA ARG A 210 32.65 -15.10 -44.02
C ARG A 210 34.14 -15.15 -43.83
N HIS A 211 34.72 -14.03 -43.40
CA HIS A 211 36.15 -13.98 -43.16
C HIS A 211 36.27 -13.65 -41.68
N CYS A 212 35.57 -14.41 -40.84
CA CYS A 212 35.60 -14.15 -39.41
C CYS A 212 35.28 -15.32 -38.54
N GLY A 213 36.25 -15.79 -37.78
CA GLY A 213 36.00 -16.93 -36.91
C GLY A 213 35.33 -16.72 -35.55
N TYR A 214 34.86 -15.52 -35.28
CA TYR A 214 34.26 -15.25 -33.99
C TYR A 214 33.19 -16.29 -33.56
N LEU A 215 31.99 -16.24 -34.13
CA LEU A 215 30.94 -17.21 -33.73
C LEU A 215 31.53 -18.62 -33.73
N ALA A 216 32.40 -18.85 -34.72
CA ALA A 216 33.05 -20.14 -34.91
C ALA A 216 33.80 -20.55 -33.69
N LEU A 217 34.71 -19.66 -33.29
CA LEU A 217 35.57 -19.88 -32.14
C LEU A 217 34.79 -19.99 -30.86
N VAL A 218 34.03 -18.93 -30.57
CA VAL A 218 33.20 -18.85 -29.35
C VAL A 218 32.21 -19.99 -29.13
N THR A 219 31.58 -20.40 -30.21
CA THR A 219 30.67 -21.49 -30.15
C THR A 219 31.52 -22.72 -29.72
N SER A 220 32.79 -22.76 -30.14
CA SER A 220 33.63 -23.90 -29.79
C SER A 220 34.04 -23.90 -28.30
N LEU A 221 34.24 -22.71 -27.74
CA LEU A 221 34.63 -22.53 -26.35
C LEU A 221 33.52 -22.87 -25.36
N SER A 222 32.26 -22.66 -25.79
CA SER A 222 31.07 -22.96 -24.97
C SER A 222 30.63 -24.38 -25.08
N CYS A 223 30.75 -24.94 -26.28
CA CYS A 223 30.33 -26.32 -26.50
C CYS A 223 31.34 -27.29 -25.97
N GLY A 224 32.61 -26.91 -26.11
CA GLY A 224 33.67 -27.79 -25.71
C GLY A 224 33.95 -28.55 -26.98
N ALA A 225 34.10 -27.80 -28.08
CA ALA A 225 34.35 -28.38 -29.38
C ALA A 225 35.69 -29.10 -29.43
N ASP A 226 35.72 -30.24 -30.15
CA ASP A 226 36.91 -31.08 -30.32
C ASP A 226 37.88 -30.54 -31.31
N TRP A 227 37.44 -29.60 -32.12
CA TRP A 227 38.34 -29.05 -33.11
C TRP A 227 37.63 -27.94 -33.80
N VAL A 228 38.36 -26.94 -34.27
CA VAL A 228 37.73 -25.83 -34.96
C VAL A 228 38.45 -25.47 -36.22
N PHE A 229 37.82 -24.59 -36.98
CA PHE A 229 38.42 -24.18 -38.21
C PHE A 229 38.09 -22.74 -38.30
N ILE A 230 39.09 -21.87 -38.27
CA ILE A 230 38.82 -20.43 -38.40
C ILE A 230 39.68 -19.79 -39.48
N PRO A 231 39.08 -18.91 -40.29
CA PRO A 231 39.66 -18.16 -41.40
C PRO A 231 41.01 -17.53 -41.08
N GLU A 232 41.06 -16.84 -39.95
CA GLU A 232 42.25 -16.12 -39.52
C GLU A 232 43.45 -16.96 -39.09
N CYS A 233 43.25 -18.25 -38.83
CA CYS A 233 44.36 -19.09 -38.42
C CYS A 233 44.26 -20.51 -38.98
N PRO A 234 44.52 -20.64 -40.28
CA PRO A 234 44.51 -21.88 -41.07
C PRO A 234 45.39 -22.98 -40.48
N PRO A 235 44.92 -24.24 -40.46
CA PRO A 235 45.64 -25.40 -39.90
C PRO A 235 47.06 -25.68 -40.41
N ASP A 236 47.41 -25.12 -41.57
CA ASP A 236 48.74 -25.34 -42.12
C ASP A 236 48.96 -26.86 -42.28
N ASP A 237 50.08 -27.25 -42.89
CA ASP A 237 50.44 -28.65 -43.15
C ASP A 237 49.93 -29.61 -42.10
N ASN A 238 49.82 -30.88 -42.47
CA ASN A 238 49.34 -31.91 -41.57
C ASN A 238 48.00 -31.51 -41.00
N TRP A 239 47.50 -32.32 -40.06
CA TRP A 239 46.23 -32.10 -39.37
C TRP A 239 45.25 -33.21 -39.49
N GLU A 240 44.95 -33.62 -40.73
CA GLU A 240 43.98 -34.68 -40.94
C GLU A 240 44.27 -35.69 -39.84
N ASP A 241 45.53 -36.09 -39.80
CA ASP A 241 46.00 -37.03 -38.81
C ASP A 241 45.85 -36.39 -37.46
N HIS A 242 46.33 -35.16 -37.34
CA HIS A 242 46.21 -34.47 -36.06
C HIS A 242 44.79 -34.74 -35.57
N LEU A 243 43.82 -34.22 -36.30
CA LEU A 243 42.41 -34.37 -35.99
C LEU A 243 41.98 -35.83 -35.77
N CYS A 244 42.63 -36.73 -36.49
CA CYS A 244 42.28 -38.14 -36.36
C CYS A 244 42.85 -38.64 -35.05
N ARG A 245 44.17 -38.53 -34.89
CA ARG A 245 44.86 -38.94 -33.67
C ARG A 245 44.01 -38.42 -32.53
N ARG A 246 43.68 -37.12 -32.62
CA ARG A 246 42.87 -36.39 -31.63
C ARG A 246 41.56 -37.13 -31.38
N LEU A 247 40.65 -37.05 -32.35
CA LEU A 247 39.35 -37.70 -32.25
C LEU A 247 39.48 -39.16 -31.88
N SER A 248 40.64 -39.72 -32.23
CA SER A 248 40.95 -41.11 -31.97
C SER A 248 41.40 -41.33 -30.54
N GLU A 249 42.26 -40.42 -30.07
CA GLU A 249 42.76 -40.51 -28.71
C GLU A 249 41.53 -40.45 -27.81
N THR A 250 40.73 -39.40 -28.00
CA THR A 250 39.54 -39.21 -27.19
C THR A 250 38.56 -40.37 -27.24
N ARG A 251 38.64 -41.15 -28.31
CA ARG A 251 37.75 -42.30 -28.47
C ARG A 251 37.98 -43.26 -27.30
N THR A 252 39.21 -43.75 -27.20
CA THR A 252 39.57 -44.68 -26.13
C THR A 252 39.38 -44.06 -24.75
N ARG A 253 39.73 -42.79 -24.62
CA ARG A 253 39.57 -42.08 -23.36
C ARG A 253 38.09 -42.09 -22.97
N GLY A 254 37.25 -42.63 -23.85
CA GLY A 254 35.82 -42.69 -23.59
C GLY A 254 35.10 -41.42 -24.01
N SER A 255 34.03 -41.56 -24.80
CA SER A 255 33.28 -40.40 -25.29
C SER A 255 32.04 -40.75 -26.14
N ARG A 256 30.91 -40.16 -25.76
CA ARG A 256 29.68 -40.41 -26.49
C ARG A 256 29.73 -39.72 -27.85
N LEU A 257 30.36 -38.54 -27.92
CA LEU A 257 30.41 -37.81 -29.18
C LEU A 257 31.58 -36.87 -29.40
N ASN A 258 31.53 -36.19 -30.55
CA ASN A 258 32.55 -35.24 -30.97
C ASN A 258 31.83 -34.14 -31.70
N ILE A 259 32.31 -32.92 -31.55
CA ILE A 259 31.70 -31.79 -32.22
C ILE A 259 32.86 -31.07 -32.84
N ILE A 260 32.80 -30.87 -34.14
CA ILE A 260 33.88 -30.20 -34.84
C ILE A 260 33.25 -29.01 -35.49
N ILE A 261 33.30 -27.84 -34.86
CA ILE A 261 32.72 -26.70 -35.51
C ILE A 261 33.60 -26.29 -36.69
N VAL A 262 32.99 -25.71 -37.73
CA VAL A 262 33.70 -25.28 -38.94
C VAL A 262 33.17 -23.92 -39.33
N ALA A 263 34.05 -22.94 -39.44
CA ALA A 263 33.58 -21.64 -39.87
C ALA A 263 33.30 -21.88 -41.32
N GLU A 264 32.40 -21.10 -41.86
CA GLU A 264 32.11 -21.23 -43.26
C GLU A 264 33.43 -20.97 -43.97
N GLY A 265 33.96 -19.76 -43.80
CA GLY A 265 35.24 -19.39 -44.42
C GLY A 265 36.50 -20.23 -44.13
N ALA A 266 36.33 -21.38 -43.48
CA ALA A 266 37.45 -22.27 -43.14
C ALA A 266 38.30 -22.65 -44.35
N ILE A 267 39.56 -22.26 -44.30
CA ILE A 267 40.49 -22.51 -45.39
C ILE A 267 41.72 -23.19 -44.86
N ASP A 268 42.67 -23.53 -45.73
CA ASP A 268 43.91 -24.13 -45.24
C ASP A 268 45.06 -23.14 -45.44
N ARG A 269 46.27 -23.54 -45.07
CA ARG A 269 47.43 -22.68 -45.19
C ARG A 269 47.48 -21.93 -46.51
N ASN A 270 47.13 -22.63 -47.58
CA ASN A 270 47.18 -22.08 -48.93
C ASN A 270 45.96 -21.31 -49.43
N GLY A 271 44.90 -21.29 -48.63
CA GLY A 271 43.70 -20.58 -49.04
C GLY A 271 42.69 -21.45 -49.77
N LYS A 272 43.07 -22.70 -50.03
CA LYS A 272 42.18 -23.63 -50.71
C LYS A 272 41.27 -24.26 -49.67
N PRO A 273 40.11 -23.63 -49.45
CA PRO A 273 39.05 -23.98 -48.52
C PRO A 273 38.94 -25.39 -48.05
N ILE A 274 38.65 -25.52 -46.76
CA ILE A 274 38.45 -26.79 -46.09
C ILE A 274 36.94 -26.87 -46.04
N THR A 275 36.37 -27.94 -46.58
CA THR A 275 34.91 -28.06 -46.61
C THR A 275 34.31 -28.91 -45.51
N SER A 276 33.28 -28.37 -44.85
CA SER A 276 32.64 -29.10 -43.76
C SER A 276 32.45 -30.55 -44.13
N GLU A 277 31.98 -30.72 -45.37
CA GLU A 277 31.69 -32.04 -45.94
C GLU A 277 32.99 -32.86 -46.02
N GLY A 278 34.05 -32.21 -46.49
CA GLY A 278 35.33 -32.88 -46.60
C GLY A 278 35.79 -33.40 -45.26
N VAL A 279 35.60 -32.57 -44.23
CA VAL A 279 36.01 -32.96 -42.91
C VAL A 279 35.34 -34.28 -42.62
N LYS A 280 34.04 -34.33 -42.92
CA LYS A 280 33.25 -35.55 -42.70
C LYS A 280 33.85 -36.74 -43.42
N ASP A 281 34.17 -36.56 -44.70
CA ASP A 281 34.77 -37.63 -45.48
C ASP A 281 35.96 -38.17 -44.70
N LEU A 282 36.91 -37.29 -44.43
CA LEU A 282 38.11 -37.64 -43.68
C LEU A 282 37.81 -38.45 -42.43
N VAL A 283 37.13 -37.84 -41.50
CA VAL A 283 36.83 -38.52 -40.27
C VAL A 283 36.24 -39.90 -40.52
N VAL A 284 35.76 -40.17 -41.74
CA VAL A 284 35.20 -41.51 -41.99
C VAL A 284 36.10 -42.44 -42.83
N ARG A 285 36.71 -41.90 -43.85
CA ARG A 285 37.59 -42.69 -44.68
C ARG A 285 38.76 -43.17 -43.81
N ARG A 286 38.94 -42.57 -42.64
CA ARG A 286 40.06 -42.95 -41.77
C ARG A 286 39.72 -43.69 -40.52
N LEU A 287 38.90 -43.09 -39.67
CA LEU A 287 38.55 -43.75 -38.43
C LEU A 287 37.10 -44.27 -38.56
N GLY A 288 36.40 -43.77 -39.56
CA GLY A 288 35.03 -44.17 -39.86
C GLY A 288 33.93 -44.41 -38.81
N TYR A 289 33.27 -43.34 -38.41
CA TYR A 289 32.18 -43.48 -37.47
C TYR A 289 31.03 -42.68 -38.02
N ASP A 290 29.81 -43.05 -37.67
CA ASP A 290 28.70 -42.27 -38.17
C ASP A 290 29.08 -40.84 -37.83
N THR A 291 29.33 -40.08 -38.88
CA THR A 291 29.72 -38.70 -38.76
C THR A 291 28.73 -37.95 -39.59
N ARG A 292 27.93 -37.08 -38.97
CA ARG A 292 26.97 -36.27 -39.71
C ARG A 292 27.39 -34.81 -39.83
N VAL A 293 26.72 -34.07 -40.67
CA VAL A 293 27.05 -32.67 -40.85
C VAL A 293 25.80 -31.81 -40.85
N THR A 294 25.81 -30.71 -40.13
CA THR A 294 24.66 -29.83 -40.13
C THR A 294 25.17 -28.52 -40.62
N VAL A 295 24.32 -27.70 -41.20
CA VAL A 295 24.78 -26.43 -41.74
C VAL A 295 23.78 -25.39 -41.33
N LEU A 296 23.79 -25.08 -40.03
CA LEU A 296 22.88 -24.10 -39.40
C LEU A 296 22.25 -23.06 -40.32
N GLY A 297 23.08 -22.26 -40.97
CA GLY A 297 22.60 -21.23 -41.88
C GLY A 297 21.34 -20.44 -41.57
N HIS A 298 21.26 -19.24 -42.15
CA HIS A 298 20.13 -18.33 -41.96
C HIS A 298 19.10 -18.60 -40.87
N VAL A 299 19.47 -19.33 -39.82
CA VAL A 299 18.58 -19.54 -38.67
C VAL A 299 19.29 -18.77 -37.58
N GLN A 300 20.62 -18.90 -37.58
CA GLN A 300 21.49 -18.20 -36.62
C GLN A 300 20.97 -16.76 -36.55
N ARG A 301 20.51 -16.28 -37.70
CA ARG A 301 19.96 -14.94 -37.89
C ARG A 301 18.58 -14.72 -37.32
N GLY A 302 17.90 -15.77 -36.90
CA GLY A 302 16.60 -15.50 -36.36
C GLY A 302 16.39 -16.00 -34.97
N GLY A 303 15.14 -16.01 -34.55
CA GLY A 303 14.84 -16.45 -33.21
C GLY A 303 14.67 -15.10 -32.58
N THR A 304 14.23 -15.07 -31.34
CA THR A 304 14.06 -13.77 -30.75
C THR A 304 15.34 -13.30 -30.08
N PRO A 305 15.62 -11.99 -30.19
CA PRO A 305 16.80 -11.32 -29.63
C PRO A 305 16.97 -11.46 -28.14
N SER A 306 18.22 -11.70 -27.77
CA SER A 306 18.63 -11.86 -26.39
C SER A 306 18.70 -10.52 -25.69
N ALA A 307 18.51 -10.58 -24.36
CA ALA A 307 18.55 -9.42 -23.47
C ALA A 307 19.67 -8.52 -23.88
N PHE A 308 20.86 -9.12 -24.01
CA PHE A 308 21.97 -8.29 -24.40
C PHE A 308 21.70 -7.56 -25.69
N ASP A 309 21.20 -8.26 -26.69
CA ASP A 309 21.01 -7.57 -27.93
C ASP A 309 19.92 -6.56 -27.86
N ARG A 310 18.88 -6.85 -27.10
CA ARG A 310 17.84 -5.85 -26.98
C ARG A 310 18.52 -4.69 -26.33
N ILE A 311 19.24 -4.95 -25.24
CA ILE A 311 19.89 -3.85 -24.54
C ILE A 311 20.92 -3.11 -25.43
N LEU A 312 21.80 -3.86 -26.08
CA LEU A 312 22.81 -3.21 -26.91
C LEU A 312 22.22 -2.31 -27.95
N GLY A 313 21.06 -2.70 -28.48
CA GLY A 313 20.42 -1.88 -29.49
C GLY A 313 19.97 -0.53 -28.96
N SER A 314 19.33 -0.57 -27.79
CA SER A 314 18.82 0.64 -27.16
C SER A 314 19.96 1.57 -26.87
N ARG A 315 21.05 1.03 -26.34
CA ARG A 315 22.17 1.86 -26.00
C ARG A 315 22.72 2.49 -27.28
N MET A 316 23.13 1.67 -28.25
CA MET A 316 23.66 2.21 -29.49
C MET A 316 22.69 3.24 -30.08
N GLY A 317 21.41 2.93 -29.97
CA GLY A 317 20.39 3.82 -30.50
C GLY A 317 20.57 5.23 -30.04
N VAL A 318 20.48 5.42 -28.73
CA VAL A 318 20.63 6.75 -28.15
C VAL A 318 21.96 7.34 -28.54
N GLU A 319 23.03 6.56 -28.40
CA GLU A 319 24.31 7.10 -28.77
C GLU A 319 24.28 7.61 -30.20
N ALA A 320 23.54 6.94 -31.07
CA ALA A 320 23.48 7.40 -32.45
C ALA A 320 22.80 8.77 -32.54
N VAL A 321 21.55 8.83 -32.09
CA VAL A 321 20.76 10.05 -32.15
C VAL A 321 21.46 11.26 -31.53
N MET A 322 22.18 11.04 -30.43
CA MET A 322 22.91 12.13 -29.79
C MET A 322 24.02 12.57 -30.71
N ALA A 323 24.80 11.60 -31.15
CA ALA A 323 25.90 11.87 -32.06
C ALA A 323 25.35 12.61 -33.28
N LEU A 324 24.07 12.38 -33.57
CA LEU A 324 23.40 12.99 -34.71
C LEU A 324 23.05 14.46 -34.56
N LEU A 325 22.65 14.85 -33.36
CA LEU A 325 22.32 16.24 -33.10
C LEU A 325 23.62 17.01 -32.85
N GLU A 326 24.49 16.47 -32.00
CA GLU A 326 25.79 17.09 -31.69
C GLU A 326 26.66 17.10 -32.94
N GLY A 327 26.12 16.52 -34.02
CA GLY A 327 26.85 16.48 -35.26
C GLY A 327 27.21 17.89 -35.68
N THR A 328 27.93 18.01 -36.80
CA THR A 328 28.35 19.32 -37.31
C THR A 328 28.84 19.24 -38.76
N PRO A 329 29.03 20.40 -39.40
CA PRO A 329 29.52 20.50 -40.78
C PRO A 329 31.04 20.41 -40.77
N ASP A 330 31.63 20.38 -39.58
CA ASP A 330 33.07 20.30 -39.45
C ASP A 330 33.52 19.00 -38.77
N THR A 331 32.56 18.09 -38.56
CA THR A 331 32.82 16.80 -37.93
C THR A 331 32.81 15.65 -38.92
N PRO A 332 33.65 14.63 -38.67
CA PRO A 332 33.72 13.47 -39.55
C PRO A 332 32.62 12.47 -39.20
N ALA A 333 32.54 11.39 -39.96
CA ALA A 333 31.52 10.39 -39.75
C ALA A 333 31.62 9.60 -38.44
N CYS A 334 30.48 9.44 -37.79
CA CYS A 334 30.42 8.72 -36.53
C CYS A 334 29.96 7.27 -36.68
N VAL A 335 30.46 6.40 -35.80
CA VAL A 335 30.09 4.97 -35.79
C VAL A 335 29.98 4.57 -34.32
N VAL A 336 28.91 4.99 -33.64
CA VAL A 336 28.76 4.64 -32.21
C VAL A 336 29.16 3.19 -31.97
N SER A 337 29.83 2.94 -30.85
CA SER A 337 30.27 1.59 -30.60
C SER A 337 30.30 1.26 -29.12
N LEU A 338 30.28 -0.02 -28.81
CA LEU A 338 30.38 -0.40 -27.42
C LEU A 338 31.89 -0.60 -27.25
N SER A 339 32.41 -0.23 -26.09
CA SER A 339 33.83 -0.38 -25.84
C SER A 339 34.16 -0.25 -24.37
N GLY A 340 34.73 -1.30 -23.81
CA GLY A 340 35.04 -1.23 -22.40
C GLY A 340 33.73 -0.99 -21.69
N ASN A 341 32.68 -1.55 -22.27
CA ASN A 341 31.33 -1.43 -21.73
C ASN A 341 30.77 0.01 -21.62
N GLN A 342 31.35 0.97 -22.34
CA GLN A 342 30.81 2.34 -22.35
C GLN A 342 30.68 2.75 -23.82
N ALA A 343 29.64 3.47 -24.18
CA ALA A 343 29.48 3.88 -25.58
C ALA A 343 30.48 4.89 -26.04
N VAL A 344 31.05 4.64 -27.20
CA VAL A 344 32.02 5.56 -27.76
C VAL A 344 31.49 5.98 -29.14
N ARG A 345 32.25 6.83 -29.83
CA ARG A 345 31.89 7.26 -31.16
C ARG A 345 33.22 7.22 -31.85
N LEU A 346 33.37 6.30 -32.79
CA LEU A 346 34.62 6.18 -33.50
C LEU A 346 34.45 6.65 -34.94
N PRO A 347 35.52 7.23 -35.52
CA PRO A 347 35.52 7.73 -36.88
C PRO A 347 35.24 6.62 -37.89
N LEU A 348 34.14 6.80 -38.62
CA LEU A 348 33.68 5.84 -39.63
C LEU A 348 34.74 5.24 -40.53
N MET A 349 35.47 6.11 -41.23
CA MET A 349 36.51 5.64 -42.13
C MET A 349 37.52 4.81 -41.37
N GLU A 350 38.19 5.42 -40.40
CA GLU A 350 39.19 4.72 -39.60
C GLU A 350 38.69 3.31 -39.44
N CYS A 351 37.46 3.18 -38.94
CA CYS A 351 36.89 1.85 -38.74
C CYS A 351 36.91 0.99 -39.99
N VAL A 352 36.14 1.39 -41.01
CA VAL A 352 36.10 0.64 -42.26
C VAL A 352 37.50 0.43 -42.87
N GLN A 353 38.23 1.51 -43.10
CA GLN A 353 39.56 1.41 -43.69
C GLN A 353 40.45 0.45 -42.91
N VAL A 354 39.89 -0.16 -41.89
CA VAL A 354 40.61 -1.10 -41.04
C VAL A 354 40.00 -2.46 -41.07
N THR A 355 38.72 -2.47 -40.76
CA THR A 355 37.96 -3.69 -40.74
C THR A 355 38.25 -4.37 -42.07
N LYS A 356 38.50 -3.56 -43.09
CA LYS A 356 38.85 -4.06 -44.42
C LYS A 356 40.25 -4.65 -44.32
N ASP A 357 41.17 -3.82 -43.86
CA ASP A 357 42.57 -4.21 -43.69
C ASP A 357 42.77 -5.60 -43.11
N VAL A 358 41.78 -6.14 -42.40
CA VAL A 358 41.97 -7.49 -41.84
C VAL A 358 41.77 -8.56 -42.89
N THR A 359 41.00 -8.25 -43.92
CA THR A 359 40.78 -9.21 -44.97
C THR A 359 42.07 -9.29 -45.76
N LYS A 360 42.55 -8.16 -46.26
CA LYS A 360 43.80 -8.15 -47.02
C LYS A 360 44.77 -8.99 -46.16
N ALA A 361 45.02 -8.50 -44.95
CA ALA A 361 45.91 -9.18 -44.03
C ALA A 361 45.83 -10.70 -44.18
N MET A 362 44.63 -11.20 -44.49
CA MET A 362 44.38 -12.64 -44.63
C MET A 362 44.66 -13.12 -46.03
N ASP A 363 44.30 -12.29 -47.00
CA ASP A 363 44.52 -12.59 -48.42
C ASP A 363 45.99 -12.98 -48.48
N GLU A 364 46.88 -12.04 -48.19
CA GLU A 364 48.30 -12.37 -48.14
C GLU A 364 48.33 -13.45 -47.03
N LYS A 365 48.96 -14.60 -47.26
CA LYS A 365 48.99 -15.65 -46.24
C LYS A 365 49.43 -15.16 -44.85
N ARG A 366 49.38 -13.86 -44.61
CA ARG A 366 49.77 -13.27 -43.32
C ARG A 366 48.73 -13.38 -42.19
N PHE A 367 48.47 -14.62 -41.79
CA PHE A 367 47.52 -14.90 -40.75
C PHE A 367 47.95 -14.42 -39.41
N ASP A 368 49.24 -14.54 -39.12
CA ASP A 368 49.75 -14.04 -37.86
C ASP A 368 49.30 -12.58 -37.87
N GLU A 369 49.38 -11.93 -39.03
CA GLU A 369 48.95 -10.55 -39.11
C GLU A 369 47.45 -10.44 -38.94
N ALA A 370 46.72 -11.31 -39.64
CA ALA A 370 45.26 -11.31 -39.57
C ALA A 370 44.88 -11.46 -38.11
N MET A 371 45.46 -12.47 -37.49
CA MET A 371 45.18 -12.72 -36.11
C MET A 371 45.50 -11.47 -35.30
N LYS A 372 46.43 -10.65 -35.80
CA LYS A 372 46.79 -9.43 -35.09
C LYS A 372 45.68 -8.40 -35.13
N LEU A 373 45.28 -7.99 -36.32
CA LEU A 373 44.23 -7.00 -36.44
C LEU A 373 42.97 -7.37 -35.68
N ARG A 374 42.76 -8.68 -35.46
CA ARG A 374 41.60 -9.17 -34.71
C ARG A 374 42.00 -8.95 -33.24
N GLY A 375 43.25 -9.36 -32.94
CA GLY A 375 43.89 -9.25 -31.65
C GLY A 375 43.15 -9.51 -30.36
N ARG A 376 42.59 -8.44 -29.82
CA ARG A 376 41.81 -8.42 -28.58
C ARG A 376 41.70 -9.73 -27.84
N SER A 377 40.46 -9.96 -27.43
CA SER A 377 40.06 -11.15 -26.71
C SER A 377 40.30 -12.32 -27.64
N PHE A 378 39.91 -12.12 -28.90
CA PHE A 378 40.03 -13.13 -29.93
C PHE A 378 41.21 -14.06 -29.68
N MET A 379 42.43 -13.52 -29.85
CA MET A 379 43.66 -14.28 -29.65
C MET A 379 43.65 -15.06 -28.36
N ASN A 380 42.99 -14.51 -27.36
CA ASN A 380 42.96 -15.20 -26.09
C ASN A 380 42.08 -16.44 -26.21
N ASN A 381 40.80 -16.20 -26.54
CA ASN A 381 39.80 -17.24 -26.72
C ASN A 381 40.50 -18.35 -27.47
N TRP A 382 41.23 -17.94 -28.51
CA TRP A 382 41.98 -18.90 -29.32
C TRP A 382 42.89 -19.73 -28.44
N GLU A 383 43.92 -19.09 -27.87
CA GLU A 383 44.90 -19.79 -27.02
C GLU A 383 44.24 -20.54 -25.87
N VAL A 384 43.31 -19.87 -25.21
CA VAL A 384 42.64 -20.52 -24.10
C VAL A 384 41.84 -21.75 -24.50
N TYR A 385 41.19 -21.66 -25.68
CA TYR A 385 40.35 -22.72 -26.24
C TYR A 385 41.15 -23.96 -26.54
N LYS A 386 42.21 -23.79 -27.33
CA LYS A 386 43.10 -24.88 -27.71
C LYS A 386 43.62 -25.57 -26.46
N LEU A 387 43.90 -24.74 -25.48
CA LEU A 387 44.44 -25.24 -24.24
C LEU A 387 43.49 -26.11 -23.49
N LEU A 388 42.25 -25.67 -23.42
CA LEU A 388 41.25 -26.41 -22.68
C LEU A 388 40.68 -27.64 -23.39
N ALA A 389 40.63 -27.58 -24.72
CA ALA A 389 40.11 -28.69 -25.52
C ALA A 389 41.28 -29.64 -25.66
N HIS A 390 42.43 -29.08 -25.36
CA HIS A 390 43.69 -29.76 -25.43
C HIS A 390 43.75 -31.27 -25.31
N ILE A 391 44.69 -31.80 -26.08
CA ILE A 391 45.02 -33.21 -26.18
C ILE A 391 44.97 -33.76 -24.74
N ARG A 392 45.99 -33.43 -23.95
CA ARG A 392 46.08 -33.84 -22.54
C ARG A 392 47.36 -33.37 -21.80
N PRO A 393 47.34 -33.46 -20.47
CA PRO A 393 48.36 -33.11 -19.48
C PRO A 393 49.71 -33.82 -19.51
N PRO A 394 50.81 -33.06 -19.37
CA PRO A 394 52.20 -33.55 -19.37
C PRO A 394 52.63 -34.29 -18.08
N ALA A 395 53.95 -34.30 -17.82
CA ALA A 395 54.52 -34.97 -16.63
C ALA A 395 54.29 -34.22 -15.32
N PRO A 396 53.34 -34.69 -14.50
CA PRO A 396 52.98 -34.13 -13.20
C PRO A 396 54.00 -34.38 -12.09
N LYS A 397 53.47 -34.65 -10.90
CA LYS A 397 54.27 -34.95 -9.71
C LYS A 397 55.40 -33.94 -9.51
N SER A 398 56.26 -34.20 -8.53
CA SER A 398 57.39 -33.33 -8.21
C SER A 398 56.97 -32.16 -7.31
N GLY A 399 57.80 -31.11 -7.26
CA GLY A 399 57.48 -29.94 -6.46
C GLY A 399 56.49 -29.01 -7.13
N SER A 400 55.37 -29.59 -7.49
CA SER A 400 54.32 -28.84 -8.13
C SER A 400 53.47 -28.17 -7.05
N TYR A 401 53.17 -26.90 -7.24
CA TYR A 401 52.33 -26.20 -6.29
C TYR A 401 50.93 -26.82 -6.37
N THR A 402 50.25 -26.94 -5.25
CA THR A 402 48.90 -27.50 -5.29
C THR A 402 47.80 -26.42 -4.94
N VAL A 403 46.76 -26.34 -5.75
CA VAL A 403 45.73 -25.33 -5.52
C VAL A 403 44.38 -25.97 -5.28
N ALA A 404 43.52 -25.23 -4.60
CA ALA A 404 42.18 -25.72 -4.32
C ALA A 404 41.19 -24.73 -4.87
N VAL A 405 40.12 -25.26 -5.47
CA VAL A 405 39.06 -24.44 -6.03
C VAL A 405 37.73 -24.86 -5.41
N MET A 406 36.91 -23.83 -5.16
CA MET A 406 35.63 -23.95 -4.48
C MET A 406 34.61 -22.89 -4.86
N ASN A 407 33.36 -23.22 -4.52
CA ASN A 407 32.26 -22.33 -4.80
C ASN A 407 31.73 -21.81 -3.50
N VAL A 408 31.22 -20.60 -3.51
CA VAL A 408 30.72 -20.04 -2.29
C VAL A 408 29.56 -19.15 -2.61
N GLY A 409 28.44 -19.39 -1.90
CA GLY A 409 27.24 -18.58 -2.05
C GLY A 409 26.10 -19.18 -2.85
N ALA A 410 25.17 -18.33 -3.25
CA ALA A 410 24.05 -18.80 -4.04
C ALA A 410 24.68 -19.34 -5.33
N PRO A 411 24.09 -20.39 -5.93
CA PRO A 411 24.63 -20.97 -7.19
C PRO A 411 24.48 -20.04 -8.40
N ALA A 412 25.28 -20.31 -9.41
CA ALA A 412 25.20 -19.47 -10.59
C ALA A 412 25.47 -20.21 -11.90
N ALA A 413 24.97 -19.66 -13.00
CA ALA A 413 25.20 -20.32 -14.28
C ALA A 413 26.58 -19.88 -14.70
N GLY A 414 27.53 -20.82 -14.67
CA GLY A 414 28.90 -20.50 -15.04
C GLY A 414 29.92 -21.05 -14.04
N MET A 415 29.45 -21.34 -12.83
CA MET A 415 30.32 -21.87 -11.84
C MET A 415 31.03 -23.08 -12.35
N ASN A 416 30.30 -24.01 -12.98
CA ASN A 416 30.95 -25.23 -13.46
C ASN A 416 31.89 -24.88 -14.61
N ALA A 417 31.48 -23.90 -15.40
CA ALA A 417 32.32 -23.47 -16.52
C ALA A 417 33.62 -23.00 -15.95
N ALA A 418 33.53 -22.23 -14.87
CA ALA A 418 34.70 -21.68 -14.20
C ALA A 418 35.55 -22.78 -13.56
N VAL A 419 34.96 -23.59 -12.70
CA VAL A 419 35.73 -24.65 -12.09
C VAL A 419 36.47 -25.47 -13.13
N ARG A 420 35.77 -25.89 -14.17
CA ARG A 420 36.42 -26.71 -15.19
C ARG A 420 37.69 -26.09 -15.76
N SER A 421 37.65 -24.81 -16.03
CA SER A 421 38.76 -24.07 -16.58
C SER A 421 39.85 -24.04 -15.55
N THR A 422 39.52 -23.52 -14.40
CA THR A 422 40.46 -23.42 -13.29
C THR A 422 41.23 -24.72 -13.14
N VAL A 423 40.53 -25.85 -13.10
CA VAL A 423 41.25 -27.10 -12.95
C VAL A 423 42.14 -27.37 -14.17
N ARG A 424 41.56 -27.44 -15.35
CA ARG A 424 42.36 -27.73 -16.53
C ARG A 424 43.60 -26.88 -16.68
N ILE A 425 43.44 -25.55 -16.70
CA ILE A 425 44.62 -24.67 -16.87
C ILE A 425 45.57 -25.02 -15.77
N GLY A 426 45.00 -25.29 -14.61
CA GLY A 426 45.83 -25.71 -13.50
C GLY A 426 46.75 -26.85 -13.93
N LEU A 427 46.18 -27.97 -14.34
CA LEU A 427 46.98 -29.12 -14.75
C LEU A 427 47.86 -28.82 -15.94
N ILE A 428 47.45 -27.91 -16.80
CA ILE A 428 48.31 -27.62 -17.92
C ILE A 428 49.59 -27.00 -17.37
N GLN A 429 49.51 -26.38 -16.20
CA GLN A 429 50.68 -25.74 -15.64
C GLN A 429 51.57 -26.75 -14.96
N GLY A 430 50.99 -27.86 -14.57
CA GLY A 430 51.79 -28.88 -13.93
C GLY A 430 51.53 -28.85 -12.44
N ASN A 431 50.59 -28.02 -12.01
CA ASN A 431 50.27 -27.95 -10.60
C ASN A 431 49.17 -28.95 -10.23
N ARG A 432 49.11 -29.35 -8.95
CA ARG A 432 48.09 -30.27 -8.48
C ARG A 432 46.85 -29.41 -8.23
N VAL A 433 45.65 -29.98 -8.32
CA VAL A 433 44.44 -29.18 -8.07
C VAL A 433 43.42 -29.97 -7.30
N LEU A 434 43.04 -29.47 -6.15
CA LEU A 434 42.06 -30.15 -5.31
C LEU A 434 40.80 -29.44 -5.57
N VAL A 435 39.73 -30.09 -5.24
CA VAL A 435 38.44 -29.54 -5.51
C VAL A 435 37.65 -29.59 -4.18
N VAL A 436 36.98 -28.51 -3.81
CA VAL A 436 36.30 -28.49 -2.52
C VAL A 436 34.80 -28.54 -2.55
N HIS A 437 34.25 -29.51 -1.84
CA HIS A 437 32.81 -29.63 -1.84
C HIS A 437 32.18 -28.71 -0.82
N ASP A 438 31.26 -27.89 -1.27
CA ASP A 438 30.51 -27.00 -0.37
C ASP A 438 31.24 -25.85 0.23
N GLY A 439 31.67 -24.94 -0.64
CA GLY A 439 32.36 -23.76 -0.17
C GLY A 439 33.25 -23.92 1.05
N PHE A 440 33.16 -22.95 1.93
CA PHE A 440 33.98 -22.97 3.11
C PHE A 440 33.65 -24.12 4.04
N GLU A 441 32.39 -24.56 4.09
CA GLU A 441 32.02 -25.70 4.92
C GLU A 441 32.96 -26.83 4.47
N GLY A 442 33.56 -26.62 3.30
CA GLY A 442 34.48 -27.58 2.73
C GLY A 442 35.80 -27.73 3.41
N PRO A 443 36.79 -26.77 3.28
CA PRO A 443 38.09 -26.93 3.94
C PRO A 443 37.83 -27.25 5.39
N ALA A 444 36.82 -26.61 5.95
CA ALA A 444 36.48 -26.88 7.33
C ALA A 444 36.15 -28.37 7.51
N LYS A 445 34.98 -28.82 7.05
CA LYS A 445 34.61 -30.23 7.20
C LYS A 445 35.57 -31.16 6.49
N GLY A 446 36.51 -30.60 5.75
CA GLY A 446 37.51 -31.39 5.05
C GLY A 446 37.10 -32.24 3.87
N GLN A 447 36.04 -31.87 3.15
CA GLN A 447 35.56 -32.60 1.97
C GLN A 447 36.28 -32.07 0.73
N ILE A 448 37.53 -32.51 0.60
CA ILE A 448 38.44 -32.09 -0.43
C ILE A 448 38.93 -33.28 -1.20
N GLU A 449 39.16 -33.14 -2.49
CA GLU A 449 39.69 -34.25 -3.28
C GLU A 449 40.44 -33.70 -4.47
N GLU A 450 41.33 -34.52 -5.03
CA GLU A 450 42.17 -34.16 -6.18
C GLU A 450 41.39 -34.23 -7.45
N ALA A 451 41.54 -33.25 -8.30
CA ALA A 451 40.81 -33.25 -9.56
C ALA A 451 41.68 -33.59 -10.76
N GLY A 452 41.36 -34.71 -11.40
CA GLY A 452 42.09 -35.10 -12.58
C GLY A 452 41.50 -34.31 -13.72
N TRP A 453 42.14 -34.36 -14.87
CA TRP A 453 41.69 -33.64 -16.06
C TRP A 453 40.26 -33.94 -16.52
N SER A 454 39.74 -35.13 -16.20
CA SER A 454 38.38 -35.46 -16.61
C SER A 454 37.34 -35.06 -15.56
N TYR A 455 37.73 -35.03 -14.29
CA TYR A 455 36.81 -34.66 -13.24
C TYR A 455 35.84 -33.59 -13.71
N VAL A 456 36.29 -32.68 -14.56
CA VAL A 456 35.45 -31.59 -15.04
C VAL A 456 34.95 -31.75 -16.47
N GLY A 457 35.02 -32.99 -16.98
CA GLY A 457 34.61 -33.28 -18.34
C GLY A 457 33.23 -32.75 -18.65
N GLY A 458 33.17 -31.91 -19.68
CA GLY A 458 31.91 -31.31 -20.09
C GLY A 458 31.06 -30.83 -18.94
N TRP A 459 31.51 -29.75 -18.32
CA TRP A 459 30.84 -29.14 -17.20
C TRP A 459 30.47 -27.78 -17.74
N THR A 460 31.31 -27.32 -18.63
CA THR A 460 31.17 -26.02 -19.23
C THR A 460 29.71 -25.62 -19.49
N GLY A 461 28.93 -26.54 -20.05
CA GLY A 461 27.53 -26.27 -20.31
C GLY A 461 26.59 -26.49 -19.14
N GLN A 462 26.92 -27.37 -18.18
CA GLN A 462 26.06 -27.66 -17.03
C GLN A 462 25.82 -26.49 -16.06
N GLY A 463 24.55 -26.18 -15.82
CA GLY A 463 24.19 -25.10 -14.92
C GLY A 463 24.29 -25.52 -13.45
N GLY A 464 23.85 -24.65 -12.54
CA GLY A 464 23.94 -24.97 -11.12
C GLY A 464 25.39 -25.07 -10.65
N SER A 465 25.63 -25.82 -9.58
CA SER A 465 26.98 -25.98 -9.05
C SER A 465 27.39 -27.41 -8.82
N LYS A 466 28.08 -28.03 -9.78
CA LYS A 466 28.51 -29.42 -9.57
C LYS A 466 29.16 -29.59 -8.19
N LEU A 467 30.24 -28.85 -7.91
CA LEU A 467 30.98 -28.97 -6.65
C LEU A 467 30.19 -28.75 -5.35
N GLY A 468 29.18 -27.90 -5.41
CA GLY A 468 28.42 -27.66 -4.20
C GLY A 468 28.82 -26.32 -3.63
N SER A 469 27.87 -25.45 -3.35
CA SER A 469 28.24 -24.18 -2.79
C SER A 469 27.33 -23.86 -1.62
N LYS A 470 27.88 -23.21 -0.60
CA LYS A 470 27.12 -22.80 0.57
C LYS A 470 27.61 -21.38 0.91
N ARG A 471 26.73 -20.47 1.27
CA ARG A 471 27.20 -19.11 1.56
C ARG A 471 27.79 -18.84 2.93
N THR A 472 28.04 -19.92 3.67
CA THR A 472 28.62 -19.79 5.00
C THR A 472 30.07 -19.29 4.96
N LEU A 473 30.39 -18.39 5.89
CA LEU A 473 31.72 -17.78 6.00
C LEU A 473 32.80 -18.62 6.69
N PRO A 474 34.07 -18.18 6.65
CA PRO A 474 35.09 -19.02 7.29
C PRO A 474 35.64 -18.76 8.68
N LYS A 475 35.70 -17.49 9.06
CA LYS A 475 36.27 -17.11 10.35
C LYS A 475 35.96 -18.07 11.47
N LYS A 476 34.69 -18.25 11.76
CA LYS A 476 34.29 -19.12 12.85
C LYS A 476 34.89 -20.51 12.80
N SER A 477 35.74 -20.82 11.82
CA SER A 477 36.32 -22.16 11.75
C SER A 477 37.71 -22.22 11.15
N PHE A 478 38.48 -21.15 11.35
CA PHE A 478 39.84 -21.08 10.87
C PHE A 478 40.63 -22.24 11.38
N GLU A 479 40.44 -22.59 12.64
CA GLU A 479 41.13 -23.73 13.22
C GLU A 479 41.01 -24.86 12.23
N GLN A 480 39.79 -25.34 12.02
CA GLN A 480 39.54 -26.43 11.07
C GLN A 480 40.18 -26.22 9.72
N ILE A 481 39.85 -25.12 9.05
CA ILE A 481 40.41 -24.97 7.73
C ILE A 481 41.91 -24.94 7.75
N SER A 482 42.51 -24.09 8.56
CA SER A 482 43.97 -23.98 8.60
C SER A 482 44.58 -25.38 8.79
N ALA A 483 43.92 -26.16 9.63
CA ALA A 483 44.36 -27.50 9.87
C ALA A 483 44.41 -28.28 8.57
N ASN A 484 43.35 -28.15 7.77
CA ASN A 484 43.24 -28.83 6.47
C ASN A 484 44.10 -28.21 5.41
N ILE A 485 44.18 -26.89 5.37
CA ILE A 485 45.01 -26.32 4.35
C ILE A 485 46.43 -26.80 4.61
N THR A 486 46.68 -27.23 5.85
CA THR A 486 48.01 -27.74 6.17
C THR A 486 48.13 -29.23 5.85
N LYS A 487 47.06 -29.97 6.07
CA LYS A 487 47.06 -31.40 5.81
C LYS A 487 46.97 -31.77 4.34
N PHE A 488 46.13 -31.06 3.60
CA PHE A 488 45.96 -31.35 2.18
C PHE A 488 47.00 -30.65 1.37
N ASN A 489 47.72 -29.77 2.04
CA ASN A 489 48.76 -29.01 1.41
C ASN A 489 48.22 -27.94 0.43
N ILE A 490 47.05 -27.43 0.74
CA ILE A 490 46.47 -26.40 -0.09
C ILE A 490 47.44 -25.23 0.13
N GLN A 491 47.79 -24.52 -0.91
CA GLN A 491 48.68 -23.41 -0.79
C GLN A 491 48.34 -22.41 -1.86
N GLY A 492 47.06 -22.08 -1.97
CA GLY A 492 46.53 -21.16 -2.96
C GLY A 492 45.04 -21.42 -3.04
N LEU A 493 44.23 -20.38 -3.15
CA LEU A 493 42.79 -20.58 -3.21
C LEU A 493 42.12 -19.85 -4.37
N VAL A 494 41.24 -20.56 -5.06
CA VAL A 494 40.47 -19.97 -6.15
C VAL A 494 39.03 -20.11 -5.75
N ILE A 495 38.42 -18.98 -5.40
CA ILE A 495 37.04 -18.94 -4.92
C ILE A 495 36.09 -18.34 -5.96
N ILE A 496 35.16 -19.19 -6.41
CA ILE A 496 34.16 -18.79 -7.37
C ILE A 496 32.90 -18.68 -6.56
N GLY A 497 32.35 -17.48 -6.55
CA GLY A 497 31.15 -17.22 -5.76
C GLY A 497 30.78 -15.75 -5.90
N GLY A 498 29.85 -15.31 -5.04
CA GLY A 498 29.39 -13.93 -5.14
C GLY A 498 29.78 -13.05 -3.98
N PHE A 499 28.83 -12.32 -3.38
CA PHE A 499 29.22 -11.44 -2.30
C PHE A 499 29.93 -12.12 -1.15
N GLU A 500 29.54 -13.36 -0.81
CA GLU A 500 30.20 -14.07 0.28
C GLU A 500 31.59 -14.49 -0.14
N ALA A 501 31.85 -14.51 -1.44
CA ALA A 501 33.16 -14.90 -1.88
C ALA A 501 34.07 -13.73 -1.52
N TYR A 502 33.64 -12.54 -1.88
CA TYR A 502 34.40 -11.34 -1.57
C TYR A 502 34.51 -11.19 -0.05
N THR A 503 33.36 -11.25 0.58
CA THR A 503 33.26 -11.12 1.99
C THR A 503 34.04 -12.18 2.71
N GLY A 504 33.98 -13.41 2.27
CA GLY A 504 34.76 -14.40 2.97
C GLY A 504 36.22 -14.20 2.61
N GLY A 505 36.45 -13.49 1.54
CA GLY A 505 37.80 -13.25 1.12
C GLY A 505 38.40 -12.29 2.10
N LEU A 506 37.68 -11.21 2.41
CA LEU A 506 38.17 -10.24 3.38
C LEU A 506 38.38 -11.01 4.69
N GLU A 507 37.43 -11.87 5.00
CA GLU A 507 37.58 -12.60 6.21
C GLU A 507 38.84 -13.42 6.19
N LEU A 508 39.40 -13.67 5.02
CA LEU A 508 40.61 -14.46 5.02
C LEU A 508 41.77 -13.62 5.45
N MET A 509 41.94 -12.45 4.84
CA MET A 509 43.02 -11.57 5.19
C MET A 509 43.16 -11.48 6.71
N GLU A 510 42.09 -11.09 7.39
CA GLU A 510 42.19 -11.01 8.83
C GLU A 510 42.88 -12.23 9.39
N GLY A 511 42.54 -13.39 8.88
CA GLY A 511 43.14 -14.60 9.39
C GLY A 511 44.64 -14.61 9.24
N ARG A 512 45.12 -13.97 8.19
CA ARG A 512 46.53 -13.90 7.92
C ARG A 512 47.24 -13.33 9.17
N LYS A 513 46.50 -12.61 10.01
CA LYS A 513 47.05 -12.02 11.23
C LYS A 513 47.16 -12.99 12.39
N GLN A 514 46.28 -13.97 12.43
CA GLN A 514 46.23 -14.93 13.49
C GLN A 514 46.71 -16.30 13.05
N PHE A 515 46.68 -16.61 11.76
CA PHE A 515 47.13 -17.94 11.32
C PHE A 515 48.13 -17.92 10.18
N ASP A 516 49.20 -18.68 10.35
CA ASP A 516 50.23 -18.70 9.33
C ASP A 516 49.71 -19.36 8.09
N GLU A 517 48.96 -20.47 8.26
CA GLU A 517 48.39 -21.21 7.14
C GLU A 517 47.62 -20.29 6.17
N LEU A 518 46.74 -19.47 6.73
CA LEU A 518 45.98 -18.55 5.95
C LEU A 518 46.83 -17.60 5.09
N CYS A 519 48.14 -17.68 5.29
CA CYS A 519 48.98 -16.76 4.55
C CYS A 519 49.38 -17.22 3.16
N ILE A 520 48.37 -17.73 2.44
CA ILE A 520 48.52 -18.17 1.04
C ILE A 520 47.78 -17.13 0.23
N PRO A 521 47.89 -17.17 -1.10
CA PRO A 521 47.16 -16.14 -1.88
C PRO A 521 45.78 -16.69 -2.31
N PHE A 522 44.87 -15.79 -2.73
CA PHE A 522 43.56 -16.25 -3.20
C PHE A 522 42.95 -15.29 -4.23
N VAL A 523 42.21 -15.81 -5.21
CA VAL A 523 41.53 -14.94 -6.21
C VAL A 523 40.09 -15.16 -6.02
N VAL A 524 39.31 -14.13 -6.30
CA VAL A 524 37.87 -14.31 -6.20
C VAL A 524 37.16 -14.04 -7.53
N ILE A 525 36.65 -15.12 -8.12
CA ILE A 525 35.91 -15.03 -9.37
C ILE A 525 34.42 -14.85 -9.05
N PRO A 526 33.88 -13.70 -9.41
CA PRO A 526 32.48 -13.38 -9.16
C PRO A 526 31.44 -14.20 -9.93
N ALA A 527 30.60 -14.87 -9.15
CA ALA A 527 29.57 -15.69 -9.69
C ALA A 527 28.36 -15.39 -8.88
N THR A 528 27.52 -14.51 -9.40
CA THR A 528 26.31 -14.22 -8.71
C THR A 528 25.27 -13.73 -9.70
N VAL A 529 24.09 -14.30 -9.57
CA VAL A 529 22.93 -13.95 -10.36
C VAL A 529 22.70 -12.45 -10.32
N SER A 530 22.78 -11.91 -9.11
CA SER A 530 22.52 -10.51 -8.84
C SER A 530 23.44 -9.41 -9.32
N ASN A 531 24.69 -9.72 -9.63
CA ASN A 531 25.65 -8.70 -10.07
C ASN A 531 25.89 -7.62 -9.02
N ASN A 532 25.97 -8.08 -7.76
CA ASN A 532 26.17 -7.25 -6.59
C ASN A 532 27.56 -7.33 -6.03
N VAL A 533 28.54 -7.76 -6.82
CA VAL A 533 29.88 -7.81 -6.25
C VAL A 533 30.80 -6.63 -6.57
N PRO A 534 31.42 -6.05 -5.52
CA PRO A 534 32.29 -4.91 -5.82
C PRO A 534 33.41 -5.47 -6.63
N GLY A 535 33.97 -4.67 -7.53
CA GLY A 535 35.08 -5.19 -8.27
C GLY A 535 34.91 -5.47 -9.74
N SER A 536 33.67 -5.73 -10.17
CA SER A 536 33.43 -6.02 -11.58
C SER A 536 32.16 -5.37 -12.11
N ASP A 537 32.08 -5.14 -13.43
CA ASP A 537 30.90 -4.56 -14.07
C ASP A 537 29.87 -5.68 -14.17
N PHE A 538 30.34 -6.93 -14.29
CA PHE A 538 29.45 -8.10 -14.37
C PHE A 538 29.89 -9.31 -13.57
N SER A 539 28.99 -9.99 -12.89
CA SER A 539 29.37 -11.23 -12.21
C SER A 539 29.05 -12.34 -13.21
N VAL A 540 29.15 -13.61 -12.83
CA VAL A 540 28.83 -14.66 -13.77
C VAL A 540 27.48 -15.21 -13.43
N GLY A 541 26.63 -15.47 -14.44
CA GLY A 541 25.29 -16.02 -14.23
C GLY A 541 24.24 -14.92 -14.20
N ALA A 542 24.70 -13.67 -14.38
CA ALA A 542 23.82 -12.51 -14.38
C ALA A 542 23.03 -12.50 -15.68
N ASP A 543 23.73 -12.62 -16.80
CA ASP A 543 23.12 -12.68 -18.14
C ASP A 543 22.09 -13.81 -18.11
N THR A 544 22.53 -15.00 -17.73
CA THR A 544 21.62 -16.11 -17.65
C THR A 544 20.35 -15.76 -16.88
N ALA A 545 20.47 -15.03 -15.78
CA ALA A 545 19.28 -14.66 -15.03
C ALA A 545 18.60 -13.63 -15.88
N LEU A 546 19.25 -12.50 -16.05
CA LEU A 546 18.73 -11.41 -16.83
C LEU A 546 18.07 -11.91 -18.11
N ASN A 547 18.53 -13.04 -18.62
CA ASN A 547 17.94 -13.53 -19.84
C ASN A 547 16.68 -14.34 -19.65
N THR A 548 16.42 -14.73 -18.42
CA THR A 548 15.26 -15.50 -18.09
C THR A 548 14.20 -14.51 -17.64
N ILE A 549 14.62 -13.43 -17.02
CA ILE A 549 13.66 -12.44 -16.56
C ILE A 549 13.00 -12.02 -17.85
N CYS A 550 13.79 -11.40 -18.71
CA CYS A 550 13.34 -10.95 -20.02
C CYS A 550 12.32 -11.90 -20.63
N THR A 551 12.71 -13.15 -20.81
CA THR A 551 11.81 -14.13 -21.37
C THR A 551 10.44 -14.16 -20.70
N THR A 552 10.35 -14.61 -19.46
CA THR A 552 9.05 -14.65 -18.81
C THR A 552 8.39 -13.24 -18.75
N CYS A 553 9.18 -12.18 -18.77
CA CYS A 553 8.51 -10.91 -18.77
C CYS A 553 7.71 -10.85 -20.06
N ASP A 554 8.36 -11.10 -21.20
CA ASP A 554 7.72 -11.11 -22.52
C ASP A 554 6.51 -12.01 -22.52
N ARG A 555 6.64 -13.21 -21.95
CA ARG A 555 5.52 -14.16 -21.84
C ARG A 555 4.38 -13.45 -21.10
N ILE A 556 4.47 -13.34 -19.77
CA ILE A 556 3.45 -12.66 -18.97
C ILE A 556 2.80 -11.56 -19.80
N LYS A 557 3.61 -10.59 -20.20
CA LYS A 557 3.13 -9.46 -20.99
C LYS A 557 2.37 -9.89 -22.23
N GLN A 558 3.07 -10.34 -23.27
CA GLN A 558 2.40 -10.76 -24.50
C GLN A 558 1.58 -12.04 -24.32
N SER A 559 0.76 -12.06 -23.28
CA SER A 559 -0.08 -13.21 -22.99
C SER A 559 -1.41 -12.69 -22.46
N ALA A 560 -2.38 -13.60 -22.37
CA ALA A 560 -3.70 -13.25 -21.89
C ALA A 560 -4.14 -11.96 -22.57
N ALA A 561 -3.55 -11.68 -23.73
CA ALA A 561 -3.84 -10.48 -24.52
C ALA A 561 -5.34 -10.36 -24.82
N GLY A 562 -6.11 -11.30 -24.28
CA GLY A 562 -7.54 -11.28 -24.46
C GLY A 562 -8.15 -10.18 -23.64
N THR A 563 -7.89 -10.20 -22.33
CA THR A 563 -8.43 -9.18 -21.42
C THR A 563 -8.24 -7.78 -21.99
N LYS A 564 -7.24 -7.62 -22.86
CA LYS A 564 -6.95 -6.36 -23.53
C LYS A 564 -6.90 -5.19 -22.57
N ARG A 565 -5.93 -4.30 -22.81
CA ARG A 565 -5.75 -3.13 -21.97
C ARG A 565 -5.63 -3.62 -20.51
N ARG A 566 -4.43 -4.10 -20.16
CA ARG A 566 -4.12 -4.68 -18.85
C ARG A 566 -2.68 -4.31 -18.49
N VAL A 567 -2.38 -4.19 -17.18
CA VAL A 567 -1.02 -3.83 -16.71
C VAL A 567 -0.43 -4.85 -15.74
N PHE A 568 0.85 -5.17 -15.90
CA PHE A 568 1.50 -6.11 -14.99
C PHE A 568 2.59 -5.50 -14.11
N ILE A 569 2.56 -5.85 -12.83
CA ILE A 569 3.54 -5.38 -11.88
C ILE A 569 4.38 -6.61 -11.60
N ILE A 570 5.66 -6.58 -11.97
CA ILE A 570 6.54 -7.73 -11.74
C ILE A 570 7.65 -7.41 -10.74
N GLU A 571 7.88 -8.32 -9.79
CA GLU A 571 8.92 -8.18 -8.78
C GLU A 571 10.12 -9.07 -9.11
N THR A 572 11.25 -8.47 -9.46
CA THR A 572 12.44 -9.26 -9.80
C THR A 572 13.30 -9.43 -8.56
N MET A 573 14.30 -10.31 -8.65
CA MET A 573 15.21 -10.63 -7.55
C MET A 573 16.42 -9.71 -7.58
N GLY A 574 17.47 -10.05 -6.81
CA GLY A 574 18.67 -9.24 -6.76
C GLY A 574 18.93 -8.52 -5.44
N GLY A 575 18.21 -8.91 -4.39
CA GLY A 575 18.38 -8.28 -3.09
C GLY A 575 18.24 -6.79 -3.23
N TYR A 576 19.19 -6.02 -2.76
CA TYR A 576 19.08 -4.59 -2.93
C TYR A 576 19.69 -4.20 -4.23
N CYS A 577 20.32 -5.10 -4.96
CA CYS A 577 20.89 -4.66 -6.22
C CYS A 577 19.90 -4.65 -7.32
N GLY A 578 19.59 -3.45 -7.80
CA GLY A 578 18.63 -3.36 -8.86
C GLY A 578 19.30 -3.41 -10.22
N TYR A 579 20.04 -4.46 -10.51
CA TYR A 579 20.69 -4.57 -11.82
C TYR A 579 19.69 -5.29 -12.69
N LEU A 580 19.35 -6.52 -12.29
CA LEU A 580 18.36 -7.29 -13.00
C LEU A 580 17.16 -6.38 -13.29
N ALA A 581 16.48 -5.93 -12.24
CA ALA A 581 15.35 -5.05 -12.42
C ALA A 581 15.64 -3.97 -13.44
N THR A 582 16.69 -3.18 -13.24
CA THR A 582 16.96 -2.13 -14.22
C THR A 582 17.18 -2.67 -15.62
N MET A 583 18.06 -3.65 -15.76
CA MET A 583 18.33 -4.18 -17.07
C MET A 583 17.10 -4.80 -17.72
N ALA A 584 16.44 -5.73 -17.06
CA ALA A 584 15.24 -6.31 -17.63
C ALA A 584 14.27 -5.17 -17.93
N GLY A 585 14.06 -4.30 -16.95
CA GLY A 585 13.16 -3.21 -17.18
C GLY A 585 13.41 -2.52 -18.51
N LEU A 586 14.66 -2.45 -18.93
CA LEU A 586 14.98 -1.80 -20.18
C LEU A 586 14.85 -2.78 -21.35
N ALA A 587 15.18 -4.05 -21.16
CA ALA A 587 15.06 -5.02 -22.25
C ALA A 587 13.64 -5.38 -22.63
N ALA A 588 12.76 -5.42 -21.65
CA ALA A 588 11.36 -5.73 -21.93
C ALA A 588 10.57 -4.43 -21.91
N GLY A 589 11.26 -3.33 -22.20
CA GLY A 589 10.63 -2.02 -22.20
C GLY A 589 9.50 -1.75 -21.21
N ALA A 590 9.79 -1.88 -19.92
CA ALA A 590 8.80 -1.61 -18.88
C ALA A 590 8.73 -0.08 -18.65
N ASP A 591 7.55 0.41 -18.24
CA ASP A 591 7.31 1.84 -18.01
C ASP A 591 8.10 2.37 -16.84
N ALA A 592 8.46 1.48 -15.94
CA ALA A 592 9.20 1.89 -14.77
C ALA A 592 9.71 0.66 -14.07
N ALA A 593 10.93 0.75 -13.53
CA ALA A 593 11.56 -0.34 -12.79
C ALA A 593 12.05 0.29 -11.50
N TYR A 594 11.29 0.09 -10.44
CA TYR A 594 11.63 0.65 -9.15
C TYR A 594 12.76 -0.12 -8.48
N ILE A 595 13.92 0.53 -8.36
CA ILE A 595 15.07 -0.09 -7.73
C ILE A 595 15.51 0.71 -6.50
N PHE A 596 16.30 0.05 -5.65
CA PHE A 596 16.81 0.65 -4.41
C PHE A 596 17.85 1.74 -4.61
N GLU A 597 18.81 1.49 -5.48
CA GLU A 597 19.84 2.45 -5.70
C GLU A 597 19.29 3.79 -6.19
N GLU A 598 17.98 3.93 -6.27
CA GLU A 598 17.42 5.21 -6.74
C GLU A 598 16.06 5.37 -6.11
N PRO A 599 16.03 5.99 -4.93
CA PRO A 599 14.87 6.26 -4.09
C PRO A 599 13.76 7.09 -4.71
N PHE A 600 12.54 6.64 -4.47
CA PHE A 600 11.37 7.29 -5.02
C PHE A 600 10.32 7.65 -3.99
N THR A 601 9.95 8.93 -4.00
CA THR A 601 8.92 9.49 -3.13
C THR A 601 7.56 9.17 -3.76
N ILE A 602 6.50 9.08 -2.97
CA ILE A 602 5.18 8.80 -3.54
C ILE A 602 4.76 9.88 -4.55
N ARG A 603 5.31 11.09 -4.39
CA ARG A 603 5.01 12.15 -5.33
C ARG A 603 5.52 11.64 -6.68
N ASP A 604 6.44 10.68 -6.64
CA ASP A 604 6.96 10.11 -7.88
C ASP A 604 5.92 9.09 -8.29
N LEU A 605 5.89 7.95 -7.60
CA LEU A 605 4.93 6.89 -7.85
C LEU A 605 3.71 7.40 -8.57
N GLN A 606 3.10 8.47 -8.04
CA GLN A 606 1.93 9.09 -8.67
C GLN A 606 2.28 9.61 -10.05
N ALA A 607 3.17 10.59 -10.10
CA ALA A 607 3.59 11.13 -11.39
C ALA A 607 3.82 10.01 -12.39
N ASN A 608 4.16 8.83 -11.87
CA ASN A 608 4.45 7.68 -12.69
C ASN A 608 3.23 6.89 -13.08
N VAL A 609 2.26 6.81 -12.18
CA VAL A 609 1.03 6.08 -12.49
C VAL A 609 0.04 7.00 -13.19
N GLU A 610 0.07 8.28 -12.83
CA GLU A 610 -0.80 9.24 -13.47
C GLU A 610 -0.19 9.39 -14.85
N HIS A 611 0.67 8.44 -15.21
CA HIS A 611 1.36 8.46 -16.51
C HIS A 611 1.09 7.23 -17.36
N LEU A 612 1.17 6.05 -16.78
CA LEU A 612 0.89 4.85 -17.54
C LEU A 612 -0.56 4.99 -17.92
N VAL A 613 -1.37 5.48 -16.99
CA VAL A 613 -2.79 5.64 -17.26
C VAL A 613 -3.01 6.47 -18.52
N GLN A 614 -2.48 7.69 -18.55
CA GLN A 614 -2.63 8.50 -19.75
C GLN A 614 -2.22 7.78 -21.04
N LYS A 615 -1.58 6.63 -20.89
CA LYS A 615 -1.11 5.83 -22.02
C LYS A 615 -2.06 4.66 -22.26
N MET A 616 -2.48 4.01 -21.18
CA MET A 616 -3.40 2.89 -21.30
C MET A 616 -4.71 3.46 -21.79
N LYS A 617 -4.87 4.78 -21.68
CA LYS A 617 -6.09 5.47 -22.11
C LYS A 617 -6.10 5.60 -23.63
N THR A 618 -4.98 6.07 -24.18
CA THR A 618 -4.84 6.25 -25.61
C THR A 618 -4.17 5.06 -26.30
N THR A 619 -2.98 5.32 -26.83
CA THR A 619 -2.15 4.36 -27.54
C THR A 619 -1.97 2.93 -27.01
N VAL A 620 -1.10 2.75 -26.02
CA VAL A 620 -0.77 1.44 -25.41
C VAL A 620 -1.92 0.57 -24.93
N LYS A 621 -1.68 -0.75 -24.98
CA LYS A 621 -2.68 -1.72 -24.56
C LYS A 621 -2.18 -2.64 -23.45
N ARG A 622 -0.86 -2.72 -23.30
CA ARG A 622 -0.30 -3.55 -22.25
C ARG A 622 0.71 -2.76 -21.44
N GLY A 623 0.64 -2.90 -20.12
CA GLY A 623 1.54 -2.18 -19.24
C GLY A 623 2.46 -3.07 -18.42
N LEU A 624 3.73 -2.65 -18.38
CA LEU A 624 4.77 -3.34 -17.63
C LEU A 624 5.40 -2.49 -16.54
N VAL A 625 5.25 -2.93 -15.29
CA VAL A 625 5.80 -2.21 -14.13
C VAL A 625 6.68 -3.14 -13.29
N LEU A 626 7.99 -2.95 -13.39
CA LEU A 626 8.96 -3.78 -12.68
C LEU A 626 9.40 -3.21 -11.34
N ARG A 627 9.42 -4.06 -10.32
CA ARG A 627 9.84 -3.62 -9.01
C ARG A 627 10.87 -4.52 -8.34
N ASN A 628 12.02 -3.94 -7.97
CA ASN A 628 13.10 -4.66 -7.29
C ASN A 628 12.55 -5.22 -6.00
N GLU A 629 12.85 -6.47 -5.68
CA GLU A 629 12.34 -7.06 -4.47
C GLU A 629 12.71 -6.29 -3.20
N LYS A 630 13.39 -5.15 -3.34
CA LYS A 630 13.80 -4.35 -2.17
C LYS A 630 13.91 -2.85 -2.37
N CYS A 631 13.54 -2.39 -3.53
CA CYS A 631 13.59 -0.98 -3.85
C CYS A 631 13.07 -0.06 -2.73
N ASN A 632 12.35 -0.62 -1.74
CA ASN A 632 11.78 0.20 -0.68
C ASN A 632 10.85 -0.56 0.29
N GLU A 633 11.14 -0.54 1.58
CA GLU A 633 10.37 -1.30 2.56
C GLU A 633 8.89 -1.04 2.73
N ASN A 634 8.41 0.15 2.39
CA ASN A 634 6.97 0.48 2.56
C ASN A 634 6.19 0.37 1.26
N TYR A 635 6.74 0.99 0.22
CA TYR A 635 6.17 0.91 -1.10
C TYR A 635 6.49 -0.49 -1.56
N THR A 636 5.85 -1.46 -0.91
CA THR A 636 5.98 -2.87 -1.21
C THR A 636 5.38 -3.19 -2.60
N THR A 637 5.51 -4.42 -3.08
CA THR A 637 4.90 -4.75 -4.35
C THR A 637 3.41 -4.45 -4.14
N ASP A 638 2.82 -5.17 -3.20
CA ASP A 638 1.42 -4.99 -2.86
C ASP A 638 1.05 -3.53 -2.72
N PHE A 639 1.99 -2.69 -2.35
CA PHE A 639 1.57 -1.30 -2.27
C PHE A 639 1.40 -0.91 -3.73
N ILE A 640 2.53 -0.88 -4.45
CA ILE A 640 2.59 -0.51 -5.87
C ILE A 640 1.45 -1.09 -6.67
N PHE A 641 1.17 -2.37 -6.45
CA PHE A 641 0.07 -3.02 -7.17
C PHE A 641 -1.24 -2.30 -7.00
N ASN A 642 -1.81 -2.35 -5.79
CA ASN A 642 -3.05 -1.67 -5.45
C ASN A 642 -2.96 -0.22 -5.94
N LEU A 643 -1.85 0.47 -5.71
CA LEU A 643 -1.84 1.85 -6.17
C LEU A 643 -2.06 1.87 -7.66
N TYR A 644 -1.31 1.04 -8.38
CA TYR A 644 -1.45 0.98 -9.84
C TYR A 644 -2.86 0.51 -10.20
N SER A 645 -3.39 -0.46 -9.46
CA SER A 645 -4.75 -0.93 -9.69
C SER A 645 -5.78 0.19 -9.47
N GLU A 646 -6.34 0.34 -8.27
CA GLU A 646 -7.29 1.43 -8.00
C GLU A 646 -7.18 2.56 -9.04
N GLU A 647 -6.07 3.27 -9.02
CA GLU A 647 -5.85 4.36 -9.97
C GLU A 647 -6.20 4.05 -11.42
N GLY A 648 -6.12 2.79 -11.83
CA GLY A 648 -6.44 2.46 -13.21
C GLY A 648 -7.74 1.71 -13.34
N LYS A 649 -8.54 1.78 -12.28
CA LYS A 649 -9.85 1.13 -12.12
C LYS A 649 -10.69 1.10 -13.38
N GLY A 650 -11.08 2.27 -13.85
CA GLY A 650 -11.88 2.31 -15.07
C GLY A 650 -11.07 1.76 -16.23
N ILE A 651 -10.13 2.58 -16.66
CA ILE A 651 -9.18 2.33 -17.74
C ILE A 651 -8.54 0.95 -17.96
N PHE A 652 -8.10 0.23 -16.93
CA PHE A 652 -7.50 -1.06 -17.24
C PHE A 652 -7.57 -2.13 -16.19
N ASP A 653 -7.19 -3.35 -16.57
CA ASP A 653 -7.19 -4.49 -15.69
C ASP A 653 -5.75 -4.49 -15.24
N SER A 654 -5.38 -5.38 -14.33
CA SER A 654 -4.00 -5.45 -13.84
C SER A 654 -3.83 -6.63 -12.93
N ARG A 655 -2.74 -7.35 -13.15
CA ARG A 655 -2.38 -8.52 -12.36
C ARG A 655 -0.94 -8.32 -11.95
N LYS A 656 -0.50 -9.06 -10.92
CA LYS A 656 0.89 -8.92 -10.49
C LYS A 656 1.49 -10.19 -9.96
N ASN A 657 2.52 -10.71 -10.63
CA ASN A 657 3.14 -11.92 -10.11
C ASN A 657 4.59 -11.70 -9.71
N VAL A 658 5.05 -12.55 -8.81
CA VAL A 658 6.39 -12.47 -8.28
C VAL A 658 7.24 -13.61 -8.82
N LEU A 659 8.17 -13.24 -9.70
CA LEU A 659 9.04 -14.21 -10.32
C LEU A 659 9.73 -14.99 -9.24
N GLY A 660 10.34 -14.28 -8.31
CA GLY A 660 11.02 -15.01 -7.26
C GLY A 660 12.28 -15.68 -7.78
N HIS A 661 12.97 -16.35 -6.86
CA HIS A 661 14.23 -17.03 -7.12
C HIS A 661 14.11 -18.35 -7.89
N MET A 662 14.55 -18.34 -9.15
CA MET A 662 14.49 -19.52 -10.01
C MET A 662 15.83 -20.03 -10.56
N GLN A 663 15.87 -20.27 -11.87
CA GLN A 663 17.05 -20.80 -12.56
C GLN A 663 17.83 -21.82 -11.74
N GLN A 664 17.12 -22.88 -11.33
CA GLN A 664 17.71 -23.96 -10.55
C GLN A 664 18.97 -24.44 -11.28
N GLY A 665 18.77 -25.35 -12.25
CA GLY A 665 19.89 -25.86 -13.03
C GLY A 665 19.97 -25.08 -14.33
N GLY A 666 19.37 -23.89 -14.32
CA GLY A 666 19.36 -23.02 -15.49
C GLY A 666 20.70 -23.15 -16.19
N SER A 667 20.67 -23.56 -17.45
CA SER A 667 21.90 -23.72 -18.21
C SER A 667 22.49 -22.34 -18.50
N PRO A 668 23.79 -22.15 -18.23
CA PRO A 668 24.43 -20.87 -18.46
C PRO A 668 24.35 -20.52 -19.90
N THR A 669 24.20 -19.24 -20.23
CA THR A 669 24.13 -18.80 -21.62
C THR A 669 25.53 -18.78 -22.21
N PRO A 670 25.66 -18.85 -23.54
CA PRO A 670 26.99 -18.82 -24.12
C PRO A 670 27.92 -17.81 -23.44
N PHE A 671 27.47 -16.57 -23.28
CA PHE A 671 28.30 -15.54 -22.63
C PHE A 671 28.77 -15.91 -21.24
N ASP A 672 27.88 -16.36 -20.37
CA ASP A 672 28.38 -16.71 -19.03
C ASP A 672 29.37 -17.86 -19.17
N ARG A 673 29.08 -18.84 -19.99
CA ARG A 673 30.02 -19.94 -20.09
C ARG A 673 31.39 -19.39 -20.45
N ASN A 674 31.44 -18.50 -21.43
CA ASN A 674 32.72 -17.94 -21.84
C ASN A 674 33.35 -17.11 -20.72
N PHE A 675 32.59 -16.13 -20.24
CA PHE A 675 33.04 -15.29 -19.16
C PHE A 675 33.59 -16.18 -18.06
N ALA A 676 32.83 -17.14 -17.61
CA ALA A 676 33.32 -18.00 -16.55
C ALA A 676 34.53 -18.81 -16.96
N THR A 677 34.76 -18.97 -18.26
CA THR A 677 35.90 -19.76 -18.70
C THR A 677 37.16 -18.92 -18.75
N LYS A 678 37.08 -17.79 -19.45
CA LYS A 678 38.20 -16.84 -19.57
C LYS A 678 38.81 -16.57 -18.22
N MET A 679 37.97 -16.38 -17.21
CA MET A 679 38.41 -16.09 -15.86
C MET A 679 39.09 -17.20 -15.11
N GLY A 680 38.40 -18.28 -14.80
CA GLY A 680 39.07 -19.36 -14.11
C GLY A 680 40.44 -19.71 -14.69
N ALA A 681 40.71 -19.24 -15.91
CA ALA A 681 41.99 -19.50 -16.53
C ALA A 681 42.91 -18.37 -16.17
N LYS A 682 42.40 -17.15 -16.31
CA LYS A 682 43.13 -15.93 -15.99
C LYS A 682 43.58 -15.93 -14.53
N ALA A 683 42.87 -16.66 -13.70
CA ALA A 683 43.20 -16.74 -12.29
C ALA A 683 44.21 -17.84 -12.02
N MET A 684 43.91 -19.05 -12.45
CA MET A 684 44.86 -20.13 -12.21
C MET A 684 46.19 -19.71 -12.81
N ASN A 685 46.15 -18.69 -13.65
CA ASN A 685 47.37 -18.24 -14.26
C ASN A 685 48.07 -17.32 -13.29
N TRP A 686 47.37 -16.27 -12.87
CA TRP A 686 47.81 -15.27 -11.88
C TRP A 686 48.28 -15.95 -10.61
N MET A 687 47.55 -16.98 -10.22
CA MET A 687 47.90 -17.73 -9.03
C MET A 687 49.17 -18.51 -9.19
N ALA A 688 49.45 -18.96 -10.39
CA ALA A 688 50.69 -19.69 -10.61
C ALA A 688 51.76 -18.74 -10.07
N GLY A 689 51.66 -17.47 -10.45
CA GLY A 689 52.56 -16.44 -9.99
C GLY A 689 52.56 -16.29 -8.47
N LYS A 690 51.60 -15.62 -7.86
CA LYS A 690 51.63 -15.50 -6.42
C LYS A 690 52.15 -16.75 -5.67
N ILE A 691 51.78 -17.97 -6.05
CA ILE A 691 52.34 -19.05 -5.26
C ILE A 691 53.85 -19.03 -5.50
N LYS A 692 54.29 -18.77 -6.73
CA LYS A 692 55.72 -18.70 -7.04
C LYS A 692 56.37 -17.65 -6.11
N GLU A 693 56.06 -16.37 -6.30
CA GLU A 693 56.64 -15.31 -5.47
C GLU A 693 56.37 -15.36 -3.96
N SER A 694 55.52 -16.26 -3.49
CA SER A 694 55.25 -16.32 -2.05
C SER A 694 55.98 -17.48 -1.37
N TYR A 695 56.86 -18.11 -2.13
CA TYR A 695 57.63 -19.22 -1.62
C TYR A 695 58.94 -18.58 -1.23
N ARG A 696 59.49 -18.97 -0.08
CA ARG A 696 60.76 -18.38 0.36
C ARG A 696 61.63 -19.33 1.14
N ASN A 697 61.04 -20.05 2.08
CA ASN A 697 61.84 -20.97 2.87
C ASN A 697 61.34 -22.36 2.72
N GLY A 698 61.20 -22.86 1.50
CA GLY A 698 60.65 -24.20 1.40
C GLY A 698 59.32 -24.16 2.12
N ARG A 699 58.70 -22.98 2.09
CA ARG A 699 57.39 -22.71 2.70
C ARG A 699 56.79 -21.64 1.79
N ILE A 700 55.49 -21.42 1.90
CA ILE A 700 54.84 -20.46 1.05
C ILE A 700 54.13 -19.45 2.00
N PHE A 701 54.45 -18.15 1.87
CA PHE A 701 53.93 -17.15 2.80
C PHE A 701 53.59 -15.80 2.16
N ALA A 702 52.30 -15.64 1.87
CA ALA A 702 51.79 -14.42 1.29
C ALA A 702 51.26 -13.73 2.51
N ASN A 703 51.62 -12.47 2.65
CA ASN A 703 51.21 -11.66 3.78
C ASN A 703 51.21 -10.23 3.30
N THR A 704 51.11 -10.09 2.00
CA THR A 704 51.07 -8.80 1.35
C THR A 704 49.60 -8.80 0.95
N PRO A 705 49.07 -7.70 0.41
CA PRO A 705 47.67 -7.76 0.04
C PRO A 705 47.53 -7.84 -1.49
N ASP A 706 48.64 -8.14 -2.13
CA ASP A 706 48.74 -8.31 -3.57
C ASP A 706 48.19 -9.69 -3.84
N SER A 707 48.45 -10.66 -2.96
CA SER A 707 47.86 -12.00 -3.11
C SER A 707 46.41 -11.70 -2.81
N GLY A 708 45.62 -12.68 -2.38
CA GLY A 708 44.23 -12.34 -2.05
C GLY A 708 43.46 -11.20 -2.79
N CYS A 709 42.88 -11.54 -3.95
CA CYS A 709 42.15 -10.57 -4.75
C CYS A 709 40.74 -10.94 -5.18
N VAL A 710 40.17 -10.04 -5.97
CA VAL A 710 38.87 -10.26 -6.58
C VAL A 710 39.15 -9.86 -8.03
N LEU A 711 38.95 -10.79 -8.95
CA LEU A 711 39.18 -10.52 -10.38
C LEU A 711 37.93 -9.96 -11.00
N GLY A 712 38.00 -8.76 -11.50
CA GLY A 712 36.82 -8.20 -12.06
C GLY A 712 37.02 -7.47 -13.35
N MET A 713 35.92 -7.35 -14.07
CA MET A 713 35.87 -6.65 -15.33
C MET A 713 35.73 -5.17 -14.92
N ARG A 714 36.62 -4.33 -15.40
CA ARG A 714 36.55 -2.91 -15.06
C ARG A 714 36.63 -2.13 -16.31
N LYS A 715 35.48 -1.66 -16.76
CA LYS A 715 35.43 -0.86 -17.95
C LYS A 715 36.64 -1.03 -18.85
N ARG A 716 36.73 -2.16 -19.56
CA ARG A 716 37.79 -2.39 -20.55
C ARG A 716 38.81 -3.56 -20.43
N ALA A 717 39.11 -3.99 -19.20
CA ALA A 717 40.07 -5.10 -18.98
C ALA A 717 39.83 -5.78 -17.64
N LEU A 718 40.24 -7.02 -17.50
CA LEU A 718 40.05 -7.68 -16.23
C LEU A 718 41.12 -7.12 -15.33
N VAL A 719 40.86 -6.99 -14.03
CA VAL A 719 41.88 -6.48 -13.12
C VAL A 719 41.85 -7.15 -11.75
N PHE A 720 42.99 -7.60 -11.29
CA PHE A 720 42.94 -8.21 -9.98
C PHE A 720 43.02 -7.04 -9.02
N GLN A 721 41.95 -6.85 -8.24
CA GLN A 721 41.84 -5.79 -7.26
C GLN A 721 41.91 -6.46 -5.91
N PRO A 722 42.62 -5.82 -4.95
CA PRO A 722 42.79 -6.37 -3.59
C PRO A 722 41.58 -6.06 -2.70
N VAL A 723 41.05 -7.13 -2.13
CA VAL A 723 39.86 -7.11 -1.30
C VAL A 723 39.79 -5.92 -0.39
N THR A 724 40.85 -5.79 0.40
CA THR A 724 40.99 -4.71 1.35
C THR A 724 40.81 -3.36 0.64
N GLU A 725 41.33 -3.24 -0.58
CA GLU A 725 41.19 -2.01 -1.36
C GLU A 725 39.74 -1.71 -1.78
N LEU A 726 38.94 -2.76 -1.94
CA LEU A 726 37.58 -2.59 -2.42
C LEU A 726 36.65 -2.26 -1.32
N GLN A 727 37.04 -2.60 -0.09
CA GLN A 727 36.23 -2.39 1.10
C GLN A 727 35.51 -1.04 1.19
N ASN A 728 36.26 0.05 0.96
CA ASN A 728 35.70 1.39 1.04
C ASN A 728 35.05 1.74 -0.27
N GLN A 729 34.86 0.74 -1.10
CA GLN A 729 34.25 0.91 -2.40
C GLN A 729 33.00 0.07 -2.29
N THR A 730 32.72 -0.49 -1.14
CA THR A 730 31.57 -1.34 -1.07
C THR A 730 30.63 -1.12 0.10
N ASP A 731 29.33 -0.98 -0.17
CA ASP A 731 28.32 -0.86 0.90
C ASP A 731 28.00 -2.26 1.48
N PHE A 732 28.39 -2.52 2.72
CA PHE A 732 28.17 -3.84 3.33
C PHE A 732 26.82 -4.10 3.97
N GLU A 733 26.04 -3.06 4.25
CA GLU A 733 24.77 -3.36 4.87
C GLU A 733 23.84 -3.87 3.81
N HIS A 734 23.89 -3.23 2.65
CA HIS A 734 23.05 -3.61 1.54
C HIS A 734 23.68 -4.65 0.62
N ARG A 735 24.96 -4.91 0.83
CA ARG A 735 25.72 -5.88 0.06
C ARG A 735 25.70 -5.53 -1.40
N ILE A 736 25.97 -4.28 -1.70
CA ILE A 736 26.03 -3.91 -3.09
C ILE A 736 27.27 -3.05 -3.27
N PRO A 737 27.86 -3.08 -4.46
CA PRO A 737 29.05 -2.25 -4.64
C PRO A 737 28.56 -0.83 -4.49
N LYS A 738 29.49 0.10 -4.27
CA LYS A 738 29.13 1.51 -4.07
C LYS A 738 29.04 2.24 -5.37
N GLU A 739 29.84 1.87 -6.36
CA GLU A 739 29.70 2.55 -7.64
C GLU A 739 29.10 1.53 -8.61
N GLN A 740 28.00 1.88 -9.29
CA GLN A 740 27.38 0.94 -10.24
C GLN A 740 27.19 1.56 -11.61
N TRP A 741 28.09 1.21 -12.53
CA TRP A 741 28.10 1.78 -13.88
C TRP A 741 26.78 1.98 -14.53
N TRP A 742 25.96 0.95 -14.40
CA TRP A 742 24.65 0.91 -15.00
C TRP A 742 23.59 1.87 -14.52
N LEU A 743 23.84 2.58 -13.44
CA LEU A 743 22.89 3.57 -12.95
C LEU A 743 22.88 4.65 -13.99
N LYS A 744 23.92 4.65 -14.82
CA LYS A 744 24.08 5.69 -15.84
C LYS A 744 23.03 5.57 -16.90
N LEU A 745 22.43 4.38 -16.99
CA LEU A 745 21.38 4.07 -17.94
C LEU A 745 19.99 4.52 -17.54
N ARG A 746 19.58 4.28 -16.32
CA ARG A 746 18.26 4.68 -15.87
C ARG A 746 17.66 5.79 -16.73
N PRO A 747 18.33 6.93 -16.81
CA PRO A 747 17.75 7.98 -17.64
C PRO A 747 17.31 7.46 -19.02
N ILE A 748 18.22 6.88 -19.79
CA ILE A 748 17.83 6.35 -21.11
C ILE A 748 16.68 5.34 -20.97
N LEU A 749 16.58 4.70 -19.82
CA LEU A 749 15.50 3.76 -19.62
C LEU A 749 14.20 4.51 -19.44
N LYS A 750 14.23 5.69 -18.84
CA LYS A 750 13.02 6.49 -18.63
C LYS A 750 12.67 7.23 -19.89
N ILE A 751 13.64 7.41 -20.77
CA ILE A 751 13.38 8.12 -22.02
C ILE A 751 12.53 7.24 -22.90
N LEU A 752 13.03 6.04 -23.15
CA LEU A 752 12.31 5.10 -23.98
C LEU A 752 10.93 4.85 -23.42
N ALA A 753 10.67 5.34 -22.22
CA ALA A 753 9.37 5.17 -21.57
C ALA A 753 8.50 6.43 -21.73
N LYS A 754 9.07 7.43 -22.39
CA LYS A 754 8.39 8.70 -22.65
C LYS A 754 8.09 9.46 -21.38
N TYR A 755 9.13 9.71 -20.58
CA TYR A 755 8.98 10.44 -19.33
C TYR A 755 9.63 11.81 -19.42
N GLU A 756 9.79 12.45 -18.27
CA GLU A 756 10.40 13.78 -18.20
C GLU A 756 9.74 14.68 -19.23
N ALA B 9 -17.50 31.30 3.89
CA ALA B 9 -16.35 30.37 4.10
C ALA B 9 -15.54 30.83 5.31
N ARG B 10 -14.21 30.66 5.23
CA ARG B 10 -13.32 31.07 6.30
C ARG B 10 -13.17 32.59 6.25
N THR B 11 -14.17 33.20 5.60
CA THR B 11 -14.24 34.64 5.42
C THR B 11 -15.24 35.23 6.39
N LEU B 12 -16.23 34.42 6.76
CA LEU B 12 -17.25 34.89 7.67
C LEU B 12 -16.67 35.68 8.84
N GLY B 13 -16.27 34.99 9.90
CA GLY B 13 -15.71 35.64 11.08
C GLY B 13 -14.80 36.85 10.93
N VAL B 14 -14.11 36.95 9.80
CA VAL B 14 -13.19 38.07 9.56
C VAL B 14 -13.68 39.38 10.11
N GLY B 15 -12.83 40.04 10.88
CA GLY B 15 -13.19 41.33 11.46
C GLY B 15 -13.92 41.19 12.78
N LYS B 16 -14.86 40.26 12.82
CA LYS B 16 -15.64 40.02 14.03
C LYS B 16 -14.72 39.39 15.09
N ALA B 17 -15.26 39.18 16.29
CA ALA B 17 -14.50 38.55 17.37
C ALA B 17 -15.44 37.99 18.42
N ILE B 18 -15.05 36.85 18.98
CA ILE B 18 -15.88 36.15 19.94
C ILE B 18 -15.14 35.94 21.24
N ALA B 19 -15.90 35.64 22.29
CA ALA B 19 -15.37 35.40 23.61
C ALA B 19 -16.27 34.32 24.21
N VAL B 20 -15.67 33.26 24.71
CA VAL B 20 -16.47 32.17 25.26
C VAL B 20 -16.14 32.03 26.73
N LEU B 21 -17.12 31.61 27.50
CA LEU B 21 -16.91 31.44 28.90
C LEU B 21 -17.78 30.32 29.47
N THR B 22 -17.18 29.55 30.34
CA THR B 22 -17.85 28.44 30.97
C THR B 22 -18.10 28.93 32.37
N SER B 23 -19.31 28.72 32.88
CA SER B 23 -19.66 29.13 34.23
C SER B 23 -20.93 28.41 34.59
N GLY B 24 -21.03 27.95 35.82
CA GLY B 24 -22.23 27.26 36.22
C GLY B 24 -21.97 25.92 36.87
N GLY B 25 -20.82 25.35 36.63
CA GLY B 25 -20.57 24.07 37.26
C GLY B 25 -20.08 22.95 36.37
N ASP B 26 -18.77 22.97 36.13
CA ASP B 26 -18.09 21.97 35.31
C ASP B 26 -18.92 20.72 35.01
N ALA B 27 -19.13 20.46 33.73
CA ALA B 27 -19.86 19.26 33.28
C ALA B 27 -19.13 18.69 32.06
N GLN B 28 -19.01 17.36 32.09
CA GLN B 28 -18.31 16.62 31.06
C GLN B 28 -18.79 16.89 29.67
N GLY B 29 -17.92 17.52 28.89
CA GLY B 29 -18.27 17.84 27.52
C GLY B 29 -18.04 19.32 27.24
N MET B 30 -17.97 20.14 28.29
CA MET B 30 -17.77 21.57 28.09
C MET B 30 -16.44 21.81 27.38
N ASN B 31 -15.44 21.02 27.73
CA ASN B 31 -14.14 21.22 27.13
C ASN B 31 -14.28 21.08 25.65
N ALA B 32 -15.05 20.06 25.27
CA ALA B 32 -15.33 19.77 23.86
C ALA B 32 -15.93 21.01 23.18
N ALA B 33 -16.97 21.55 23.81
CA ALA B 33 -17.67 22.74 23.33
C ALA B 33 -16.72 23.91 23.18
N VAL B 34 -15.92 24.15 24.20
CA VAL B 34 -15.02 25.28 24.07
C VAL B 34 -14.14 25.09 22.86
N ARG B 35 -13.50 23.92 22.80
CA ARG B 35 -12.60 23.60 21.70
C ARG B 35 -13.27 23.97 20.39
N ALA B 36 -14.49 23.47 20.20
CA ALA B 36 -15.25 23.76 19.00
C ALA B 36 -15.27 25.28 18.77
N VAL B 37 -15.96 26.01 19.66
CA VAL B 37 -16.05 27.48 19.56
C VAL B 37 -14.74 28.12 19.14
N VAL B 38 -13.70 27.84 19.92
CA VAL B 38 -12.37 28.35 19.66
C VAL B 38 -11.94 28.02 18.21
N ARG B 39 -11.85 26.74 17.91
CA ARG B 39 -11.43 26.25 16.61
C ARG B 39 -12.27 26.78 15.44
N VAL B 40 -13.58 26.58 15.47
CA VAL B 40 -14.41 27.04 14.37
C VAL B 40 -14.28 28.53 14.17
N GLY B 41 -14.46 29.30 15.23
CA GLY B 41 -14.33 30.73 15.10
C GLY B 41 -12.99 31.13 14.50
N ILE B 42 -11.91 30.47 14.92
CA ILE B 42 -10.59 30.77 14.39
C ILE B 42 -10.66 30.57 12.91
N PHE B 43 -11.19 29.41 12.53
CA PHE B 43 -11.35 29.01 11.14
C PHE B 43 -12.25 29.93 10.36
N THR B 44 -13.19 30.55 11.06
CA THR B 44 -14.11 31.44 10.39
C THR B 44 -13.50 32.81 10.12
N GLY B 45 -12.23 32.98 10.46
CA GLY B 45 -11.57 34.26 10.21
C GLY B 45 -11.73 35.29 11.32
N ALA B 46 -12.32 34.87 12.43
CA ALA B 46 -12.51 35.76 13.56
C ALA B 46 -11.40 35.50 14.56
N ARG B 47 -11.52 36.11 15.73
CA ARG B 47 -10.53 35.86 16.77
C ARG B 47 -11.29 35.55 18.03
N VAL B 48 -10.80 34.57 18.77
CA VAL B 48 -11.46 34.11 19.98
C VAL B 48 -10.65 34.42 21.21
N PHE B 49 -11.36 34.69 22.31
CA PHE B 49 -10.78 34.97 23.63
C PHE B 49 -11.37 34.11 24.72
N PHE B 50 -10.51 33.64 25.60
CA PHE B 50 -10.95 32.86 26.75
C PHE B 50 -11.40 33.77 27.88
N VAL B 51 -12.19 33.25 28.79
CA VAL B 51 -12.60 34.09 29.90
C VAL B 51 -12.53 33.18 31.11
N HIS B 52 -11.41 33.26 31.80
CA HIS B 52 -11.17 32.44 32.95
C HIS B 52 -12.13 32.62 34.13
N GLU B 53 -12.22 31.56 34.94
CA GLU B 53 -13.11 31.47 36.08
C GLU B 53 -14.52 32.08 35.89
N GLY B 54 -15.15 31.70 34.78
CA GLY B 54 -16.50 32.16 34.46
C GLY B 54 -16.72 33.64 34.32
N TYR B 55 -17.92 34.08 34.72
CA TYR B 55 -18.27 35.50 34.68
C TYR B 55 -17.27 36.30 35.52
N GLN B 56 -16.99 35.77 36.72
CA GLN B 56 -16.07 36.37 37.69
C GLN B 56 -14.82 36.94 37.04
N GLY B 57 -14.60 36.58 35.79
CA GLY B 57 -13.44 37.04 35.04
C GLY B 57 -13.82 38.05 34.00
N LEU B 58 -15.05 38.01 33.50
CA LEU B 58 -15.49 38.97 32.49
C LEU B 58 -15.68 40.28 33.22
N VAL B 59 -15.93 40.19 34.52
CA VAL B 59 -16.13 41.36 35.35
C VAL B 59 -14.78 42.04 35.59
N ASP B 60 -13.71 41.36 35.18
CA ASP B 60 -12.36 41.87 35.33
C ASP B 60 -11.75 41.91 33.93
N GLY B 61 -10.43 41.71 33.80
CA GLY B 61 -9.85 41.76 32.47
C GLY B 61 -8.40 41.35 32.35
N GLY B 62 -7.75 41.84 31.29
CA GLY B 62 -6.35 41.55 31.03
C GLY B 62 -5.92 40.15 31.41
N ASP B 63 -5.81 39.91 32.70
CA ASP B 63 -5.44 38.60 33.21
C ASP B 63 -6.51 37.57 32.83
N HIS B 64 -7.71 37.73 33.38
CA HIS B 64 -8.82 36.80 33.12
C HIS B 64 -9.30 36.68 31.66
N ILE B 65 -9.35 37.78 30.94
CA ILE B 65 -9.76 37.72 29.53
C ILE B 65 -8.50 37.48 28.73
N ARG B 66 -8.26 36.21 28.39
CA ARG B 66 -7.07 35.81 27.61
C ARG B 66 -7.48 35.50 26.18
N GLU B 67 -6.53 35.58 25.27
CA GLU B 67 -6.83 35.25 23.88
C GLU B 67 -6.46 33.79 23.65
N ALA B 68 -7.20 33.15 22.77
CA ALA B 68 -6.98 31.75 22.47
C ALA B 68 -6.33 31.62 21.12
N THR B 69 -5.45 30.64 21.01
CA THR B 69 -4.77 30.34 19.77
C THR B 69 -5.41 29.04 19.33
N TRP B 70 -4.89 28.42 18.27
CA TRP B 70 -5.48 27.17 17.83
C TRP B 70 -5.07 25.99 18.71
N GLU B 71 -3.75 25.83 18.90
CA GLU B 71 -3.19 24.72 19.67
C GLU B 71 -3.53 24.74 21.15
N SER B 72 -4.22 25.81 21.57
CA SER B 72 -4.63 25.98 22.95
C SER B 72 -5.67 24.98 23.42
N VAL B 73 -6.80 24.92 22.72
CA VAL B 73 -7.89 24.02 23.06
C VAL B 73 -7.48 22.61 22.75
N SER B 74 -6.34 22.47 22.08
CA SER B 74 -5.84 21.15 21.75
C SER B 74 -5.81 20.23 22.97
N MET B 75 -5.87 18.93 22.73
CA MET B 75 -5.84 17.95 23.81
C MET B 75 -6.82 18.22 24.96
N MET B 76 -7.98 18.80 24.65
CA MET B 76 -8.99 19.07 25.67
C MET B 76 -10.15 18.09 25.59
N LEU B 77 -10.45 17.66 24.37
CA LEU B 77 -11.55 16.74 24.09
C LEU B 77 -11.83 15.68 25.16
N GLN B 78 -10.81 14.91 25.50
CA GLN B 78 -10.94 13.83 26.46
C GLN B 78 -10.99 14.26 27.92
N LEU B 79 -10.99 15.58 28.16
CA LEU B 79 -10.97 16.15 29.51
C LEU B 79 -12.29 16.51 30.19
N GLY B 80 -12.51 15.95 31.38
CA GLY B 80 -13.71 16.24 32.15
C GLY B 80 -13.78 17.69 32.61
N GLY B 81 -14.94 18.08 33.14
CA GLY B 81 -15.11 19.45 33.59
C GLY B 81 -14.66 20.46 32.55
N THR B 82 -14.29 21.66 32.99
CA THR B 82 -13.83 22.68 32.06
C THR B 82 -12.34 22.99 32.30
N VAL B 83 -11.78 23.85 31.45
CA VAL B 83 -10.38 24.22 31.54
C VAL B 83 -10.29 25.73 31.54
N ILE B 84 -11.32 26.37 31.00
CA ILE B 84 -11.39 27.81 30.94
C ILE B 84 -11.73 28.21 32.37
N GLY B 85 -12.09 27.20 33.17
CA GLY B 85 -12.43 27.40 34.57
C GLY B 85 -13.86 27.87 34.79
N SER B 86 -14.65 27.11 35.55
CA SER B 86 -16.03 27.47 35.81
C SER B 86 -16.22 27.97 37.25
N ALA B 87 -16.73 29.20 37.37
CA ALA B 87 -16.95 29.81 38.68
C ALA B 87 -18.43 29.94 39.05
N ARG B 88 -18.70 30.48 40.23
CA ARG B 88 -20.07 30.65 40.72
C ARG B 88 -20.42 32.14 40.85
N CYS B 89 -19.39 32.98 40.86
CA CYS B 89 -19.53 34.44 41.00
C CYS B 89 -20.94 34.99 41.03
N LYS B 90 -21.29 35.63 42.15
CA LYS B 90 -22.63 36.20 42.27
C LYS B 90 -22.69 37.72 42.09
N ASP B 91 -21.61 38.34 41.60
CA ASP B 91 -21.62 39.79 41.36
C ASP B 91 -22.53 40.05 40.17
N PHE B 92 -22.54 39.09 39.25
CA PHE B 92 -23.35 39.19 38.05
C PHE B 92 -24.84 39.20 38.38
N ARG B 93 -25.21 38.58 39.49
CA ARG B 93 -26.59 38.53 39.91
C ARG B 93 -27.09 39.98 40.01
N GLU B 94 -26.23 40.83 40.56
CA GLU B 94 -26.56 42.25 40.76
C GLU B 94 -26.01 43.18 39.68
N ARG B 95 -26.87 44.09 39.21
CA ARG B 95 -26.50 45.05 38.17
C ARG B 95 -25.49 46.07 38.69
N GLU B 96 -24.49 45.60 39.42
CA GLU B 96 -23.45 46.46 39.98
C GLU B 96 -22.14 46.31 39.22
N GLY B 97 -21.78 45.07 38.92
CA GLY B 97 -20.55 44.82 38.20
C GLY B 97 -20.77 44.86 36.71
N ARG B 98 -21.98 44.51 36.28
CA ARG B 98 -22.34 44.50 34.87
C ARG B 98 -21.71 45.68 34.16
N LEU B 99 -22.29 46.85 34.34
CA LEU B 99 -21.82 48.07 33.71
C LEU B 99 -20.29 48.11 33.64
N ARG B 100 -19.63 47.51 34.65
CA ARG B 100 -18.17 47.48 34.69
C ARG B 100 -17.65 46.34 33.83
N ALA B 101 -18.20 45.15 34.04
CA ALA B 101 -17.81 43.98 33.27
C ALA B 101 -18.01 44.31 31.79
N ALA B 102 -19.26 44.63 31.45
CA ALA B 102 -19.62 44.97 30.08
C ALA B 102 -18.51 45.76 29.38
N HIS B 103 -18.01 46.79 30.05
CA HIS B 103 -16.95 47.61 29.48
C HIS B 103 -15.77 46.72 29.04
N ASN B 104 -15.36 45.82 29.94
CA ASN B 104 -14.25 44.89 29.68
C ASN B 104 -14.23 44.36 28.26
N LEU B 105 -15.42 44.17 27.69
CA LEU B 105 -15.56 43.65 26.34
C LEU B 105 -15.23 44.71 25.28
N VAL B 106 -15.69 45.93 25.53
CA VAL B 106 -15.49 47.05 24.60
C VAL B 106 -14.03 47.38 24.25
N LYS B 107 -13.22 47.69 25.26
CA LYS B 107 -11.82 48.01 25.02
C LYS B 107 -11.25 46.91 24.12
N ARG B 108 -11.66 45.69 24.38
CA ARG B 108 -11.21 44.52 23.63
C ARG B 108 -11.83 44.51 22.22
N GLY B 109 -12.99 45.13 22.09
CA GLY B 109 -13.66 45.17 20.81
C GLY B 109 -14.42 43.89 20.58
N ILE B 110 -14.74 43.23 21.68
CA ILE B 110 -15.46 41.96 21.67
C ILE B 110 -16.96 42.17 21.71
N THR B 111 -17.63 42.00 20.58
CA THR B 111 -19.07 42.21 20.53
C THR B 111 -19.90 40.93 20.57
N ASN B 112 -19.22 39.78 20.55
CA ASN B 112 -19.91 38.50 20.55
C ASN B 112 -19.51 37.65 21.73
N LEU B 113 -20.50 37.23 22.49
CA LEU B 113 -20.23 36.45 23.67
C LEU B 113 -20.91 35.08 23.73
N CYS B 114 -20.10 34.02 23.83
CA CYS B 114 -20.67 32.68 23.92
C CYS B 114 -20.64 32.27 25.39
N VAL B 115 -21.82 32.03 25.95
CA VAL B 115 -21.94 31.64 27.35
C VAL B 115 -22.32 30.16 27.49
N ILE B 116 -21.38 29.34 27.91
CA ILE B 116 -21.69 27.93 28.05
C ILE B 116 -21.93 27.63 29.52
N GLY B 117 -23.18 27.34 29.85
CA GLY B 117 -23.49 27.03 31.23
C GLY B 117 -24.81 26.29 31.38
N GLY B 118 -25.45 26.41 32.53
CA GLY B 118 -26.70 25.72 32.76
C GLY B 118 -27.86 26.64 33.03
N ASP B 119 -29.02 26.04 33.27
CA ASP B 119 -30.27 26.76 33.53
C ASP B 119 -30.08 28.15 34.11
N GLY B 120 -29.36 28.21 35.22
CA GLY B 120 -29.12 29.48 35.87
C GLY B 120 -28.14 30.36 35.10
N SER B 121 -26.96 29.84 34.86
CA SER B 121 -25.93 30.59 34.15
C SER B 121 -26.50 31.32 32.94
N LEU B 122 -27.53 30.73 32.36
CA LEU B 122 -28.19 31.31 31.21
C LEU B 122 -29.23 32.31 31.66
N THR B 123 -29.85 32.05 32.81
CA THR B 123 -30.87 32.96 33.36
C THR B 123 -30.27 34.36 33.45
N GLY B 124 -29.01 34.42 33.85
CA GLY B 124 -28.35 35.69 33.95
C GLY B 124 -27.90 36.16 32.58
N ALA B 125 -28.01 35.25 31.61
CA ALA B 125 -27.64 35.55 30.25
C ALA B 125 -28.72 36.42 29.67
N ASP B 126 -29.94 35.92 29.77
CA ASP B 126 -31.11 36.64 29.26
C ASP B 126 -31.09 38.02 29.92
N THR B 127 -31.10 38.03 31.25
CA THR B 127 -31.12 39.27 32.01
C THR B 127 -30.06 40.26 31.54
N PHE B 128 -28.88 39.74 31.20
CA PHE B 128 -27.77 40.55 30.75
C PHE B 128 -28.04 41.23 29.40
N ARG B 129 -28.82 40.57 28.53
CA ARG B 129 -29.11 41.14 27.22
C ARG B 129 -30.25 42.13 27.30
N SER B 130 -31.30 41.77 28.03
CA SER B 130 -32.47 42.63 28.19
C SER B 130 -32.08 43.95 28.83
N GLU B 131 -30.82 44.06 29.23
CA GLU B 131 -30.31 45.26 29.87
C GLU B 131 -29.20 45.92 29.06
N TRP B 132 -28.34 45.11 28.46
CA TRP B 132 -27.23 45.64 27.69
C TRP B 132 -27.59 46.88 26.86
N SER B 133 -28.83 46.95 26.37
CA SER B 133 -29.24 48.11 25.56
C SER B 133 -29.26 49.43 26.32
N ASP B 134 -29.62 49.39 27.61
CA ASP B 134 -29.67 50.61 28.42
C ASP B 134 -28.49 50.67 29.40
N LEU B 135 -27.68 49.61 29.41
CA LEU B 135 -26.52 49.57 30.30
C LEU B 135 -25.34 50.32 29.70
N LEU B 136 -25.28 50.39 28.38
CA LEU B 136 -24.21 51.11 27.71
C LEU B 136 -24.56 52.59 27.74
N SER B 137 -25.58 52.91 28.53
CA SER B 137 -26.05 54.27 28.73
C SER B 137 -25.41 54.81 29.99
N ASP B 138 -25.52 54.04 31.08
CA ASP B 138 -24.96 54.40 32.37
C ASP B 138 -23.44 54.42 32.33
N LEU B 139 -22.84 54.45 31.14
CA LEU B 139 -21.39 54.47 31.03
C LEU B 139 -20.85 55.85 30.67
N GLN B 140 -19.88 56.29 31.48
CA GLN B 140 -19.22 57.58 31.30
C GLN B 140 -17.72 57.29 31.13
N LYS B 141 -17.41 56.00 31.01
CA LYS B 141 -16.05 55.50 30.80
C LYS B 141 -16.07 54.94 29.38
N ALA B 142 -17.28 54.93 28.82
CA ALA B 142 -17.56 54.47 27.47
C ALA B 142 -18.85 55.18 27.05
N GLY B 143 -18.89 56.49 27.28
CA GLY B 143 -20.06 57.27 26.93
C GLY B 143 -20.22 57.41 25.43
N LYS B 144 -19.10 57.23 24.72
CA LYS B 144 -19.08 57.30 23.26
C LYS B 144 -17.68 56.95 22.76
N ILE B 145 -16.88 57.96 22.45
CA ILE B 145 -15.51 57.76 21.98
C ILE B 145 -15.46 57.31 20.52
N THR B 146 -16.51 57.67 19.76
CA THR B 146 -16.62 57.32 18.34
C THR B 146 -16.07 55.94 17.98
N ALA B 147 -14.77 55.87 17.72
CA ALA B 147 -14.12 54.63 17.35
C ALA B 147 -13.90 53.70 18.55
N GLU B 148 -14.96 53.39 19.28
CA GLU B 148 -14.88 52.51 20.44
C GLU B 148 -16.26 51.98 20.84
N GLU B 149 -17.14 52.89 21.26
CA GLU B 149 -18.49 52.53 21.68
C GLU B 149 -19.58 53.14 20.80
N ALA B 150 -19.26 54.24 20.11
CA ALA B 150 -20.23 54.89 19.23
C ALA B 150 -20.48 53.99 18.01
N THR B 151 -19.81 52.84 18.01
CA THR B 151 -19.93 51.84 16.94
C THR B 151 -19.81 50.42 17.51
N ARG B 152 -18.65 49.80 17.35
CA ARG B 152 -18.43 48.44 17.85
C ARG B 152 -19.15 48.14 19.16
N SER B 153 -18.57 48.54 20.29
CA SER B 153 -19.16 48.31 21.60
C SER B 153 -20.68 48.16 21.63
N SER B 154 -21.37 48.97 20.83
CA SER B 154 -22.84 48.97 20.75
C SER B 154 -23.53 47.61 20.65
N TYR B 155 -24.07 47.31 19.47
CA TYR B 155 -24.75 46.05 19.21
C TYR B 155 -23.99 44.90 19.84
N LEU B 156 -24.69 44.04 20.55
CA LEU B 156 -24.05 42.89 21.19
C LEU B 156 -24.83 41.61 21.02
N ASN B 157 -24.19 40.65 20.36
CA ASN B 157 -24.83 39.37 20.10
C ASN B 157 -24.26 38.32 21.04
N ILE B 158 -25.15 37.61 21.73
CA ILE B 158 -24.71 36.54 22.63
C ILE B 158 -25.48 35.25 22.37
N VAL B 159 -24.78 34.13 22.48
CA VAL B 159 -25.33 32.80 22.26
C VAL B 159 -25.03 31.97 23.49
N GLY B 160 -25.88 30.97 23.76
CA GLY B 160 -25.63 30.12 24.90
C GLY B 160 -25.76 28.61 24.69
N LEU B 161 -24.72 27.85 25.05
CA LEU B 161 -24.75 26.36 24.97
C LEU B 161 -25.02 25.91 26.41
N VAL B 162 -25.89 24.91 26.57
CA VAL B 162 -26.24 24.46 27.91
C VAL B 162 -25.38 23.32 28.49
N GLY B 163 -24.37 23.67 29.28
CA GLY B 163 -23.56 22.63 29.90
C GLY B 163 -24.21 22.31 31.23
N SER B 164 -24.84 21.14 31.36
CA SER B 164 -25.50 20.81 32.62
C SER B 164 -25.80 19.32 32.87
N ILE B 165 -25.06 18.66 33.76
CA ILE B 165 -25.31 17.25 34.03
C ILE B 165 -26.75 17.03 34.52
N ASP B 166 -27.37 18.08 35.04
CA ASP B 166 -28.74 18.03 35.54
C ASP B 166 -29.71 17.51 34.47
N ASN B 167 -29.72 18.26 33.34
CA ASN B 167 -30.56 18.03 32.16
C ASN B 167 -31.93 18.69 32.40
N ASP B 168 -31.91 19.73 33.23
CA ASP B 168 -33.11 20.49 33.60
C ASP B 168 -33.62 21.37 32.48
N PHE B 169 -32.76 22.27 32.02
CA PHE B 169 -33.07 23.23 30.95
C PHE B 169 -34.10 22.71 29.95
N CYS B 170 -34.90 23.61 29.40
CA CYS B 170 -35.95 23.21 28.44
C CYS B 170 -35.75 23.77 27.05
N GLY B 171 -36.06 22.96 26.06
CA GLY B 171 -35.88 23.37 24.69
C GLY B 171 -34.80 22.50 24.07
N THR B 172 -34.33 21.54 24.85
CA THR B 172 -33.28 20.64 24.39
C THR B 172 -33.54 19.22 24.82
N ASP B 173 -33.02 18.28 24.03
CA ASP B 173 -33.16 16.85 24.29
C ASP B 173 -32.12 16.33 25.28
N MET B 174 -30.94 16.95 25.22
CA MET B 174 -29.83 16.61 26.07
C MET B 174 -28.90 17.79 26.30
N THR B 175 -28.57 18.03 27.55
CA THR B 175 -27.65 19.10 27.90
C THR B 175 -26.28 18.43 27.93
N ILE B 176 -25.25 19.17 27.54
CA ILE B 176 -23.92 18.59 27.57
C ILE B 176 -23.58 18.02 28.97
N GLY B 177 -23.05 16.80 29.03
CA GLY B 177 -22.67 16.19 30.30
C GLY B 177 -23.63 15.19 30.90
N THR B 178 -24.93 15.40 30.70
CA THR B 178 -25.89 14.50 31.30
C THR B 178 -25.72 13.03 30.91
N ASP B 179 -25.02 12.78 29.80
CA ASP B 179 -24.81 11.41 29.41
C ASP B 179 -23.67 10.83 30.24
N SER B 180 -22.50 11.50 30.23
CA SER B 180 -21.35 11.03 30.98
C SER B 180 -21.77 11.01 32.42
N ALA B 181 -22.55 12.01 32.81
CA ALA B 181 -23.05 11.96 34.17
C ALA B 181 -23.64 10.54 34.40
N LEU B 182 -24.55 10.13 33.53
CA LEU B 182 -25.21 8.83 33.59
C LEU B 182 -24.30 7.63 33.55
N HIS B 183 -23.13 7.78 32.92
CA HIS B 183 -22.17 6.70 32.89
C HIS B 183 -21.66 6.55 34.31
N ARG B 184 -21.14 7.67 34.83
CA ARG B 184 -20.66 7.71 36.21
C ARG B 184 -21.61 7.02 37.14
N ILE B 185 -22.85 7.46 37.15
CA ILE B 185 -23.80 6.82 38.04
C ILE B 185 -24.10 5.37 37.69
N THR B 186 -23.80 4.91 36.49
CA THR B 186 -24.11 3.50 36.22
C THR B 186 -22.98 2.65 36.76
N GLU B 187 -21.75 3.00 36.39
CA GLU B 187 -20.57 2.28 36.84
C GLU B 187 -20.79 1.85 38.30
N ILE B 188 -21.10 2.82 39.14
CA ILE B 188 -21.31 2.54 40.54
C ILE B 188 -22.34 1.46 40.76
N VAL B 189 -23.59 1.78 40.47
CA VAL B 189 -24.67 0.83 40.65
C VAL B 189 -24.33 -0.53 40.05
N ASP B 190 -23.91 -0.52 38.79
CA ASP B 190 -23.57 -1.76 38.11
C ASP B 190 -22.58 -2.53 38.96
N ALA B 191 -21.66 -1.81 39.57
CA ALA B 191 -20.66 -2.47 40.43
C ALA B 191 -21.29 -2.91 41.74
N ILE B 192 -22.03 -2.03 42.37
CA ILE B 192 -22.62 -2.37 43.65
C ILE B 192 -23.59 -3.52 43.54
N THR B 193 -23.59 -4.18 42.39
CA THR B 193 -24.45 -5.33 42.17
C THR B 193 -23.68 -6.53 41.65
N THR B 194 -22.66 -6.30 40.82
CA THR B 194 -21.88 -7.43 40.31
C THR B 194 -20.93 -7.91 41.39
N THR B 195 -20.02 -7.03 41.82
CA THR B 195 -19.05 -7.37 42.85
C THR B 195 -19.73 -7.51 44.21
N ALA B 196 -21.02 -7.17 44.25
CA ALA B 196 -21.80 -7.24 45.47
C ALA B 196 -22.75 -8.44 45.51
N GLN B 197 -22.17 -9.64 45.55
CA GLN B 197 -22.94 -10.86 45.61
C GLN B 197 -22.82 -11.40 47.03
N SER B 198 -23.85 -11.18 47.84
CA SER B 198 -23.84 -11.63 49.23
C SER B 198 -25.22 -12.01 49.79
N HIS B 199 -25.76 -11.17 50.68
CA HIS B 199 -27.04 -11.43 51.32
C HIS B 199 -28.21 -10.72 50.63
N GLN B 200 -28.71 -9.65 51.26
CA GLN B 200 -29.84 -8.89 50.72
C GLN B 200 -29.77 -7.38 50.98
N ARG B 201 -28.55 -6.85 51.00
CA ARG B 201 -28.33 -5.42 51.25
C ARG B 201 -29.24 -4.56 50.35
N THR B 202 -30.13 -3.81 50.99
CA THR B 202 -31.09 -2.93 50.32
C THR B 202 -30.58 -1.49 50.15
N PHE B 203 -29.79 -1.24 49.11
CA PHE B 203 -29.21 0.07 48.86
C PHE B 203 -30.11 1.23 48.52
N VAL B 204 -29.72 2.39 49.04
CA VAL B 204 -30.43 3.64 48.82
C VAL B 204 -29.41 4.63 48.26
N LEU B 205 -29.53 4.94 46.98
CA LEU B 205 -28.58 5.87 46.36
C LEU B 205 -29.17 7.22 46.04
N GLU B 206 -28.39 8.27 46.31
CA GLU B 206 -28.82 9.63 46.07
C GLU B 206 -28.05 10.24 44.89
N VAL B 207 -28.82 10.65 43.88
CA VAL B 207 -28.22 11.23 42.67
C VAL B 207 -28.56 12.68 42.50
N MET B 208 -27.78 13.37 41.67
CA MET B 208 -27.99 14.80 41.40
C MET B 208 -29.41 15.12 40.99
N GLY B 209 -29.71 16.42 40.89
CA GLY B 209 -31.05 16.84 40.49
C GLY B 209 -31.80 17.75 41.45
N ARG B 210 -31.79 19.04 41.14
CA ARG B 210 -32.48 20.00 41.99
C ARG B 210 -33.99 19.80 41.88
N HIS B 211 -34.53 20.12 40.72
CA HIS B 211 -35.96 19.98 40.46
C HIS B 211 -36.16 19.13 39.25
N CYS B 212 -35.12 18.41 38.86
CA CYS B 212 -35.21 17.57 37.69
C CYS B 212 -34.81 16.14 37.99
N GLY B 213 -35.80 15.26 37.94
CA GLY B 213 -35.54 13.86 38.20
C GLY B 213 -35.13 13.14 36.93
N TYR B 214 -34.55 13.84 35.98
CA TYR B 214 -34.13 13.18 34.75
C TYR B 214 -33.08 12.21 35.21
N LEU B 215 -31.93 12.73 35.62
CA LEU B 215 -30.86 11.85 36.05
C LEU B 215 -31.37 10.77 36.97
N ALA B 216 -32.36 11.11 37.78
CA ALA B 216 -32.88 10.16 38.71
C ALA B 216 -33.79 9.09 38.11
N LEU B 217 -34.47 9.40 37.01
CA LEU B 217 -35.41 8.46 36.39
C LEU B 217 -34.75 7.54 35.40
N VAL B 218 -34.06 8.14 34.44
CA VAL B 218 -33.29 7.44 33.43
C VAL B 218 -32.46 6.34 34.08
N THR B 219 -31.72 6.74 35.11
CA THR B 219 -30.90 5.81 35.85
C THR B 219 -31.77 4.73 36.51
N SER B 220 -32.94 5.12 37.00
CA SER B 220 -33.80 4.14 37.64
C SER B 220 -34.41 3.18 36.63
N LEU B 221 -34.29 3.54 35.36
CA LEU B 221 -34.88 2.74 34.29
C LEU B 221 -33.89 1.69 33.82
N SER B 222 -32.65 2.13 33.76
CA SER B 222 -31.56 1.30 33.31
C SER B 222 -31.07 0.33 34.36
N CYS B 223 -31.53 0.46 35.59
CA CYS B 223 -31.05 -0.42 36.63
C CYS B 223 -32.08 -1.34 37.20
N GLY B 224 -33.33 -1.16 36.81
CA GLY B 224 -34.38 -2.01 37.32
C GLY B 224 -34.67 -1.68 38.76
N ALA B 225 -34.53 -0.39 39.08
CA ALA B 225 -34.73 0.16 40.41
C ALA B 225 -36.07 -0.21 41.03
N ASP B 226 -36.01 -0.68 42.28
CA ASP B 226 -37.18 -1.09 43.01
C ASP B 226 -38.15 0.03 43.34
N TRP B 227 -37.66 1.27 43.26
CA TRP B 227 -38.49 2.42 43.58
C TRP B 227 -37.69 3.68 43.30
N VAL B 228 -38.36 4.77 42.91
CA VAL B 228 -37.69 6.05 42.63
C VAL B 228 -38.34 7.15 43.42
N PHE B 229 -37.67 8.30 43.46
CA PHE B 229 -38.21 9.49 44.14
C PHE B 229 -37.78 10.67 43.29
N ILE B 230 -38.71 11.24 42.54
CA ILE B 230 -38.41 12.43 41.76
C ILE B 230 -39.47 13.50 42.01
N PRO B 231 -39.05 14.77 41.98
CA PRO B 231 -39.81 16.00 42.17
C PRO B 231 -41.11 16.11 41.37
N GLU B 232 -40.98 16.12 40.05
CA GLU B 232 -42.14 16.26 39.21
C GLU B 232 -43.25 15.25 39.47
N CYS B 233 -43.41 14.80 40.70
CA CYS B 233 -44.45 13.83 41.01
C CYS B 233 -44.19 13.23 42.40
N PRO B 234 -44.30 14.06 43.46
CA PRO B 234 -44.06 13.61 44.83
C PRO B 234 -44.81 12.32 45.08
N PRO B 235 -44.27 11.43 45.92
CA PRO B 235 -44.89 10.15 46.23
C PRO B 235 -46.33 10.22 46.76
N ASP B 236 -47.26 10.49 45.85
CA ASP B 236 -48.68 10.60 46.13
C ASP B 236 -49.23 9.86 47.36
N ASP B 237 -49.07 10.49 48.53
CA ASP B 237 -49.57 9.99 49.80
C ASP B 237 -49.33 8.53 50.18
N ASN B 238 -49.67 8.21 51.43
CA ASN B 238 -49.56 6.87 52.06
C ASN B 238 -48.67 5.86 51.32
N TRP B 239 -47.52 6.32 50.85
CA TRP B 239 -46.60 5.48 50.11
C TRP B 239 -45.90 4.45 50.99
N GLU B 240 -45.34 4.93 52.10
CA GLU B 240 -44.57 4.12 53.04
C GLU B 240 -44.89 2.64 53.03
N ASP B 241 -46.16 2.30 53.20
CA ASP B 241 -46.54 0.89 53.21
C ASP B 241 -46.31 0.27 51.85
N HIS B 242 -46.80 0.95 50.82
CA HIS B 242 -46.65 0.49 49.45
C HIS B 242 -45.20 0.09 49.30
N LEU B 243 -44.31 1.07 49.40
CA LEU B 243 -42.89 0.81 49.27
C LEU B 243 -42.43 -0.43 50.01
N CYS B 244 -42.93 -0.60 51.22
CA CYS B 244 -42.52 -1.76 52.00
C CYS B 244 -43.25 -2.98 51.51
N ARG B 245 -44.56 -2.84 51.31
CA ARG B 245 -45.30 -3.98 50.79
C ARG B 245 -44.52 -4.41 49.55
N ARG B 246 -44.06 -3.46 48.74
CA ARG B 246 -43.28 -3.80 47.55
C ARG B 246 -42.08 -4.58 48.02
N LEU B 247 -41.06 -3.88 48.49
CA LEU B 247 -39.85 -4.51 48.99
C LEU B 247 -40.06 -5.83 49.74
N SER B 248 -41.25 -6.03 50.31
CA SER B 248 -41.55 -7.25 51.07
C SER B 248 -42.06 -8.43 50.25
N GLU B 249 -42.40 -8.19 48.99
CA GLU B 249 -42.88 -9.24 48.08
C GLU B 249 -41.71 -9.53 47.16
N THR B 250 -40.86 -8.52 46.98
CA THR B 250 -39.66 -8.64 46.16
C THR B 250 -38.71 -9.54 46.95
N ARG B 251 -38.61 -9.25 48.25
CA ARG B 251 -37.75 -10.02 49.16
C ARG B 251 -38.16 -11.48 49.17
N THR B 252 -39.43 -11.73 49.51
CA THR B 252 -39.95 -13.07 49.57
C THR B 252 -40.13 -13.71 48.18
N ARG B 253 -39.91 -12.93 47.14
CA ARG B 253 -40.05 -13.42 45.75
C ARG B 253 -38.74 -14.01 45.24
N GLY B 254 -37.64 -13.31 45.50
CA GLY B 254 -36.34 -13.76 45.07
C GLY B 254 -35.28 -12.69 45.24
N SER B 255 -35.54 -11.53 44.64
CA SER B 255 -34.65 -10.38 44.71
C SER B 255 -33.32 -10.65 45.41
N ARG B 256 -32.24 -10.68 44.62
CA ARG B 256 -30.91 -10.90 45.17
C ARG B 256 -30.55 -9.62 45.92
N LEU B 257 -31.52 -8.70 45.99
CA LEU B 257 -31.32 -7.41 46.66
C LEU B 257 -32.44 -6.39 46.37
N ASN B 258 -32.24 -5.13 46.78
CA ASN B 258 -33.20 -4.06 46.56
C ASN B 258 -32.48 -2.75 46.26
N ILE B 259 -33.02 -1.94 45.36
CA ILE B 259 -32.38 -0.68 45.05
C ILE B 259 -33.35 0.46 44.87
N ILE B 260 -33.28 1.45 45.75
CA ILE B 260 -34.15 2.60 45.68
C ILE B 260 -33.31 3.82 45.35
N ILE B 261 -33.74 4.50 44.29
CA ILE B 261 -33.05 5.69 43.84
C ILE B 261 -33.90 6.86 44.26
N VAL B 262 -33.24 7.83 44.88
CA VAL B 262 -33.84 9.04 45.40
C VAL B 262 -33.24 10.28 44.79
N ALA B 263 -34.06 11.06 44.11
CA ALA B 263 -33.55 12.29 43.54
C ALA B 263 -32.91 13.13 44.65
N GLU B 264 -32.06 14.06 44.26
CA GLU B 264 -31.41 14.94 45.22
C GLU B 264 -32.58 15.71 45.81
N GLY B 265 -33.27 16.47 44.96
CA GLY B 265 -34.41 17.23 45.43
C GLY B 265 -35.73 16.50 45.53
N ALA B 266 -35.74 15.33 46.17
CA ALA B 266 -36.97 14.57 46.33
C ALA B 266 -37.82 15.13 47.47
N ILE B 267 -39.14 15.16 47.26
CA ILE B 267 -40.10 15.67 48.25
C ILE B 267 -41.41 14.89 48.29
N ASP B 268 -42.10 14.91 49.42
CA ASP B 268 -43.37 14.18 49.50
C ASP B 268 -44.44 15.02 48.82
N ARG B 269 -45.69 14.61 48.95
CA ARG B 269 -46.75 15.36 48.29
C ARG B 269 -47.01 16.73 48.90
N ASN B 270 -46.26 17.08 49.95
CA ASN B 270 -46.44 18.37 50.62
C ASN B 270 -45.28 19.34 50.69
N GLY B 271 -44.11 18.96 50.18
CA GLY B 271 -42.99 19.88 50.23
C GLY B 271 -41.99 19.37 51.22
N LYS B 272 -42.48 18.71 52.28
CA LYS B 272 -41.60 18.14 53.29
C LYS B 272 -40.80 17.15 52.46
N PRO B 273 -39.56 17.52 52.11
CA PRO B 273 -38.73 16.62 51.32
C PRO B 273 -38.64 15.21 51.86
N ILE B 274 -37.95 14.36 51.12
CA ILE B 274 -37.73 12.97 51.49
C ILE B 274 -36.22 12.84 51.44
N THR B 275 -35.62 12.33 52.50
CA THR B 275 -34.18 12.22 52.50
C THR B 275 -33.73 10.79 52.19
N SER B 276 -32.55 10.65 51.60
CA SER B 276 -32.04 9.33 51.30
C SER B 276 -32.10 8.55 52.61
N GLU B 277 -31.55 9.15 53.67
CA GLU B 277 -31.54 8.55 55.00
C GLU B 277 -32.91 8.13 55.52
N GLY B 278 -33.82 9.09 55.61
CA GLY B 278 -35.16 8.80 56.11
C GLY B 278 -35.70 7.47 55.62
N VAL B 279 -35.41 7.18 54.37
CA VAL B 279 -35.85 5.95 53.75
C VAL B 279 -35.14 4.81 54.47
N LYS B 280 -33.79 4.88 54.48
CA LYS B 280 -32.93 3.87 55.12
C LYS B 280 -33.64 3.41 56.37
N ASP B 281 -34.06 4.41 57.14
CA ASP B 281 -34.74 4.23 58.39
C ASP B 281 -36.06 3.53 58.16
N LEU B 282 -36.96 4.18 57.44
CA LEU B 282 -38.24 3.55 57.19
C LEU B 282 -37.97 2.10 56.81
N VAL B 283 -36.98 1.89 55.96
CA VAL B 283 -36.65 0.54 55.54
C VAL B 283 -36.33 -0.33 56.76
N VAL B 284 -35.44 0.15 57.62
CA VAL B 284 -35.09 -0.61 58.81
C VAL B 284 -36.27 -0.69 59.76
N ARG B 285 -36.73 0.46 60.23
CA ARG B 285 -37.86 0.50 61.16
C ARG B 285 -38.93 -0.54 60.81
N ARG B 286 -39.55 -0.37 59.64
CA ARG B 286 -40.64 -1.24 59.18
C ARG B 286 -40.29 -2.58 58.49
N LEU B 287 -39.03 -2.79 58.11
CA LEU B 287 -38.62 -4.05 57.45
C LEU B 287 -37.39 -4.70 58.08
N GLY B 288 -36.38 -3.90 58.39
CA GLY B 288 -35.16 -4.43 58.99
C GLY B 288 -34.25 -5.17 58.03
N TYR B 289 -33.66 -4.44 57.07
CA TYR B 289 -32.77 -5.03 56.05
C TYR B 289 -31.33 -4.52 56.12
N ASP B 290 -30.39 -5.30 55.58
CA ASP B 290 -28.96 -4.97 55.56
C ASP B 290 -28.71 -3.52 55.18
N THR B 291 -29.76 -2.92 54.61
CA THR B 291 -29.86 -1.51 54.20
C THR B 291 -28.69 -0.54 54.30
N ARG B 292 -28.10 -0.15 53.17
CA ARG B 292 -26.99 0.80 53.20
C ARG B 292 -27.42 2.16 52.58
N VAL B 293 -26.49 3.10 52.36
CA VAL B 293 -26.84 4.41 51.76
C VAL B 293 -25.64 5.11 51.16
N THR B 294 -25.64 5.29 49.85
CA THR B 294 -24.52 5.97 49.21
C THR B 294 -25.07 7.29 48.74
N VAL B 295 -24.18 8.22 48.46
CA VAL B 295 -24.58 9.52 47.96
C VAL B 295 -23.52 9.87 46.97
N LEU B 296 -23.68 9.36 45.77
CA LEU B 296 -22.71 9.58 44.73
C LEU B 296 -22.09 10.97 44.74
N GLY B 297 -22.88 11.98 44.40
CA GLY B 297 -22.37 13.35 44.35
C GLY B 297 -20.97 13.55 43.77
N HIS B 298 -20.58 14.81 43.61
CA HIS B 298 -19.25 15.21 43.12
C HIS B 298 -18.56 14.37 42.04
N VAL B 299 -18.93 13.09 41.94
CA VAL B 299 -18.37 12.15 40.96
C VAL B 299 -19.20 12.22 39.68
N GLN B 300 -20.50 12.32 39.86
CA GLN B 300 -21.43 12.41 38.77
C GLN B 300 -20.91 13.45 37.80
N ARG B 301 -19.94 14.23 38.24
CA ARG B 301 -19.38 15.25 37.36
C ARG B 301 -17.97 14.88 36.92
N GLY B 302 -17.47 13.80 37.50
CA GLY B 302 -16.11 13.36 37.24
C GLY B 302 -15.76 12.67 35.95
N GLY B 303 -15.19 11.48 36.10
CA GLY B 303 -14.75 10.66 34.98
C GLY B 303 -14.35 11.39 33.72
N THR B 304 -14.27 10.64 32.64
CA THR B 304 -13.98 11.25 31.36
C THR B 304 -15.31 11.22 30.58
N PRO B 305 -15.57 12.26 29.79
CA PRO B 305 -16.83 12.28 29.06
C PRO B 305 -17.01 11.18 28.03
N SER B 306 -18.25 10.74 27.94
CA SER B 306 -18.65 9.70 27.03
C SER B 306 -18.52 10.18 25.61
N ALA B 307 -18.65 9.24 24.68
CA ALA B 307 -18.53 9.52 23.25
C ALA B 307 -19.53 10.59 22.89
N PHE B 308 -20.75 10.39 23.38
CA PHE B 308 -21.79 11.33 23.07
C PHE B 308 -21.45 12.75 23.40
N ASP B 309 -21.23 13.00 24.70
CA ASP B 309 -20.95 14.35 25.15
C ASP B 309 -19.82 15.01 24.40
N ARG B 310 -18.86 14.22 23.94
CA ARG B 310 -17.75 14.80 23.20
C ARG B 310 -18.27 15.23 21.87
N ILE B 311 -19.08 14.37 21.25
CA ILE B 311 -19.70 14.68 19.94
C ILE B 311 -20.65 15.87 20.15
N LEU B 312 -21.57 15.68 21.11
CA LEU B 312 -22.57 16.68 21.43
C LEU B 312 -21.90 17.99 21.72
N GLY B 313 -20.70 17.92 22.29
CA GLY B 313 -19.99 19.14 22.63
C GLY B 313 -19.51 19.85 21.39
N SER B 314 -18.89 19.06 20.53
CA SER B 314 -18.37 19.59 19.30
C SER B 314 -19.55 20.07 18.46
N ARG B 315 -20.64 19.30 18.42
CA ARG B 315 -21.78 19.73 17.61
C ARG B 315 -22.31 21.12 18.02
N MET B 316 -22.72 21.30 19.28
CA MET B 316 -23.22 22.59 19.76
C MET B 316 -22.17 23.64 19.56
N GLY B 317 -20.93 23.25 19.76
CA GLY B 317 -19.85 24.19 19.59
C GLY B 317 -19.98 24.98 18.31
N VAL B 318 -20.06 24.27 17.21
CA VAL B 318 -20.16 24.94 15.94
C VAL B 318 -21.42 25.74 15.83
N GLU B 319 -22.55 25.13 16.19
CA GLU B 319 -23.81 25.82 16.11
C GLU B 319 -23.76 27.21 16.78
N ALA B 320 -23.00 27.32 17.86
CA ALA B 320 -22.85 28.57 18.58
C ALA B 320 -22.13 29.57 17.69
N VAL B 321 -20.91 29.26 17.29
CA VAL B 321 -20.14 30.18 16.45
C VAL B 321 -20.91 30.57 15.19
N MET B 322 -21.81 29.72 14.75
CA MET B 322 -22.58 30.04 13.56
C MET B 322 -23.64 31.06 13.95
N ALA B 323 -24.43 30.71 14.94
CA ALA B 323 -25.47 31.61 15.40
C ALA B 323 -24.86 32.98 15.72
N LEU B 324 -23.61 32.99 16.16
CA LEU B 324 -22.93 34.26 16.50
C LEU B 324 -22.63 35.15 15.30
N LEU B 325 -21.81 34.66 14.38
CA LEU B 325 -21.46 35.46 13.22
C LEU B 325 -22.68 35.76 12.39
N GLU B 326 -23.62 34.83 12.36
CA GLU B 326 -24.82 35.05 11.57
C GLU B 326 -25.68 36.12 12.22
N GLY B 327 -25.63 36.19 13.55
CA GLY B 327 -26.43 37.15 14.29
C GLY B 327 -26.40 38.61 13.85
N THR B 328 -27.38 39.36 14.32
CA THR B 328 -27.55 40.79 14.02
C THR B 328 -28.31 41.41 15.18
N PRO B 329 -28.89 42.61 14.96
CA PRO B 329 -29.65 43.22 16.06
C PRO B 329 -31.13 42.83 15.93
N ASP B 330 -31.50 42.23 14.81
CA ASP B 330 -32.89 41.80 14.62
C ASP B 330 -33.02 40.51 15.40
N THR B 331 -32.04 39.63 15.18
CA THR B 331 -31.96 38.34 15.81
C THR B 331 -31.50 38.49 17.27
N PRO B 332 -32.32 37.98 18.21
CA PRO B 332 -32.17 37.98 19.67
C PRO B 332 -31.09 37.09 20.28
N ALA B 333 -31.44 36.49 21.42
CA ALA B 333 -30.54 35.59 22.13
C ALA B 333 -31.05 34.17 21.92
N CYS B 334 -30.17 33.31 21.44
CA CYS B 334 -30.54 31.94 21.19
C CYS B 334 -29.69 30.99 21.99
N VAL B 335 -30.21 29.78 22.14
CA VAL B 335 -29.52 28.73 22.84
C VAL B 335 -29.48 27.62 21.83
N VAL B 336 -28.32 27.36 21.24
CA VAL B 336 -28.24 26.27 20.29
C VAL B 336 -28.48 24.99 21.06
N SER B 337 -29.55 24.29 20.76
CA SER B 337 -29.82 23.07 21.49
C SER B 337 -29.86 21.95 20.46
N LEU B 338 -30.18 20.77 20.93
CA LEU B 338 -30.28 19.65 20.05
C LEU B 338 -31.72 19.22 20.19
N SER B 339 -32.46 19.35 19.08
CA SER B 339 -33.86 18.94 19.04
C SER B 339 -33.99 17.81 18.05
N GLY B 340 -34.62 16.72 18.48
CA GLY B 340 -34.77 15.57 17.61
C GLY B 340 -33.52 15.36 16.78
N ASN B 341 -32.42 15.11 17.47
CA ASN B 341 -31.17 14.90 16.79
C ASN B 341 -30.74 16.00 15.79
N GLN B 342 -31.10 17.26 16.08
CA GLN B 342 -30.71 18.40 15.22
C GLN B 342 -30.22 19.68 15.96
N ALA B 343 -29.36 20.43 15.27
CA ALA B 343 -28.79 21.67 15.79
C ALA B 343 -29.71 22.87 15.83
N VAL B 344 -30.97 22.67 16.24
CA VAL B 344 -31.92 23.76 16.32
C VAL B 344 -31.38 24.93 17.14
N ARG B 345 -31.95 26.12 16.92
CA ARG B 345 -31.50 27.32 17.62
C ARG B 345 -32.61 28.00 18.41
N LEU B 346 -33.16 27.35 19.42
CA LEU B 346 -34.24 27.97 20.19
C LEU B 346 -33.81 29.31 20.78
N PRO B 347 -34.75 30.27 20.85
CA PRO B 347 -34.58 31.62 21.37
C PRO B 347 -34.34 31.62 22.87
N LEU B 348 -33.21 32.16 23.31
CA LEU B 348 -32.89 32.15 24.72
C LEU B 348 -34.12 32.38 25.58
N MET B 349 -34.79 33.50 25.32
CA MET B 349 -35.98 33.95 26.05
C MET B 349 -36.89 32.96 26.75
N GLU B 350 -37.66 32.21 25.99
CA GLU B 350 -38.58 31.25 26.58
C GLU B 350 -37.88 30.04 27.17
N CYS B 351 -36.77 29.65 26.58
CA CYS B 351 -36.01 28.50 27.06
C CYS B 351 -35.76 28.66 28.56
N VAL B 352 -35.60 29.91 28.97
CA VAL B 352 -35.37 30.24 30.36
C VAL B 352 -36.71 30.31 31.08
N GLN B 353 -37.65 31.05 30.50
CA GLN B 353 -38.93 31.15 31.13
C GLN B 353 -39.44 29.72 31.32
N VAL B 354 -39.70 29.04 30.21
CA VAL B 354 -40.23 27.69 30.28
C VAL B 354 -39.43 26.83 31.23
N THR B 355 -38.14 27.12 31.37
CA THR B 355 -37.33 26.35 32.28
C THR B 355 -37.73 26.63 33.73
N LYS B 356 -37.82 27.90 34.08
CA LYS B 356 -38.19 28.30 35.44
C LYS B 356 -39.63 27.85 35.74
N ASP B 357 -40.49 27.96 34.73
CA ASP B 357 -41.89 27.57 34.86
C ASP B 357 -42.12 26.19 35.48
N VAL B 358 -41.16 25.29 35.33
CA VAL B 358 -41.31 23.92 35.86
C VAL B 358 -41.10 23.85 37.35
N THR B 359 -40.25 24.72 37.88
CA THR B 359 -40.03 24.72 39.29
C THR B 359 -41.35 25.22 39.88
N LYS B 360 -41.77 26.38 39.37
CA LYS B 360 -42.99 27.03 39.81
C LYS B 360 -44.10 26.01 40.08
N ALA B 361 -44.73 25.56 39.00
CA ALA B 361 -45.83 24.58 39.05
C ALA B 361 -45.55 23.40 39.96
N MET B 362 -44.31 23.27 40.40
CA MET B 362 -43.91 22.18 41.29
C MET B 362 -43.89 22.66 42.72
N ASP B 363 -43.73 23.98 42.91
CA ASP B 363 -43.74 24.61 44.24
C ASP B 363 -45.21 24.73 44.60
N GLU B 364 -46.00 24.91 43.56
CA GLU B 364 -47.44 24.99 43.67
C GLU B 364 -47.79 23.51 43.72
N LYS B 365 -48.71 23.12 44.58
CA LYS B 365 -49.08 21.72 44.65
C LYS B 365 -49.45 21.16 43.28
N ARG B 366 -49.34 21.99 42.23
CA ARG B 366 -49.70 21.58 40.86
C ARG B 366 -48.60 20.85 40.10
N PHE B 367 -48.15 19.71 40.64
CA PHE B 367 -47.08 18.92 40.02
C PHE B 367 -47.42 18.47 38.62
N ASP B 368 -48.60 17.90 38.46
CA ASP B 368 -49.11 17.41 37.17
C ASP B 368 -48.71 18.35 36.03
N GLU B 369 -48.44 19.61 36.35
CA GLU B 369 -48.05 20.60 35.36
C GLU B 369 -46.57 20.41 35.06
N ALA B 370 -45.81 20.12 36.10
CA ALA B 370 -44.38 19.88 35.98
C ALA B 370 -44.24 18.63 35.12
N MET B 371 -44.91 17.58 35.54
CA MET B 371 -44.84 16.35 34.77
C MET B 371 -45.06 16.66 33.28
N LYS B 372 -45.67 17.82 33.01
CA LYS B 372 -45.94 18.25 31.64
C LYS B 372 -44.86 19.16 31.13
N LEU B 373 -44.60 20.23 31.87
CA LEU B 373 -43.56 21.16 31.48
C LEU B 373 -42.29 20.37 31.17
N ARG B 374 -42.14 19.26 31.89
CA ARG B 374 -41.03 18.34 31.72
C ARG B 374 -41.50 17.61 30.47
N GLY B 375 -42.59 16.87 30.66
CA GLY B 375 -43.28 16.08 29.64
C GLY B 375 -42.59 15.48 28.43
N ARG B 376 -43.43 14.88 27.58
CA ARG B 376 -43.00 14.25 26.34
C ARG B 376 -42.40 12.90 26.69
N SER B 377 -41.15 12.73 26.27
CA SER B 377 -40.41 11.51 26.53
C SER B 377 -40.43 11.26 28.01
N PHE B 378 -40.05 12.29 28.75
CA PHE B 378 -39.98 12.18 30.19
C PHE B 378 -41.16 11.40 30.77
N MET B 379 -42.37 11.73 30.35
CA MET B 379 -43.54 11.04 30.88
C MET B 379 -43.60 9.58 30.48
N ASN B 380 -43.10 9.29 29.29
CA ASN B 380 -43.11 7.91 28.84
C ASN B 380 -42.22 7.13 29.81
N ASN B 381 -40.98 7.61 29.97
CA ASN B 381 -40.02 6.96 30.86
C ASN B 381 -40.68 6.66 32.18
N TRP B 382 -41.38 7.67 32.70
CA TRP B 382 -42.08 7.51 33.95
C TRP B 382 -43.08 6.36 33.73
N GLU B 383 -44.10 6.60 32.90
CA GLU B 383 -45.10 5.57 32.65
C GLU B 383 -44.50 4.16 32.44
N VAL B 384 -43.54 4.02 31.52
CA VAL B 384 -42.89 2.72 31.24
C VAL B 384 -42.20 2.15 32.48
N TYR B 385 -41.36 3.00 33.10
CA TYR B 385 -40.61 2.63 34.30
C TYR B 385 -41.48 2.01 35.37
N LYS B 386 -42.49 2.74 35.80
CA LYS B 386 -43.38 2.28 36.86
C LYS B 386 -43.92 0.93 36.50
N LEU B 387 -44.22 0.79 35.22
CA LEU B 387 -44.79 -0.42 34.63
C LEU B 387 -43.78 -1.55 34.63
N LEU B 388 -42.60 -1.25 34.13
CA LEU B 388 -41.57 -2.23 34.09
C LEU B 388 -41.08 -2.56 35.51
N ALA B 389 -41.06 -1.57 36.40
CA ALA B 389 -40.64 -1.75 37.80
C ALA B 389 -41.67 -2.71 38.40
N HIS B 390 -42.91 -2.25 38.37
CA HIS B 390 -44.10 -3.01 38.80
C HIS B 390 -43.94 -4.31 39.58
N ILE B 391 -44.80 -4.45 40.58
CA ILE B 391 -44.85 -5.60 41.47
C ILE B 391 -44.88 -6.96 40.72
N ARG B 392 -46.01 -7.27 40.09
CA ARG B 392 -46.19 -8.51 39.32
C ARG B 392 -47.28 -8.33 38.26
N PRO B 393 -47.35 -9.24 37.27
CA PRO B 393 -48.31 -9.22 36.17
C PRO B 393 -49.65 -9.85 36.50
N PRO B 394 -50.74 -9.32 35.92
CA PRO B 394 -52.09 -9.85 36.16
C PRO B 394 -52.26 -11.28 35.63
N ALA B 395 -53.51 -11.73 35.51
CA ALA B 395 -53.81 -13.06 35.01
C ALA B 395 -54.22 -13.00 33.53
N PRO B 396 -53.48 -13.72 32.66
CA PRO B 396 -53.79 -13.71 31.23
C PRO B 396 -55.21 -14.17 30.90
N LYS B 397 -56.10 -13.20 30.70
CA LYS B 397 -57.48 -13.51 30.37
C LYS B 397 -57.44 -14.57 29.28
N SER B 398 -58.11 -15.69 29.52
CA SER B 398 -58.14 -16.81 28.58
C SER B 398 -58.09 -16.35 27.12
N GLY B 399 -58.76 -15.23 26.82
CA GLY B 399 -58.77 -14.71 25.46
C GLY B 399 -57.71 -13.66 25.21
N SER B 400 -56.47 -14.13 25.02
CA SER B 400 -55.32 -13.26 24.79
C SER B 400 -54.43 -13.63 23.62
N TYR B 401 -53.96 -12.59 22.95
CA TYR B 401 -53.09 -12.79 21.82
C TYR B 401 -51.77 -13.35 22.30
N THR B 402 -50.97 -13.84 21.38
CA THR B 402 -49.71 -14.41 21.76
C THR B 402 -48.57 -14.01 20.80
N VAL B 403 -47.52 -13.45 21.38
CA VAL B 403 -46.41 -12.96 20.61
C VAL B 403 -45.11 -13.68 20.86
N ALA B 404 -44.23 -13.63 19.87
CA ALA B 404 -42.95 -14.26 20.00
C ALA B 404 -41.89 -13.23 19.72
N VAL B 405 -40.89 -13.09 20.61
CA VAL B 405 -39.80 -12.13 20.40
C VAL B 405 -38.59 -12.96 20.06
N MET B 406 -37.61 -12.37 19.37
CA MET B 406 -36.42 -13.14 18.96
C MET B 406 -35.30 -12.23 18.48
N ASN B 407 -34.08 -12.75 18.43
CA ASN B 407 -32.98 -11.92 17.99
C ASN B 407 -32.44 -12.47 16.71
N VAL B 408 -31.93 -11.61 15.87
CA VAL B 408 -31.47 -12.05 14.58
C VAL B 408 -30.28 -11.18 14.29
N GLY B 409 -29.24 -11.78 13.74
CA GLY B 409 -28.04 -11.04 13.41
C GLY B 409 -27.06 -11.36 14.50
N ALA B 410 -26.01 -10.56 14.64
CA ALA B 410 -25.06 -10.84 15.71
C ALA B 410 -25.51 -10.07 16.90
N PRO B 411 -24.97 -10.41 18.08
CA PRO B 411 -25.32 -9.73 19.32
C PRO B 411 -24.91 -8.25 19.33
N ALA B 412 -25.81 -7.46 19.93
CA ALA B 412 -25.62 -6.06 20.08
C ALA B 412 -26.01 -5.80 21.51
N ALA B 413 -25.24 -4.95 22.19
CA ALA B 413 -25.49 -4.60 23.58
C ALA B 413 -26.83 -3.91 23.67
N GLY B 414 -27.74 -4.46 24.46
CA GLY B 414 -29.03 -3.82 24.57
C GLY B 414 -30.14 -4.77 24.18
N MET B 415 -29.82 -5.81 23.41
CA MET B 415 -30.84 -6.76 23.01
C MET B 415 -31.66 -7.29 24.20
N ASN B 416 -30.99 -7.60 25.32
CA ASN B 416 -31.75 -8.17 26.42
C ASN B 416 -32.63 -7.15 27.02
N ALA B 417 -32.12 -5.93 27.15
CA ALA B 417 -32.91 -4.87 27.71
C ALA B 417 -34.23 -4.93 26.95
N ALA B 418 -34.12 -4.91 25.62
CA ALA B 418 -35.27 -4.98 24.71
C ALA B 418 -36.19 -6.21 24.88
N VAL B 419 -35.63 -7.39 25.04
CA VAL B 419 -36.49 -8.55 25.21
C VAL B 419 -37.24 -8.36 26.49
N ARG B 420 -36.53 -7.80 27.46
CA ARG B 420 -37.10 -7.60 28.80
C ARG B 420 -38.44 -6.89 28.75
N SER B 421 -38.45 -5.70 28.14
CA SER B 421 -39.66 -4.88 28.03
C SER B 421 -40.75 -5.56 27.23
N THR B 422 -40.36 -6.07 26.06
CA THR B 422 -41.28 -6.78 25.18
C THR B 422 -42.01 -7.82 26.00
N VAL B 423 -41.27 -8.75 26.58
CA VAL B 423 -41.94 -9.74 27.42
C VAL B 423 -42.85 -9.10 28.48
N ARG B 424 -42.29 -8.17 29.22
CA ARG B 424 -43.05 -7.54 30.27
C ARG B 424 -44.29 -6.80 29.78
N ILE B 425 -44.07 -5.79 28.93
CA ILE B 425 -45.21 -5.01 28.44
C ILE B 425 -46.22 -5.95 27.82
N GLY B 426 -45.74 -6.98 27.16
CA GLY B 426 -46.67 -7.93 26.60
C GLY B 426 -47.49 -8.52 27.72
N LEU B 427 -46.79 -9.10 28.71
CA LEU B 427 -47.44 -9.73 29.86
C LEU B 427 -48.39 -8.81 30.60
N ILE B 428 -48.07 -7.53 30.57
CA ILE B 428 -48.86 -6.51 31.21
C ILE B 428 -50.21 -6.35 30.54
N GLN B 429 -50.23 -6.33 29.22
CA GLN B 429 -51.47 -6.17 28.46
C GLN B 429 -52.33 -7.41 28.67
N GLY B 430 -51.70 -8.52 29.00
CA GLY B 430 -52.48 -9.71 29.21
C GLY B 430 -52.22 -10.74 28.14
N ASN B 431 -51.26 -10.49 27.27
CA ASN B 431 -51.00 -11.45 26.22
C ASN B 431 -49.84 -12.35 26.56
N ARG B 432 -49.78 -13.53 25.95
CA ARG B 432 -48.65 -14.44 26.17
C ARG B 432 -47.41 -14.10 25.31
N VAL B 433 -46.23 -14.04 25.91
CA VAL B 433 -45.07 -13.75 25.09
C VAL B 433 -44.23 -15.01 24.95
N LEU B 434 -43.67 -15.26 23.79
CA LEU B 434 -42.89 -16.45 23.62
C LEU B 434 -41.48 -16.06 23.28
N VAL B 435 -40.49 -16.82 23.73
CA VAL B 435 -39.14 -16.42 23.41
C VAL B 435 -38.69 -17.44 22.42
N VAL B 436 -37.74 -17.05 21.60
CA VAL B 436 -37.33 -17.95 20.54
C VAL B 436 -35.84 -18.03 20.55
N HIS B 437 -35.33 -19.24 20.70
CA HIS B 437 -33.89 -19.37 20.73
C HIS B 437 -33.20 -19.31 19.38
N ASP B 438 -32.07 -18.62 19.32
CA ASP B 438 -31.30 -18.51 18.10
C ASP B 438 -32.13 -18.08 16.89
N GLY B 439 -32.36 -16.79 16.76
CA GLY B 439 -33.12 -16.24 15.63
C GLY B 439 -34.18 -17.06 14.89
N PHE B 440 -34.02 -17.08 13.58
CA PHE B 440 -34.93 -17.78 12.67
C PHE B 440 -34.80 -19.30 12.76
N GLU B 441 -33.57 -19.77 12.99
CA GLU B 441 -33.32 -21.19 13.14
C GLU B 441 -34.23 -21.65 14.29
N GLY B 442 -34.64 -20.68 15.10
CA GLY B 442 -35.54 -20.95 16.20
C GLY B 442 -36.93 -21.37 15.73
N PRO B 443 -37.74 -20.51 15.05
CA PRO B 443 -39.04 -21.04 14.67
C PRO B 443 -38.77 -22.20 13.72
N ALA B 444 -37.76 -22.03 12.87
CA ALA B 444 -37.41 -23.09 11.95
C ALA B 444 -37.38 -24.41 12.75
N LYS B 445 -36.31 -24.59 13.53
CA LYS B 445 -36.10 -25.76 14.36
C LYS B 445 -37.01 -26.03 15.57
N GLY B 446 -37.90 -25.14 15.94
CA GLY B 446 -38.79 -25.43 17.08
C GLY B 446 -38.41 -25.06 18.53
N GLN B 447 -37.30 -24.35 18.72
CA GLN B 447 -36.80 -23.91 20.02
C GLN B 447 -37.57 -22.67 20.50
N ILE B 448 -38.75 -22.92 21.04
CA ILE B 448 -39.62 -21.83 21.46
C ILE B 448 -40.19 -22.09 22.85
N GLU B 449 -39.88 -21.18 23.78
CA GLU B 449 -40.31 -21.26 25.20
C GLU B 449 -41.28 -20.14 25.57
N GLU B 450 -42.21 -20.42 26.48
CA GLU B 450 -43.12 -19.38 26.92
C GLU B 450 -42.34 -18.54 27.89
N ALA B 451 -42.87 -17.40 28.31
CA ALA B 451 -42.14 -16.55 29.25
C ALA B 451 -43.06 -15.80 30.19
N GLY B 452 -42.71 -15.89 31.47
CA GLY B 452 -43.45 -15.23 32.51
C GLY B 452 -42.61 -14.08 33.00
N TRP B 453 -43.20 -13.23 33.83
CA TRP B 453 -42.55 -12.03 34.36
C TRP B 453 -41.10 -12.18 34.88
N SER B 454 -40.88 -13.22 35.68
CA SER B 454 -39.57 -13.50 36.24
C SER B 454 -38.49 -13.76 35.19
N TYR B 455 -38.91 -14.28 34.07
CA TYR B 455 -38.01 -14.64 32.99
C TYR B 455 -36.94 -13.66 32.57
N VAL B 456 -37.32 -12.46 32.19
CA VAL B 456 -36.34 -11.49 31.74
C VAL B 456 -35.74 -10.72 32.90
N GLY B 457 -36.28 -10.98 34.09
CA GLY B 457 -35.84 -10.33 35.30
C GLY B 457 -34.33 -10.31 35.41
N GLY B 458 -33.72 -9.13 35.32
CA GLY B 458 -32.29 -9.07 35.43
C GLY B 458 -31.56 -8.66 34.19
N TRP B 459 -32.08 -9.11 33.03
CA TRP B 459 -31.46 -8.86 31.73
C TRP B 459 -31.06 -7.45 31.36
N THR B 460 -31.96 -6.53 31.64
CA THR B 460 -31.74 -5.16 31.28
C THR B 460 -30.34 -4.66 31.24
N GLY B 461 -29.55 -4.97 32.24
CA GLY B 461 -28.19 -4.47 32.24
C GLY B 461 -27.17 -5.36 31.55
N GLN B 462 -27.51 -6.63 31.33
CA GLN B 462 -26.60 -7.60 30.73
C GLN B 462 -26.42 -7.73 29.22
N GLY B 463 -25.20 -7.44 28.78
CA GLY B 463 -24.80 -7.50 27.38
C GLY B 463 -24.99 -8.77 26.55
N GLY B 464 -24.41 -8.72 25.34
CA GLY B 464 -24.55 -9.84 24.42
C GLY B 464 -26.02 -10.24 24.21
N SER B 465 -26.23 -11.35 23.49
CA SER B 465 -27.58 -11.80 23.27
C SER B 465 -28.04 -12.50 24.53
N LYS B 466 -28.50 -13.73 24.42
CA LYS B 466 -29.00 -14.47 25.59
C LYS B 466 -30.04 -15.40 25.08
N LEU B 467 -30.92 -14.84 24.24
CA LEU B 467 -31.96 -15.63 23.62
C LEU B 467 -31.19 -16.40 22.58
N GLY B 468 -30.10 -15.80 22.10
CA GLY B 468 -29.26 -16.45 21.12
C GLY B 468 -29.54 -15.83 19.79
N SER B 469 -28.55 -15.57 18.95
CA SER B 469 -28.95 -14.96 17.70
C SER B 469 -28.12 -15.31 16.51
N LYS B 470 -28.72 -16.03 15.57
CA LYS B 470 -27.99 -16.33 14.37
C LYS B 470 -28.42 -15.35 13.27
N ARG B 471 -27.70 -15.25 12.17
CA ARG B 471 -28.16 -14.33 11.15
C ARG B 471 -28.69 -14.98 9.86
N THR B 472 -29.13 -16.23 9.96
CA THR B 472 -29.64 -16.92 8.79
C THR B 472 -31.06 -16.47 8.47
N LEU B 473 -31.36 -16.31 7.18
CA LEU B 473 -32.67 -15.83 6.69
C LEU B 473 -33.74 -16.88 6.68
N PRO B 474 -34.98 -16.49 6.96
CA PRO B 474 -36.16 -17.37 7.04
C PRO B 474 -36.66 -18.19 5.85
N LYS B 475 -36.55 -17.64 4.64
CA LYS B 475 -37.05 -18.30 3.42
C LYS B 475 -36.95 -19.82 3.31
N LYS B 476 -35.73 -20.29 3.09
CA LYS B 476 -35.48 -21.71 2.91
C LYS B 476 -36.07 -22.57 3.97
N SER B 477 -36.86 -22.01 4.88
CA SER B 477 -37.46 -22.82 5.95
C SER B 477 -38.89 -22.41 6.30
N PHE B 478 -39.47 -21.57 5.42
CA PHE B 478 -40.85 -21.11 5.61
C PHE B 478 -41.71 -22.33 5.94
N GLU B 479 -41.49 -23.40 5.17
CA GLU B 479 -42.19 -24.64 5.35
C GLU B 479 -42.29 -24.94 6.80
N GLN B 480 -41.13 -25.05 7.47
CA GLN B 480 -41.08 -25.36 8.91
C GLN B 480 -41.55 -24.22 9.78
N ILE B 481 -41.02 -23.02 9.56
CA ILE B 481 -41.45 -21.93 10.43
C ILE B 481 -42.97 -21.71 10.34
N SER B 482 -43.60 -22.31 9.34
CA SER B 482 -45.04 -22.18 9.18
C SER B 482 -45.76 -23.08 10.14
N ALA B 483 -45.42 -24.36 10.10
CA ALA B 483 -46.05 -25.32 10.97
C ALA B 483 -45.95 -24.85 12.41
N ASN B 484 -44.78 -24.31 12.73
CA ASN B 484 -44.50 -23.82 14.07
C ASN B 484 -45.38 -22.68 14.47
N ILE B 485 -45.43 -21.68 13.61
CA ILE B 485 -46.27 -20.54 13.85
C ILE B 485 -47.65 -21.12 14.17
N THR B 486 -47.98 -22.22 13.51
CA THR B 486 -49.29 -22.84 13.74
C THR B 486 -49.36 -23.66 15.01
N LYS B 487 -48.29 -24.38 15.37
CA LYS B 487 -48.29 -25.17 16.61
C LYS B 487 -48.31 -24.28 17.84
N PHE B 488 -47.33 -23.37 17.89
CA PHE B 488 -47.20 -22.48 19.02
C PHE B 488 -48.19 -21.35 19.06
N ASN B 489 -49.08 -21.35 18.08
CA ASN B 489 -50.07 -20.32 17.98
C ASN B 489 -49.49 -18.90 17.85
N ILE B 490 -48.30 -18.78 17.30
CA ILE B 490 -47.70 -17.48 17.12
C ILE B 490 -48.66 -16.55 16.31
N GLN B 491 -48.89 -15.35 16.83
CA GLN B 491 -49.75 -14.38 16.17
C GLN B 491 -48.95 -13.12 15.94
N GLY B 492 -47.85 -12.98 16.65
CA GLY B 492 -47.09 -11.77 16.45
C GLY B 492 -45.63 -12.07 16.35
N LEU B 493 -44.85 -11.06 16.08
CA LEU B 493 -43.45 -11.27 15.97
C LEU B 493 -42.61 -10.01 16.22
N VAL B 494 -41.83 -9.99 17.29
CA VAL B 494 -40.96 -8.87 17.53
C VAL B 494 -39.58 -9.40 17.24
N ILE B 495 -38.91 -8.81 16.26
CA ILE B 495 -37.61 -9.31 15.84
C ILE B 495 -36.58 -8.25 16.20
N ILE B 496 -35.79 -8.47 17.25
CA ILE B 496 -34.79 -7.46 17.59
C ILE B 496 -33.51 -7.89 16.90
N GLY B 497 -32.80 -6.97 16.29
CA GLY B 497 -31.60 -7.37 15.59
C GLY B 497 -31.15 -6.33 14.59
N GLY B 498 -30.19 -6.68 13.75
CA GLY B 498 -29.66 -5.72 12.80
C GLY B 498 -30.16 -5.89 11.40
N PHE B 499 -29.28 -5.66 10.42
CA PHE B 499 -29.65 -5.76 9.01
C PHE B 499 -30.31 -7.03 8.66
N GLU B 500 -29.82 -8.15 9.15
CA GLU B 500 -30.46 -9.44 8.84
C GLU B 500 -31.88 -9.56 9.36
N ALA B 501 -32.35 -8.64 10.18
CA ALA B 501 -33.72 -8.78 10.68
C ALA B 501 -34.66 -8.00 9.77
N TYR B 502 -34.14 -6.95 9.16
CA TYR B 502 -34.93 -6.14 8.27
C TYR B 502 -35.02 -6.91 6.98
N THR B 503 -33.91 -7.52 6.64
CA THR B 503 -33.82 -8.28 5.44
C THR B 503 -34.73 -9.50 5.51
N GLY B 504 -34.78 -10.15 6.66
CA GLY B 504 -35.64 -11.30 6.77
C GLY B 504 -37.03 -10.78 7.03
N GLY B 505 -37.16 -9.47 7.26
CA GLY B 505 -38.47 -8.91 7.48
C GLY B 505 -39.02 -8.97 6.08
N LEU B 506 -38.19 -8.49 5.16
CA LEU B 506 -38.50 -8.51 3.74
C LEU B 506 -38.86 -9.92 3.30
N GLU B 507 -38.00 -10.91 3.54
CA GLU B 507 -38.33 -12.25 3.13
C GLU B 507 -39.70 -12.62 3.72
N LEU B 508 -39.92 -12.22 4.95
CA LEU B 508 -41.16 -12.57 5.56
C LEU B 508 -42.32 -12.01 4.76
N MET B 509 -42.22 -10.79 4.27
CA MET B 509 -43.32 -10.25 3.47
C MET B 509 -43.58 -11.22 2.35
N GLU B 510 -42.58 -11.35 1.48
CA GLU B 510 -42.65 -12.23 0.35
C GLU B 510 -43.33 -13.55 0.63
N GLY B 511 -42.80 -14.33 1.57
CA GLY B 511 -43.42 -15.61 1.82
C GLY B 511 -44.90 -15.52 2.13
N ARG B 512 -45.36 -14.30 2.42
CA ARG B 512 -46.74 -14.07 2.79
C ARG B 512 -47.69 -14.40 1.65
N LYS B 513 -47.15 -14.43 0.45
CA LYS B 513 -47.92 -14.72 -0.74
C LYS B 513 -48.17 -16.18 -0.90
N GLN B 514 -47.15 -17.02 -0.67
CA GLN B 514 -47.31 -18.46 -0.78
C GLN B 514 -47.83 -19.06 0.52
N PHE B 515 -47.28 -18.64 1.64
CA PHE B 515 -47.71 -19.21 2.91
C PHE B 515 -48.66 -18.32 3.62
N ASP B 516 -49.80 -18.88 4.00
CA ASP B 516 -50.80 -18.09 4.65
C ASP B 516 -50.56 -17.88 6.12
N GLU B 517 -49.70 -18.70 6.74
CA GLU B 517 -49.46 -18.53 8.16
C GLU B 517 -48.52 -17.38 8.38
N LEU B 518 -47.64 -17.11 7.41
CA LEU B 518 -46.73 -15.97 7.55
C LEU B 518 -47.52 -14.65 7.55
N CYS B 519 -48.83 -14.76 7.41
CA CYS B 519 -49.67 -13.59 7.35
C CYS B 519 -50.03 -13.04 8.69
N ILE B 520 -49.00 -12.57 9.38
CA ILE B 520 -49.12 -11.97 10.68
C ILE B 520 -48.17 -10.78 10.77
N PRO B 521 -48.48 -9.85 11.66
CA PRO B 521 -47.68 -8.64 11.86
C PRO B 521 -46.30 -8.89 12.43
N PHE B 522 -45.32 -8.09 12.05
CA PHE B 522 -43.98 -8.26 12.57
C PHE B 522 -43.24 -6.93 12.68
N VAL B 523 -42.63 -6.65 13.84
CA VAL B 523 -41.90 -5.40 14.06
C VAL B 523 -40.45 -5.70 14.11
N VAL B 524 -39.63 -4.80 13.60
CA VAL B 524 -38.21 -5.00 13.66
C VAL B 524 -37.53 -3.87 14.46
N ILE B 525 -37.08 -4.23 15.67
CA ILE B 525 -36.38 -3.33 16.60
C ILE B 525 -34.88 -3.37 16.23
N PRO B 526 -34.36 -2.34 15.60
CA PRO B 526 -32.97 -2.19 15.16
C PRO B 526 -31.84 -2.22 16.19
N ALA B 527 -31.25 -3.41 16.30
CA ALA B 527 -30.18 -3.68 17.22
C ALA B 527 -28.85 -4.00 16.56
N THR B 528 -27.95 -3.07 16.45
CA THR B 528 -26.69 -3.46 15.87
C THR B 528 -25.56 -2.48 15.91
N VAL B 529 -24.46 -3.00 16.39
CA VAL B 529 -23.19 -2.30 16.51
C VAL B 529 -22.86 -1.33 15.40
N SER B 530 -23.37 -1.59 14.20
CA SER B 530 -23.01 -0.77 13.08
C SER B 530 -23.96 0.34 12.70
N ASN B 531 -25.19 0.26 13.17
CA ASN B 531 -26.10 1.35 12.85
C ASN B 531 -26.18 1.49 11.34
N ASN B 532 -26.43 0.34 10.72
CA ASN B 532 -26.51 0.22 9.30
C ASN B 532 -27.91 -0.16 8.87
N VAL B 533 -28.84 -0.29 9.81
CA VAL B 533 -30.21 -0.62 9.42
C VAL B 533 -30.99 0.52 8.70
N PRO B 534 -31.92 0.17 7.81
CA PRO B 534 -32.50 1.43 7.29
C PRO B 534 -33.67 1.90 8.11
N GLY B 535 -33.99 3.18 8.04
CA GLY B 535 -35.15 3.65 8.78
C GLY B 535 -34.94 4.11 10.20
N SER B 536 -33.71 4.38 10.58
CA SER B 536 -33.47 4.84 11.91
C SER B 536 -32.09 5.44 11.91
N ASP B 537 -31.90 6.43 12.78
CA ASP B 537 -30.63 7.13 12.90
C ASP B 537 -29.73 6.41 13.85
N PHE B 538 -30.33 5.51 14.64
CA PHE B 538 -29.59 4.77 15.65
C PHE B 538 -30.06 3.37 15.83
N SER B 539 -29.18 2.51 16.33
CA SER B 539 -29.58 1.14 16.62
C SER B 539 -29.16 0.80 18.04
N VAL B 540 -29.87 -0.15 18.62
CA VAL B 540 -29.48 -0.57 19.94
C VAL B 540 -28.06 -1.15 19.82
N GLY B 541 -27.21 -0.84 20.79
CA GLY B 541 -25.83 -1.32 20.78
C GLY B 541 -24.88 -0.37 20.07
N ALA B 542 -25.41 0.46 19.20
CA ALA B 542 -24.57 1.38 18.48
C ALA B 542 -23.74 2.26 19.42
N ASP B 543 -24.41 2.92 20.37
CA ASP B 543 -23.75 3.79 21.34
C ASP B 543 -22.62 3.05 22.04
N THR B 544 -22.98 1.94 22.66
CA THR B 544 -21.99 1.15 23.36
C THR B 544 -20.74 0.92 22.49
N ALA B 545 -20.91 0.35 21.31
CA ALA B 545 -19.77 0.14 20.45
C ALA B 545 -18.97 1.42 20.28
N LEU B 546 -19.63 2.56 20.11
CA LEU B 546 -18.89 3.79 19.91
C LEU B 546 -18.02 4.25 21.09
N ASN B 547 -18.41 3.91 22.31
CA ASN B 547 -17.58 4.27 23.46
C ASN B 547 -16.38 3.35 23.44
N THR B 548 -16.63 2.08 23.70
CA THR B 548 -15.56 1.10 23.64
C THR B 548 -14.45 1.52 22.64
N ILE B 549 -14.81 1.92 21.42
CA ILE B 549 -13.78 2.37 20.49
C ILE B 549 -13.11 3.64 20.96
N CYS B 550 -13.88 4.66 21.30
CA CYS B 550 -13.28 5.91 21.78
C CYS B 550 -12.26 5.54 22.85
N THR B 551 -12.78 4.82 23.84
CA THR B 551 -12.01 4.31 24.95
C THR B 551 -10.77 3.61 24.40
N THR B 552 -10.83 2.30 24.26
CA THR B 552 -9.70 1.53 23.76
C THR B 552 -9.15 2.15 22.50
N CYS B 553 -8.73 3.41 22.58
CA CYS B 553 -8.28 4.15 21.41
C CYS B 553 -7.81 5.50 21.93
N ASP B 554 -8.20 5.81 23.15
CA ASP B 554 -7.74 7.03 23.82
C ASP B 554 -6.49 6.45 24.46
N ARG B 555 -6.58 5.15 24.77
CA ARG B 555 -5.48 4.38 25.33
C ARG B 555 -4.37 4.45 24.28
N ILE B 556 -4.55 3.73 23.18
CA ILE B 556 -3.58 3.68 22.07
C ILE B 556 -2.99 5.05 21.77
N LYS B 557 -3.75 6.10 22.02
CA LYS B 557 -3.29 7.45 21.75
C LYS B 557 -2.16 7.86 22.67
N GLN B 558 -1.91 7.07 23.71
CA GLN B 558 -0.85 7.36 24.69
C GLN B 558 0.14 6.19 24.81
N SER B 559 0.07 5.48 25.94
CA SER B 559 0.95 4.34 26.21
C SER B 559 2.38 4.48 25.67
N ALA B 560 2.88 5.72 25.64
CA ALA B 560 4.23 6.00 25.15
C ALA B 560 4.57 7.47 25.25
N ALA B 561 3.96 8.14 26.22
CA ALA B 561 4.15 9.59 26.45
C ALA B 561 5.48 10.15 25.92
N GLY B 562 6.58 9.43 26.12
CA GLY B 562 7.86 9.93 25.67
C GLY B 562 8.42 9.32 24.41
N THR B 563 7.86 8.18 24.01
CA THR B 563 8.31 7.47 22.81
C THR B 563 7.97 8.25 21.53
N LYS B 564 8.90 9.13 21.16
CA LYS B 564 8.79 9.99 19.98
C LYS B 564 7.43 10.64 19.77
N ARG B 565 7.28 11.25 18.58
CA ARG B 565 6.02 11.87 18.15
C ARG B 565 5.44 10.75 17.32
N ARG B 566 4.32 10.19 17.74
CA ARG B 566 3.70 9.09 17.00
C ARG B 566 2.41 9.42 16.27
N VAL B 567 2.06 8.54 15.34
CA VAL B 567 0.84 8.64 14.57
C VAL B 567 0.28 7.23 14.61
N PHE B 568 -0.97 7.04 15.00
CA PHE B 568 -1.51 5.70 15.02
C PHE B 568 -2.54 5.53 13.91
N ILE B 569 -2.64 4.31 13.39
CA ILE B 569 -3.59 3.98 12.32
C ILE B 569 -4.46 2.90 12.91
N ILE B 570 -5.69 3.27 13.23
CA ILE B 570 -6.60 2.32 13.83
C ILE B 570 -7.68 1.98 12.82
N GLU B 571 -8.04 0.70 12.75
CA GLU B 571 -9.05 0.23 11.83
C GLU B 571 -10.32 -0.23 12.53
N THR B 572 -11.34 0.62 12.45
CA THR B 572 -12.67 0.41 13.07
C THR B 572 -13.53 -0.57 12.28
N MET B 573 -14.28 -1.40 12.99
CA MET B 573 -15.15 -2.33 12.29
C MET B 573 -16.48 -1.65 11.92
N GLY B 574 -17.49 -2.45 11.56
CA GLY B 574 -18.79 -1.93 11.12
C GLY B 574 -19.05 -1.98 9.60
N GLY B 575 -18.69 -3.12 8.99
CA GLY B 575 -18.90 -3.34 7.56
C GLY B 575 -18.65 -2.20 6.60
N TYR B 576 -19.67 -1.67 5.94
CA TYR B 576 -19.42 -0.57 5.01
C TYR B 576 -19.85 0.78 5.58
N CYS B 577 -20.53 0.72 6.69
CA CYS B 577 -21.06 1.88 7.30
C CYS B 577 -20.07 2.79 7.98
N GLY B 578 -19.74 3.93 7.41
CA GLY B 578 -18.81 4.82 8.09
C GLY B 578 -19.33 5.46 9.40
N TYR B 579 -20.33 4.86 10.05
CA TYR B 579 -20.82 5.48 11.27
C TYR B 579 -19.69 5.54 12.28
N LEU B 580 -19.46 4.44 13.01
CA LEU B 580 -18.36 4.37 14.00
C LEU B 580 -17.09 5.10 13.53
N ALA B 581 -16.51 4.78 12.39
CA ALA B 581 -15.35 5.55 12.00
C ALA B 581 -15.65 7.04 12.10
N THR B 582 -16.67 7.53 11.40
CA THR B 582 -16.94 8.96 11.46
C THR B 582 -17.28 9.50 12.87
N MET B 583 -18.01 8.75 13.66
CA MET B 583 -18.31 9.26 14.98
C MET B 583 -17.09 9.19 15.89
N ALA B 584 -16.58 8.00 16.15
CA ALA B 584 -15.40 7.82 16.97
C ALA B 584 -14.29 8.76 16.43
N GLY B 585 -14.14 8.84 15.14
CA GLY B 585 -13.14 9.75 14.64
C GLY B 585 -13.38 11.15 15.19
N LEU B 586 -14.64 11.51 15.39
CA LEU B 586 -15.01 12.83 15.89
C LEU B 586 -14.86 12.98 17.40
N ALA B 587 -15.09 11.90 18.14
CA ALA B 587 -14.97 11.96 19.58
C ALA B 587 -13.52 11.68 20.00
N ALA B 588 -12.56 12.03 19.15
CA ALA B 588 -11.18 11.80 19.48
C ALA B 588 -10.29 12.47 18.47
N GLY B 589 -10.57 13.73 18.21
CA GLY B 589 -9.77 14.50 17.30
C GLY B 589 -9.06 13.88 16.11
N ALA B 590 -9.45 12.68 15.68
CA ALA B 590 -8.80 12.03 14.53
C ALA B 590 -8.58 13.03 13.39
N ASP B 591 -7.38 13.03 12.82
CA ASP B 591 -7.10 13.96 11.76
C ASP B 591 -7.81 13.45 10.54
N ALA B 592 -8.21 12.19 10.63
CA ALA B 592 -8.90 11.59 9.49
C ALA B 592 -9.57 10.25 9.77
N ALA B 593 -10.73 10.04 9.14
CA ALA B 593 -11.46 8.78 9.27
C ALA B 593 -12.00 8.42 7.91
N TYR B 594 -11.35 7.46 7.25
CA TYR B 594 -11.75 7.00 5.94
C TYR B 594 -12.89 6.01 6.00
N ILE B 595 -13.96 6.33 5.29
CA ILE B 595 -15.11 5.45 5.24
C ILE B 595 -15.45 5.24 3.79
N PHE B 596 -16.33 4.28 3.56
CA PHE B 596 -16.81 3.95 2.21
C PHE B 596 -17.70 5.10 1.65
N GLU B 597 -18.79 5.38 2.36
CA GLU B 597 -19.75 6.41 2.08
C GLU B 597 -19.18 7.74 1.57
N GLU B 598 -17.87 7.93 1.66
CA GLU B 598 -17.24 9.18 1.20
C GLU B 598 -15.91 8.76 0.59
N PRO B 599 -15.96 8.33 -0.67
CA PRO B 599 -14.79 7.87 -1.43
C PRO B 599 -13.71 8.92 -1.52
N PHE B 600 -12.46 8.45 -1.54
CA PHE B 600 -11.32 9.33 -1.65
C PHE B 600 -10.39 8.67 -2.62
N THR B 601 -9.43 9.45 -3.09
CA THR B 601 -8.46 8.97 -4.04
C THR B 601 -7.06 9.29 -3.58
N ILE B 602 -6.09 8.48 -3.97
CA ILE B 602 -4.70 8.73 -3.59
C ILE B 602 -4.35 10.23 -3.48
N ARG B 603 -4.92 11.05 -4.36
CA ARG B 603 -4.67 12.48 -4.37
C ARG B 603 -5.13 13.10 -3.05
N ASP B 604 -6.08 12.46 -2.41
CA ASP B 604 -6.58 12.93 -1.15
C ASP B 604 -5.62 12.38 -0.11
N LEU B 605 -5.48 11.06 -0.07
CA LEU B 605 -4.57 10.39 0.86
C LEU B 605 -3.31 11.22 0.94
N GLN B 606 -2.78 11.60 -0.22
CA GLN B 606 -1.58 12.42 -0.26
C GLN B 606 -1.79 13.66 0.62
N ALA B 607 -2.84 14.41 0.34
CA ALA B 607 -3.19 15.63 1.08
C ALA B 607 -3.22 15.50 2.61
N ASN B 608 -3.89 14.46 3.09
CA ASN B 608 -4.03 14.24 4.52
C ASN B 608 -2.71 13.89 5.17
N VAL B 609 -1.76 13.45 4.37
CA VAL B 609 -0.46 13.08 4.91
C VAL B 609 0.44 14.30 5.01
N GLU B 610 0.42 15.17 3.99
CA GLU B 610 1.25 16.36 4.05
C GLU B 610 0.58 17.31 5.03
N HIS B 611 -0.59 16.91 5.53
CA HIS B 611 -1.31 17.75 6.49
C HIS B 611 -0.92 17.30 7.87
N LEU B 612 -1.10 16.01 8.14
CA LEU B 612 -0.76 15.47 9.44
C LEU B 612 0.72 15.59 9.67
N VAL B 613 1.46 15.97 8.65
CA VAL B 613 2.88 16.13 8.83
C VAL B 613 3.20 17.55 9.21
N GLN B 614 2.79 18.53 8.42
CA GLN B 614 3.06 19.93 8.78
C GLN B 614 2.58 20.21 10.20
N LYS B 615 1.75 19.33 10.73
CA LYS B 615 1.24 19.43 12.08
C LYS B 615 2.22 18.72 13.02
N MET B 616 2.40 17.42 12.81
CA MET B 616 3.30 16.65 13.65
C MET B 616 4.69 17.23 13.66
N LYS B 617 4.97 18.10 12.69
CA LYS B 617 6.28 18.72 12.59
C LYS B 617 6.28 20.03 13.37
N THR B 618 5.28 20.21 14.22
CA THR B 618 5.18 21.43 15.00
C THR B 618 4.29 21.21 16.20
N THR B 619 3.15 21.85 16.18
CA THR B 619 2.18 21.78 17.24
C THR B 619 1.96 20.39 17.82
N VAL B 620 1.28 19.54 17.05
CA VAL B 620 0.94 18.18 17.50
C VAL B 620 2.04 17.18 17.78
N LYS B 621 1.82 16.37 18.81
CA LYS B 621 2.74 15.32 19.22
C LYS B 621 2.10 13.94 18.99
N ARG B 622 0.79 13.90 18.80
CA ARG B 622 0.10 12.64 18.56
C ARG B 622 -0.97 12.75 17.48
N GLY B 623 -0.91 11.87 16.49
CA GLY B 623 -1.88 11.86 15.42
C GLY B 623 -2.65 10.56 15.30
N LEU B 624 -3.98 10.65 15.38
CA LEU B 624 -4.87 9.49 15.26
C LEU B 624 -5.49 9.55 13.87
N VAL B 625 -5.47 8.41 13.17
CA VAL B 625 -6.01 8.27 11.82
C VAL B 625 -6.84 7.00 11.73
N LEU B 626 -8.14 7.22 11.67
CA LEU B 626 -9.09 6.13 11.61
C LEU B 626 -9.40 5.60 10.20
N ARG B 627 -9.84 4.35 10.13
CA ARG B 627 -10.16 3.78 8.84
C ARG B 627 -11.14 2.60 8.87
N ASN B 628 -12.38 2.88 8.44
CA ASN B 628 -13.46 1.92 8.34
C ASN B 628 -12.89 0.65 7.66
N GLU B 629 -13.12 -0.50 8.26
CA GLU B 629 -12.61 -1.75 7.72
C GLU B 629 -12.78 -2.00 6.21
N LYS B 630 -13.90 -1.56 5.61
CA LYS B 630 -14.14 -1.73 4.17
C LYS B 630 -14.13 -0.48 3.32
N CYS B 631 -13.78 0.64 3.92
CA CYS B 631 -13.76 1.87 3.20
C CYS B 631 -13.35 1.83 1.70
N ASN B 632 -12.47 0.92 1.31
CA ASN B 632 -11.97 0.84 -0.08
C ASN B 632 -11.10 -0.42 -0.28
N GLU B 633 -11.38 -1.17 -1.36
CA GLU B 633 -10.69 -2.41 -1.73
C GLU B 633 -9.17 -2.34 -1.76
N ASN B 634 -8.61 -1.33 -2.43
CA ASN B 634 -7.17 -1.20 -2.52
C ASN B 634 -6.44 -0.46 -1.39
N TYR B 635 -6.77 0.83 -1.21
CA TYR B 635 -6.19 1.59 -0.13
C TYR B 635 -6.67 0.92 1.16
N THR B 636 -5.96 -0.12 1.52
CA THR B 636 -6.28 -0.88 2.71
C THR B 636 -5.61 -0.30 3.92
N THR B 637 -5.91 -0.88 5.08
CA THR B 637 -5.29 -0.44 6.30
C THR B 637 -3.80 -0.44 6.09
N ASP B 638 -3.25 -1.60 5.70
CA ASP B 638 -1.82 -1.73 5.42
C ASP B 638 -1.36 -0.77 4.34
N PHE B 639 -2.20 -0.54 3.35
CA PHE B 639 -1.78 0.36 2.30
C PHE B 639 -1.49 1.70 2.89
N ILE B 640 -2.49 2.23 3.60
CA ILE B 640 -2.41 3.55 4.24
C ILE B 640 -1.37 3.59 5.33
N PHE B 641 -1.35 2.53 6.12
CA PHE B 641 -0.39 2.44 7.19
C PHE B 641 0.98 2.72 6.65
N ASN B 642 1.42 1.93 5.69
CA ASN B 642 2.72 2.15 5.04
C ASN B 642 2.81 3.55 4.43
N LEU B 643 1.70 4.05 3.87
CA LEU B 643 1.77 5.35 3.24
C LEU B 643 2.18 6.41 4.24
N TYR B 644 1.54 6.41 5.41
CA TYR B 644 1.87 7.40 6.42
C TYR B 644 3.28 7.12 6.84
N SER B 645 3.49 5.94 7.41
CA SER B 645 4.82 5.55 7.85
C SER B 645 5.88 6.20 6.97
N GLU B 646 6.01 5.68 5.77
CA GLU B 646 6.99 6.20 4.82
C GLU B 646 7.08 7.69 4.68
N GLU B 647 5.95 8.36 4.53
CA GLU B 647 5.96 9.80 4.35
C GLU B 647 6.43 10.53 5.59
N GLY B 648 6.24 9.91 6.74
CA GLY B 648 6.67 10.57 7.94
C GLY B 648 7.74 9.74 8.58
N LYS B 649 8.67 9.24 7.77
CA LYS B 649 9.75 8.42 8.29
C LYS B 649 10.68 9.32 9.09
N GLY B 650 10.88 10.52 8.58
CA GLY B 650 11.75 11.44 9.26
C GLY B 650 11.13 12.27 10.37
N ILE B 651 9.82 12.22 10.53
CA ILE B 651 9.22 13.04 11.57
C ILE B 651 8.53 12.32 12.70
N PHE B 652 7.97 11.15 12.45
CA PHE B 652 7.27 10.43 13.51
C PHE B 652 7.32 8.90 13.49
N ASP B 653 6.92 8.30 14.60
CA ASP B 653 6.85 6.86 14.73
C ASP B 653 5.40 6.62 14.28
N SER B 654 5.12 5.51 13.63
CA SER B 654 3.78 5.23 13.16
C SER B 654 3.47 3.87 13.62
N ARG B 655 2.29 3.63 14.15
CA ARG B 655 1.94 2.29 14.59
C ARG B 655 0.54 2.05 14.06
N LYS B 656 0.08 0.80 13.97
CA LYS B 656 -1.26 0.64 13.46
C LYS B 656 -2.02 -0.49 14.08
N ASN B 657 -3.09 -0.15 14.79
CA ASN B 657 -3.90 -1.16 15.43
C ASN B 657 -5.11 -1.50 14.60
N VAL B 658 -5.70 -2.64 14.90
CA VAL B 658 -6.87 -3.11 14.19
C VAL B 658 -7.88 -3.52 15.22
N LEU B 659 -8.58 -2.52 15.75
CA LEU B 659 -9.54 -2.78 16.82
C LEU B 659 -10.09 -4.18 16.78
N GLY B 660 -10.45 -4.66 15.59
CA GLY B 660 -10.98 -6.00 15.47
C GLY B 660 -12.26 -6.22 16.26
N HIS B 661 -13.38 -6.34 15.54
CA HIS B 661 -14.69 -6.58 16.12
C HIS B 661 -14.67 -6.97 17.61
N MET B 662 -14.40 -5.96 18.44
CA MET B 662 -14.31 -6.10 19.88
C MET B 662 -15.65 -5.78 20.55
N GLN B 663 -16.33 -6.82 21.03
CA GLN B 663 -17.61 -6.62 21.70
C GLN B 663 -17.71 -7.59 22.87
N GLN B 664 -17.63 -8.88 22.57
CA GLN B 664 -17.72 -9.91 23.61
C GLN B 664 -19.01 -9.63 24.36
N GLY B 665 -19.08 -10.02 25.62
CA GLY B 665 -20.28 -9.75 26.38
C GLY B 665 -20.38 -8.26 26.69
N GLY B 666 -19.67 -7.45 25.89
CA GLY B 666 -19.66 -5.99 26.05
C GLY B 666 -20.97 -5.57 26.68
N SER B 667 -20.95 -4.67 27.65
CA SER B 667 -22.22 -4.29 28.28
C SER B 667 -22.77 -2.88 27.95
N PRO B 668 -24.05 -2.83 27.57
CA PRO B 668 -24.84 -1.67 27.18
C PRO B 668 -24.64 -0.47 28.00
N THR B 669 -24.48 0.66 27.34
CA THR B 669 -24.33 1.89 28.08
C THR B 669 -25.75 2.21 28.61
N PRO B 670 -25.93 3.34 29.34
CA PRO B 670 -27.29 3.61 29.82
C PRO B 670 -28.21 3.98 28.66
N PHE B 671 -27.66 4.66 27.67
CA PHE B 671 -28.46 5.02 26.50
C PHE B 671 -28.99 3.76 25.87
N ASP B 672 -28.10 2.92 25.37
CA ASP B 672 -28.54 1.70 24.76
C ASP B 672 -29.45 0.93 25.71
N ARG B 673 -29.36 1.14 27.00
CA ARG B 673 -30.26 0.36 27.84
C ARG B 673 -31.69 0.88 27.78
N ASN B 674 -31.84 2.20 27.83
CA ASN B 674 -33.16 2.81 27.81
C ASN B 674 -33.74 2.77 26.42
N PHE B 675 -32.89 3.05 25.45
CA PHE B 675 -33.31 3.03 24.06
C PHE B 675 -33.99 1.69 23.86
N ALA B 676 -33.22 0.62 23.91
CA ALA B 676 -33.83 -0.67 23.74
C ALA B 676 -35.11 -0.83 24.59
N THR B 677 -35.12 -0.31 25.81
CA THR B 677 -36.32 -0.47 26.65
C THR B 677 -37.53 0.20 26.02
N LYS B 678 -37.35 1.44 25.58
CA LYS B 678 -38.40 2.20 24.93
C LYS B 678 -38.97 1.44 23.75
N MET B 679 -38.13 1.09 22.77
CA MET B 679 -38.60 0.35 21.60
C MET B 679 -39.40 -0.84 22.04
N GLY B 680 -38.75 -1.73 22.78
CA GLY B 680 -39.47 -2.90 23.24
C GLY B 680 -40.89 -2.51 23.60
N ALA B 681 -41.02 -1.51 24.47
CA ALA B 681 -42.33 -1.09 24.90
C ALA B 681 -43.18 -0.60 23.75
N LYS B 682 -42.68 0.36 23.00
CA LYS B 682 -43.42 0.91 21.87
C LYS B 682 -43.81 -0.26 20.97
N ALA B 683 -42.80 -0.96 20.49
CA ALA B 683 -43.03 -2.09 19.64
C ALA B 683 -44.15 -2.99 20.17
N MET B 684 -44.17 -3.29 21.45
CA MET B 684 -45.24 -4.18 21.87
C MET B 684 -46.66 -3.57 21.94
N ASN B 685 -46.78 -2.26 21.87
CA ASN B 685 -48.12 -1.69 21.89
C ASN B 685 -48.62 -1.72 20.48
N TRP B 686 -47.74 -1.36 19.56
CA TRP B 686 -48.08 -1.36 18.16
C TRP B 686 -48.52 -2.76 17.83
N MET B 687 -47.88 -3.73 18.47
CA MET B 687 -48.20 -5.09 18.19
C MET B 687 -49.43 -5.61 18.83
N ALA B 688 -49.91 -5.00 19.89
CA ALA B 688 -51.13 -5.53 20.46
C ALA B 688 -52.19 -5.01 19.51
N GLY B 689 -51.87 -3.89 18.90
CA GLY B 689 -52.77 -3.24 17.98
C GLY B 689 -52.94 -3.95 16.68
N LYS B 690 -51.84 -4.12 15.95
CA LYS B 690 -51.87 -4.76 14.66
C LYS B 690 -52.46 -6.13 14.77
N ILE B 691 -52.27 -6.79 15.92
CA ILE B 691 -52.85 -8.11 16.06
C ILE B 691 -54.34 -8.01 16.20
N LYS B 692 -54.81 -7.05 17.00
CA LYS B 692 -56.24 -6.85 17.16
C LYS B 692 -56.82 -6.49 15.81
N GLU B 693 -56.18 -5.58 15.13
CA GLU B 693 -56.66 -5.14 13.85
C GLU B 693 -56.67 -6.26 12.85
N SER B 694 -55.80 -7.25 13.00
CA SER B 694 -55.75 -8.34 12.03
C SER B 694 -56.50 -9.64 12.42
N TYR B 695 -57.45 -9.53 13.32
CA TYR B 695 -58.16 -10.71 13.78
C TYR B 695 -59.56 -10.82 13.22
N ARG B 696 -59.81 -11.78 12.34
CA ARG B 696 -61.15 -11.86 11.77
C ARG B 696 -61.87 -13.19 11.82
N ASN B 697 -62.10 -13.76 10.65
CA ASN B 697 -62.81 -15.03 10.51
C ASN B 697 -62.20 -16.14 11.35
N GLY B 698 -62.05 -15.89 12.65
CA GLY B 698 -61.49 -16.89 13.53
C GLY B 698 -59.97 -17.00 13.55
N ARG B 699 -59.28 -16.64 12.46
CA ARG B 699 -57.81 -16.71 12.41
C ARG B 699 -57.30 -15.25 12.43
N ILE B 700 -55.99 -15.04 12.34
CA ILE B 700 -55.44 -13.66 12.29
C ILE B 700 -54.91 -13.48 10.85
N PHE B 701 -55.30 -12.42 10.17
CA PHE B 701 -54.88 -12.25 8.79
C PHE B 701 -54.23 -10.89 8.57
N ALA B 702 -52.91 -10.86 8.54
CA ALA B 702 -52.28 -9.59 8.29
C ALA B 702 -51.75 -9.73 6.87
N ASN B 703 -52.27 -8.92 5.95
CA ASN B 703 -51.80 -9.02 4.58
C ASN B 703 -51.57 -7.67 3.94
N THR B 704 -51.37 -6.63 4.74
CA THR B 704 -51.10 -5.29 4.23
C THR B 704 -49.68 -4.93 4.57
N PRO B 705 -49.07 -4.07 3.76
CA PRO B 705 -47.69 -3.67 4.00
C PRO B 705 -47.41 -2.98 5.34
N ASP B 706 -48.40 -2.25 5.85
CA ASP B 706 -48.25 -1.53 7.09
C ASP B 706 -48.27 -2.39 8.35
N SER B 707 -48.16 -3.72 8.21
CA SER B 707 -48.13 -4.58 9.38
C SER B 707 -46.87 -5.42 9.37
N GLY B 708 -45.83 -4.89 8.74
CA GLY B 708 -44.53 -5.52 8.65
C GLY B 708 -43.56 -4.37 8.53
N CYS B 709 -43.49 -3.54 9.59
CA CYS B 709 -42.61 -2.36 9.63
C CYS B 709 -41.24 -2.57 10.31
N VAL B 710 -40.54 -1.45 10.48
CA VAL B 710 -39.25 -1.33 11.15
C VAL B 710 -39.39 -0.12 12.06
N LEU B 711 -39.46 -0.34 13.36
CA LEU B 711 -39.58 0.77 14.28
C LEU B 711 -38.26 1.53 14.38
N GLY B 712 -38.06 2.52 13.53
CA GLY B 712 -36.83 3.28 13.57
C GLY B 712 -37.12 4.62 14.19
N MET B 713 -36.07 5.33 14.52
CA MET B 713 -36.20 6.60 15.15
C MET B 713 -35.67 7.58 14.12
N ARG B 714 -36.48 8.52 13.71
CA ARG B 714 -36.02 9.47 12.71
C ARG B 714 -36.45 10.83 13.20
N LYS B 715 -35.55 11.80 13.01
CA LYS B 715 -35.76 13.16 13.50
C LYS B 715 -36.20 13.17 14.95
N ARG B 716 -37.28 13.86 15.23
CA ARG B 716 -37.74 13.99 16.60
C ARG B 716 -38.56 12.78 17.09
N ALA B 717 -38.68 11.73 16.26
CA ALA B 717 -39.50 10.58 16.68
C ALA B 717 -39.22 9.16 16.25
N LEU B 718 -39.94 8.26 16.93
CA LEU B 718 -39.92 6.84 16.67
C LEU B 718 -40.93 6.74 15.56
N VAL B 719 -40.86 5.71 14.75
CA VAL B 719 -41.83 5.60 13.65
C VAL B 719 -41.79 4.23 12.99
N PHE B 720 -42.96 3.63 12.79
CA PHE B 720 -43.01 2.34 12.15
C PHE B 720 -43.02 2.54 10.63
N GLN B 721 -42.16 1.85 9.91
CA GLN B 721 -42.06 2.00 8.48
C GLN B 721 -42.17 0.63 7.83
N PRO B 722 -43.06 0.48 6.84
CA PRO B 722 -43.06 -0.88 6.31
C PRO B 722 -41.80 -1.24 5.54
N VAL B 723 -41.32 -2.43 5.86
CA VAL B 723 -40.13 -3.01 5.26
C VAL B 723 -40.02 -2.67 3.80
N THR B 724 -41.07 -3.00 3.08
CA THR B 724 -41.17 -2.78 1.65
C THR B 724 -40.96 -1.35 1.25
N GLU B 725 -41.40 -0.42 2.08
CA GLU B 725 -41.22 0.97 1.75
C GLU B 725 -39.76 1.39 1.84
N LEU B 726 -38.96 0.63 2.58
CA LEU B 726 -37.55 0.99 2.74
C LEU B 726 -36.62 0.50 1.68
N GLN B 727 -37.06 -0.45 0.87
CA GLN B 727 -36.21 -1.00 -0.16
C GLN B 727 -35.55 0.06 -1.07
N ASN B 728 -36.34 0.98 -1.60
CA ASN B 728 -35.80 1.98 -2.49
C ASN B 728 -34.79 2.77 -1.69
N GLN B 729 -34.99 2.74 -0.38
CA GLN B 729 -34.14 3.46 0.55
C GLN B 729 -32.86 2.76 0.99
N THR B 730 -32.73 1.47 0.79
CA THR B 730 -31.53 0.82 1.20
C THR B 730 -30.65 0.45 0.02
N ASP B 731 -29.34 0.36 0.22
CA ASP B 731 -28.39 -0.05 -0.81
C ASP B 731 -27.98 -1.47 -0.42
N PHE B 732 -28.83 -2.45 -0.76
CA PHE B 732 -28.57 -3.86 -0.45
C PHE B 732 -27.23 -4.48 -0.81
N GLU B 733 -26.53 -3.87 -1.75
CA GLU B 733 -25.25 -4.36 -2.22
C GLU B 733 -24.31 -4.38 -1.04
N HIS B 734 -24.25 -3.26 -0.31
CA HIS B 734 -23.36 -3.12 0.84
C HIS B 734 -24.01 -3.19 2.22
N ARG B 735 -25.33 -3.26 2.26
CA ARG B 735 -26.08 -3.35 3.51
C ARG B 735 -25.98 -2.11 4.39
N ILE B 736 -25.69 -0.99 3.72
CA ILE B 736 -25.63 0.28 4.39
C ILE B 736 -26.89 0.92 3.84
N PRO B 737 -27.54 1.80 4.61
CA PRO B 737 -28.73 2.36 3.96
C PRO B 737 -28.29 3.54 3.13
N LYS B 738 -29.00 3.84 2.06
CA LYS B 738 -28.70 4.98 1.20
C LYS B 738 -29.16 6.13 2.03
N GLU B 739 -28.58 7.33 1.87
CA GLU B 739 -29.00 8.47 2.71
C GLU B 739 -28.67 8.26 4.21
N GLN B 740 -27.55 8.80 4.67
CA GLN B 740 -27.19 8.62 6.08
C GLN B 740 -27.00 9.92 6.79
N TRP B 741 -27.85 10.15 7.78
CA TRP B 741 -27.84 11.43 8.47
C TRP B 741 -26.52 11.93 8.95
N TRP B 742 -25.81 11.10 9.68
CA TRP B 742 -24.53 11.52 10.19
C TRP B 742 -23.53 12.06 9.16
N LEU B 743 -23.67 11.65 7.91
CA LEU B 743 -22.77 12.11 6.88
C LEU B 743 -22.65 13.61 6.76
N LYS B 744 -23.48 14.33 7.50
CA LYS B 744 -23.47 15.80 7.40
C LYS B 744 -22.42 16.39 8.33
N LEU B 745 -21.92 15.55 9.21
CA LEU B 745 -20.92 15.95 10.17
C LEU B 745 -19.56 15.88 9.51
N ARG B 746 -19.47 15.05 8.48
CA ARG B 746 -18.20 14.88 7.84
C ARG B 746 -17.41 16.15 7.64
N PRO B 747 -18.08 17.28 7.40
CA PRO B 747 -17.24 18.46 7.22
C PRO B 747 -16.76 19.12 8.51
N ILE B 748 -17.42 18.86 9.63
CA ILE B 748 -16.96 19.48 10.85
C ILE B 748 -15.81 18.71 11.48
N LEU B 749 -15.74 17.42 11.16
CA LEU B 749 -14.68 16.53 11.64
C LEU B 749 -13.42 17.13 11.04
N LYS B 750 -13.53 17.53 9.78
CA LYS B 750 -12.45 18.09 9.00
C LYS B 750 -12.11 19.55 9.35
N ILE B 751 -13.01 20.28 9.98
CA ILE B 751 -12.72 21.69 10.33
C ILE B 751 -11.92 21.69 11.61
N LEU B 752 -12.35 20.86 12.54
CA LEU B 752 -11.69 20.76 13.81
C LEU B 752 -10.27 20.23 13.69
N ALA B 753 -9.85 19.92 12.47
CA ALA B 753 -8.48 19.44 12.26
C ALA B 753 -7.85 20.35 11.24
N LYS B 754 -8.42 21.55 11.11
CA LYS B 754 -7.98 22.57 10.15
C LYS B 754 -8.58 22.20 8.81
N TYR B 755 -7.73 21.83 7.85
CA TYR B 755 -8.20 21.39 6.54
C TYR B 755 -9.02 22.40 5.72
N GLU B 756 -9.25 22.02 4.46
CA GLU B 756 -10.02 22.79 3.49
C GLU B 756 -9.93 24.29 3.66
#